data_1SGU
# 
_entry.id   1SGU 
# 
_audit_conform.dict_name       mmcif_pdbx.dic 
_audit_conform.dict_version    5.386 
_audit_conform.dict_location   http://mmcif.pdb.org/dictionaries/ascii/mmcif_pdbx.dic 
# 
loop_
_database_2.database_id 
_database_2.database_code 
_database_2.pdbx_database_accession 
_database_2.pdbx_DOI 
PDB   1SGU         pdb_00001sgu 10.2210/pdb1sgu/pdb 
RCSB  RCSB021695   ?            ?                   
WWPDB D_1000021695 ?            ?                   
# 
loop_
_pdbx_audit_revision_history.ordinal 
_pdbx_audit_revision_history.data_content_type 
_pdbx_audit_revision_history.major_revision 
_pdbx_audit_revision_history.minor_revision 
_pdbx_audit_revision_history.revision_date 
1 'Structure model' 1 0 2004-10-05 
2 'Structure model' 1 1 2008-04-29 
3 'Structure model' 1 2 2011-07-13 
4 'Structure model' 1 3 2017-10-11 
5 'Structure model' 1 4 2018-01-31 
6 'Structure model' 1 5 2021-10-27 
7 'Structure model' 1 6 2024-02-14 
# 
_pdbx_audit_revision_details.ordinal             1 
_pdbx_audit_revision_details.revision_ordinal    1 
_pdbx_audit_revision_details.data_content_type   'Structure model' 
_pdbx_audit_revision_details.provider            repository 
_pdbx_audit_revision_details.type                'Initial release' 
_pdbx_audit_revision_details.description         ? 
_pdbx_audit_revision_details.details             ? 
# 
loop_
_pdbx_audit_revision_group.ordinal 
_pdbx_audit_revision_group.revision_ordinal 
_pdbx_audit_revision_group.data_content_type 
_pdbx_audit_revision_group.group 
1 2 'Structure model' 'Version format compliance' 
2 3 'Structure model' 'Version format compliance' 
3 4 'Structure model' 'Refinement description'    
4 5 'Structure model' 'Experimental preparation'  
5 6 'Structure model' 'Database references'       
6 6 'Structure model' 'Derived calculations'      
7 7 'Structure model' 'Data collection'           
# 
loop_
_pdbx_audit_revision_category.ordinal 
_pdbx_audit_revision_category.revision_ordinal 
_pdbx_audit_revision_category.data_content_type 
_pdbx_audit_revision_category.category 
1 4 'Structure model' software           
2 5 'Structure model' exptl_crystal_grow 
3 6 'Structure model' database_2         
4 6 'Structure model' struct_ref_seq_dif 
5 6 'Structure model' struct_site        
6 7 'Structure model' chem_comp_atom     
7 7 'Structure model' chem_comp_bond     
# 
loop_
_pdbx_audit_revision_item.ordinal 
_pdbx_audit_revision_item.revision_ordinal 
_pdbx_audit_revision_item.data_content_type 
_pdbx_audit_revision_item.item 
1 5 'Structure model' '_exptl_crystal_grow.temp'            
2 6 'Structure model' '_database_2.pdbx_DOI'                
3 6 'Structure model' '_database_2.pdbx_database_accession' 
4 6 'Structure model' '_struct_ref_seq_dif.details'         
5 6 'Structure model' '_struct_site.pdbx_auth_asym_id'      
6 6 'Structure model' '_struct_site.pdbx_auth_comp_id'      
7 6 'Structure model' '_struct_site.pdbx_auth_seq_id'       
# 
_pdbx_database_status.status_code                     REL 
_pdbx_database_status.entry_id                        1SGU 
_pdbx_database_status.recvd_initial_deposition_date   2004-02-24 
_pdbx_database_status.deposit_site                    RCSB 
_pdbx_database_status.process_site                    RCSB 
_pdbx_database_status.status_code_sf                  REL 
_pdbx_database_status.SG_entry                        . 
_pdbx_database_status.pdb_format_compatible           Y 
_pdbx_database_status.status_code_mr                  ? 
_pdbx_database_status.status_code_cs                  ? 
_pdbx_database_status.methods_development_category    ? 
_pdbx_database_status.status_code_nmr_data            ? 
# 
_pdbx_database_related.db_name        PDB 
_pdbx_database_related.db_id          1SH9 
_pdbx_database_related.details        . 
_pdbx_database_related.content_type   unspecified 
# 
loop_
_audit_author.name 
_audit_author.pdbx_ordinal 
'Clemente, J.C.'      1 
'Moose, R.E.'         2 
'Hemrajani, R.'       3 
'Govindasamy, L.'     4 
'Reutzel, R.'         5 
'Mckenna, R.'         6 
'Abandje-McKenna, M.' 7 
'Goodenow, M.M.'      8 
'Dunn, B.M.'          9 
# 
_citation.id                        primary 
_citation.title                     'Comparing the Accumulation of Active- and Nonactive-Site Mutations in the HIV-1 Protease.' 
_citation.journal_abbrev            Biochemistry 
_citation.journal_volume            43 
_citation.page_first                12141 
_citation.page_last                 12151 
_citation.year                      2004 
_citation.journal_id_ASTM           BICHAW 
_citation.country                   US 
_citation.journal_id_ISSN           0006-2960 
_citation.journal_id_CSD            0033 
_citation.book_publisher            ? 
_citation.pdbx_database_id_PubMed   15379553 
_citation.pdbx_database_id_DOI      10.1021/bi049459m 
# 
loop_
_citation_author.citation_id 
_citation_author.name 
_citation_author.ordinal 
_citation_author.identifier_ORCID 
primary 'Clemente, J.C.'       1  ? 
primary 'Moose, R.E.'          2  ? 
primary 'Hemrajani, R.'        3  ? 
primary 'Whitford, L.R.'       4  ? 
primary 'Govindasamy, L.'      5  ? 
primary 'Reutzel, R.'          6  ? 
primary 'McKenna, R.'          7  ? 
primary 'Agbandje-McKenna, M.' 8  ? 
primary 'Goodenow, M.M.'       9  ? 
primary 'Dunn, B.M.'           10 ? 
# 
loop_
_entity.id 
_entity.type 
_entity.src_method 
_entity.pdbx_description 
_entity.formula_weight 
_entity.pdbx_number_of_molecules 
_entity.pdbx_ec 
_entity.pdbx_mutation 
_entity.pdbx_fragment 
_entity.details 
1 polymer     man 'POL polyprotein' 10835.717 2  3.4.23.16 'K20R, V32I, L33F, M36I, I54V, L63P, A71V, V82A, I84V, L90M' Protease ? 
2 non-polymer syn 
;N-[2(R)-HYDROXY-1(S)-INDANYL]-5-[(2(S)-TERTIARY BUTYLAMINOCARBONYL)-4(3-PYRIDYLMETHYL)PIPERAZINO]-4(S)-HYDROXY-2(R)-PHENYLMETHYLPENTANAMIDE
;
613.789   1  ?         ?                                                            ?        ? 
3 water       nat water 18.015    95 ?         ?                                                            ?        ? 
# 
_entity_name_com.entity_id   1 
_entity_name_com.name        Retropepsin 
# 
_entity_poly.entity_id                      1 
_entity_poly.type                           'polypeptide(L)' 
_entity_poly.nstd_linkage                   no 
_entity_poly.nstd_monomer                   no 
_entity_poly.pdbx_seq_one_letter_code       
;PQITLWQRPLVTIKIGGQLREALLDTGADDTIFEEISLPGRWKPKMIGGIGGFVKVRQYDQIPIEICGHKVIGTVLVGPT
PANVIGRNLMTQIGCTLNF
;
_entity_poly.pdbx_seq_one_letter_code_can   
;PQITLWQRPLVTIKIGGQLREALLDTGADDTIFEEISLPGRWKPKMIGGIGGFVKVRQYDQIPIEICGHKVIGTVLVGPT
PANVIGRNLMTQIGCTLNF
;
_entity_poly.pdbx_strand_id                 A,B 
_entity_poly.pdbx_target_identifier         ? 
# 
loop_
_pdbx_entity_nonpoly.entity_id 
_pdbx_entity_nonpoly.name 
_pdbx_entity_nonpoly.comp_id 
2 
;N-[2(R)-HYDROXY-1(S)-INDANYL]-5-[(2(S)-TERTIARY BUTYLAMINOCARBONYL)-4(3-PYRIDYLMETHYL)PIPERAZINO]-4(S)-HYDROXY-2(R)-PHENYLMETHYLPENTANAMIDE
;
MK1 
3 water HOH 
# 
loop_
_entity_poly_seq.entity_id 
_entity_poly_seq.num 
_entity_poly_seq.mon_id 
_entity_poly_seq.hetero 
1 1  PRO n 
1 2  GLN n 
1 3  ILE n 
1 4  THR n 
1 5  LEU n 
1 6  TRP n 
1 7  GLN n 
1 8  ARG n 
1 9  PRO n 
1 10 LEU n 
1 11 VAL n 
1 12 THR n 
1 13 ILE n 
1 14 LYS n 
1 15 ILE n 
1 16 GLY n 
1 17 GLY n 
1 18 GLN n 
1 19 LEU n 
1 20 ARG n 
1 21 GLU n 
1 22 ALA n 
1 23 LEU n 
1 24 LEU n 
1 25 ASP n 
1 26 THR n 
1 27 GLY n 
1 28 ALA n 
1 29 ASP n 
1 30 ASP n 
1 31 THR n 
1 32 ILE n 
1 33 PHE n 
1 34 GLU n 
1 35 GLU n 
1 36 ILE n 
1 37 SER n 
1 38 LEU n 
1 39 PRO n 
1 40 GLY n 
1 41 ARG n 
1 42 TRP n 
1 43 LYS n 
1 44 PRO n 
1 45 LYS n 
1 46 MET n 
1 47 ILE n 
1 48 GLY n 
1 49 GLY n 
1 50 ILE n 
1 51 GLY n 
1 52 GLY n 
1 53 PHE n 
1 54 VAL n 
1 55 LYS n 
1 56 VAL n 
1 57 ARG n 
1 58 GLN n 
1 59 TYR n 
1 60 ASP n 
1 61 GLN n 
1 62 ILE n 
1 63 PRO n 
1 64 ILE n 
1 65 GLU n 
1 66 ILE n 
1 67 CYS n 
1 68 GLY n 
1 69 HIS n 
1 70 LYS n 
1 71 VAL n 
1 72 ILE n 
1 73 GLY n 
1 74 THR n 
1 75 VAL n 
1 76 LEU n 
1 77 VAL n 
1 78 GLY n 
1 79 PRO n 
1 80 THR n 
1 81 PRO n 
1 82 ALA n 
1 83 ASN n 
1 84 VAL n 
1 85 ILE n 
1 86 GLY n 
1 87 ARG n 
1 88 ASN n 
1 89 LEU n 
1 90 MET n 
1 91 THR n 
1 92 GLN n 
1 93 ILE n 
1 94 GLY n 
1 95 CYS n 
1 96 THR n 
1 97 LEU n 
1 98 ASN n 
1 99 PHE n 
# 
_entity_src_gen.entity_id                          1 
_entity_src_gen.pdbx_src_id                        1 
_entity_src_gen.pdbx_alt_source_flag               sample 
_entity_src_gen.pdbx_seq_type                      ? 
_entity_src_gen.pdbx_beg_seq_num                   ? 
_entity_src_gen.pdbx_end_seq_num                   ? 
_entity_src_gen.gene_src_common_name               ? 
_entity_src_gen.gene_src_genus                     Lentivirus 
_entity_src_gen.pdbx_gene_src_gene                 ? 
_entity_src_gen.gene_src_species                   ? 
_entity_src_gen.gene_src_strain                    ? 
_entity_src_gen.gene_src_tissue                    ? 
_entity_src_gen.gene_src_tissue_fraction           ? 
_entity_src_gen.gene_src_details                   ? 
_entity_src_gen.pdbx_gene_src_fragment             ? 
_entity_src_gen.pdbx_gene_src_scientific_name      'Human immunodeficiency virus 1' 
_entity_src_gen.pdbx_gene_src_ncbi_taxonomy_id     11676 
_entity_src_gen.pdbx_gene_src_variant              ? 
_entity_src_gen.pdbx_gene_src_cell_line            ? 
_entity_src_gen.pdbx_gene_src_atcc                 ? 
_entity_src_gen.pdbx_gene_src_organ                ? 
_entity_src_gen.pdbx_gene_src_organelle            ? 
_entity_src_gen.pdbx_gene_src_cell                 ? 
_entity_src_gen.pdbx_gene_src_cellular_location    ? 
_entity_src_gen.host_org_common_name               ? 
_entity_src_gen.pdbx_host_org_scientific_name      'Escherichia coli' 
_entity_src_gen.pdbx_host_org_ncbi_taxonomy_id     562 
_entity_src_gen.host_org_genus                     Escherichia 
_entity_src_gen.pdbx_host_org_gene                 ? 
_entity_src_gen.pdbx_host_org_organ                ? 
_entity_src_gen.host_org_species                   ? 
_entity_src_gen.pdbx_host_org_tissue               ? 
_entity_src_gen.pdbx_host_org_tissue_fraction      ? 
_entity_src_gen.pdbx_host_org_strain               ? 
_entity_src_gen.pdbx_host_org_variant              ? 
_entity_src_gen.pdbx_host_org_cell_line            ? 
_entity_src_gen.pdbx_host_org_atcc                 ? 
_entity_src_gen.pdbx_host_org_culture_collection   ? 
_entity_src_gen.pdbx_host_org_cell                 ? 
_entity_src_gen.pdbx_host_org_organelle            ? 
_entity_src_gen.pdbx_host_org_cellular_location    ? 
_entity_src_gen.pdbx_host_org_vector_type          ? 
_entity_src_gen.pdbx_host_org_vector               ? 
_entity_src_gen.host_org_details                   ? 
_entity_src_gen.expression_system_id               ? 
_entity_src_gen.plasmid_name                       ? 
_entity_src_gen.plasmid_details                    ? 
_entity_src_gen.pdbx_description                   ? 
# 
loop_
_chem_comp.id 
_chem_comp.type 
_chem_comp.mon_nstd_flag 
_chem_comp.name 
_chem_comp.pdbx_synonyms 
_chem_comp.formula 
_chem_comp.formula_weight 
ALA 'L-peptide linking' y ALANINE ?         'C3 H7 N O2'     89.093  
ARG 'L-peptide linking' y ARGININE ?         'C6 H15 N4 O2 1' 175.209 
ASN 'L-peptide linking' y ASPARAGINE ?         'C4 H8 N2 O3'    132.118 
ASP 'L-peptide linking' y 'ASPARTIC ACID' ?         'C4 H7 N O4'     133.103 
CYS 'L-peptide linking' y CYSTEINE ?         'C3 H7 N O2 S'   121.158 
GLN 'L-peptide linking' y GLUTAMINE ?         'C5 H10 N2 O3'   146.144 
GLU 'L-peptide linking' y 'GLUTAMIC ACID' ?         'C5 H9 N O4'     147.129 
GLY 'peptide linking'   y GLYCINE ?         'C2 H5 N O2'     75.067  
HIS 'L-peptide linking' y HISTIDINE ?         'C6 H10 N3 O2 1' 156.162 
HOH non-polymer         . WATER ?         'H2 O'           18.015  
ILE 'L-peptide linking' y ISOLEUCINE ?         'C6 H13 N O2'    131.173 
LEU 'L-peptide linking' y LEUCINE ?         'C6 H13 N O2'    131.173 
LYS 'L-peptide linking' y LYSINE ?         'C6 H15 N2 O2 1' 147.195 
MET 'L-peptide linking' y METHIONINE ?         'C5 H11 N O2 S'  149.211 
MK1 non-polymer         . 
;N-[2(R)-HYDROXY-1(S)-INDANYL]-5-[(2(S)-TERTIARY BUTYLAMINOCARBONYL)-4(3-PYRIDYLMETHYL)PIPERAZINO]-4(S)-HYDROXY-2(R)-PHENYLMETHYLPENTANAMIDE
;
INDINAVIR 'C36 H47 N5 O4'  613.789 
PHE 'L-peptide linking' y PHENYLALANINE ?         'C9 H11 N O2'    165.189 
PRO 'L-peptide linking' y PROLINE ?         'C5 H9 N O2'     115.130 
SER 'L-peptide linking' y SERINE ?         'C3 H7 N O3'     105.093 
THR 'L-peptide linking' y THREONINE ?         'C4 H9 N O3'     119.119 
TRP 'L-peptide linking' y TRYPTOPHAN ?         'C11 H12 N2 O2'  204.225 
TYR 'L-peptide linking' y TYROSINE ?         'C9 H11 N O3'    181.189 
VAL 'L-peptide linking' y VALINE ?         'C5 H11 N O2'    117.146 
# 
loop_
_pdbx_poly_seq_scheme.asym_id 
_pdbx_poly_seq_scheme.entity_id 
_pdbx_poly_seq_scheme.seq_id 
_pdbx_poly_seq_scheme.mon_id 
_pdbx_poly_seq_scheme.ndb_seq_num 
_pdbx_poly_seq_scheme.pdb_seq_num 
_pdbx_poly_seq_scheme.auth_seq_num 
_pdbx_poly_seq_scheme.pdb_mon_id 
_pdbx_poly_seq_scheme.auth_mon_id 
_pdbx_poly_seq_scheme.pdb_strand_id 
_pdbx_poly_seq_scheme.pdb_ins_code 
_pdbx_poly_seq_scheme.hetero 
A 1 1  PRO 1  1  1  PRO PRO A . n 
A 1 2  GLN 2  2  2  GLN GLN A . n 
A 1 3  ILE 3  3  3  ILE ILE A . n 
A 1 4  THR 4  4  4  THR THR A . n 
A 1 5  LEU 5  5  5  LEU LEU A . n 
A 1 6  TRP 6  6  6  TRP TRP A . n 
A 1 7  GLN 7  7  7  GLN GLN A . n 
A 1 8  ARG 8  8  8  ARG ARG A . n 
A 1 9  PRO 9  9  9  PRO PRO A . n 
A 1 10 LEU 10 10 10 LEU LEU A . n 
A 1 11 VAL 11 11 11 VAL VAL A . n 
A 1 12 THR 12 12 12 THR THR A . n 
A 1 13 ILE 13 13 13 ILE ILE A . n 
A 1 14 LYS 14 14 14 LYS LYS A . n 
A 1 15 ILE 15 15 15 ILE ILE A . n 
A 1 16 GLY 16 16 16 GLY GLY A . n 
A 1 17 GLY 17 17 17 GLY GLY A . n 
A 1 18 GLN 18 18 18 GLN GLN A . n 
A 1 19 LEU 19 19 19 LEU LEU A . n 
A 1 20 ARG 20 20 20 ARG ARG A . n 
A 1 21 GLU 21 21 21 GLU GLU A . n 
A 1 22 ALA 22 22 22 ALA ALA A . n 
A 1 23 LEU 23 23 23 LEU LEU A . n 
A 1 24 LEU 24 24 24 LEU LEU A . n 
A 1 25 ASP 25 25 25 ASP ASP A . n 
A 1 26 THR 26 26 26 THR THR A . n 
A 1 27 GLY 27 27 27 GLY GLY A . n 
A 1 28 ALA 28 28 28 ALA ALA A . n 
A 1 29 ASP 29 29 29 ASP ASP A . n 
A 1 30 ASP 30 30 30 ASP ASP A . n 
A 1 31 THR 31 31 31 THR THR A . n 
A 1 32 ILE 32 32 32 ILE ILE A . n 
A 1 33 PHE 33 33 33 PHE PHE A . n 
A 1 34 GLU 34 34 34 GLU GLU A . n 
A 1 35 GLU 35 35 35 GLU GLU A . n 
A 1 36 ILE 36 36 36 ILE ILE A . n 
A 1 37 SER 37 37 37 SER SER A . n 
A 1 38 LEU 38 38 38 LEU LEU A . n 
A 1 39 PRO 39 39 39 PRO PRO A . n 
A 1 40 GLY 40 40 40 GLY GLY A . n 
A 1 41 ARG 41 41 41 ARG ARG A . n 
A 1 42 TRP 42 42 42 TRP TRP A . n 
A 1 43 LYS 43 43 43 LYS LYS A . n 
A 1 44 PRO 44 44 44 PRO PRO A . n 
A 1 45 LYS 45 45 45 LYS LYS A . n 
A 1 46 MET 46 46 46 MET MET A . n 
A 1 47 ILE 47 47 47 ILE ILE A . n 
A 1 48 GLY 48 48 48 GLY GLY A . n 
A 1 49 GLY 49 49 49 GLY GLY A . n 
A 1 50 ILE 50 50 50 ILE ILE A . n 
A 1 51 GLY 51 51 51 GLY GLY A . n 
A 1 52 GLY 52 52 52 GLY GLY A . n 
A 1 53 PHE 53 53 53 PHE PHE A . n 
A 1 54 VAL 54 54 54 VAL VAL A . n 
A 1 55 LYS 55 55 55 LYS LYS A . n 
A 1 56 VAL 56 56 56 VAL VAL A . n 
A 1 57 ARG 57 57 57 ARG ARG A . n 
A 1 58 GLN 58 58 58 GLN GLN A . n 
A 1 59 TYR 59 59 59 TYR TYR A . n 
A 1 60 ASP 60 60 60 ASP ASP A . n 
A 1 61 GLN 61 61 61 GLN GLN A . n 
A 1 62 ILE 62 62 62 ILE ILE A . n 
A 1 63 PRO 63 63 63 PRO PRO A . n 
A 1 64 ILE 64 64 64 ILE ILE A . n 
A 1 65 GLU 65 65 65 GLU GLU A . n 
A 1 66 ILE 66 66 66 ILE ILE A . n 
A 1 67 CYS 67 67 67 CYS CYS A . n 
A 1 68 GLY 68 68 68 GLY GLY A . n 
A 1 69 HIS 69 69 69 HIS HIS A . n 
A 1 70 LYS 70 70 70 LYS LYS A . n 
A 1 71 VAL 71 71 71 VAL VAL A . n 
A 1 72 ILE 72 72 72 ILE ILE A . n 
A 1 73 GLY 73 73 73 GLY GLY A . n 
A 1 74 THR 74 74 74 THR THR A . n 
A 1 75 VAL 75 75 75 VAL VAL A . n 
A 1 76 LEU 76 76 76 LEU LEU A . n 
A 1 77 VAL 77 77 77 VAL VAL A . n 
A 1 78 GLY 78 78 78 GLY GLY A . n 
A 1 79 PRO 79 79 79 PRO PRO A . n 
A 1 80 THR 80 80 80 THR THR A . n 
A 1 81 PRO 81 81 81 PRO PRO A . n 
A 1 82 ALA 82 82 82 ALA ALA A . n 
A 1 83 ASN 83 83 83 ASN ASN A . n 
A 1 84 VAL 84 84 84 VAL VAL A . n 
A 1 85 ILE 85 85 85 ILE ILE A . n 
A 1 86 GLY 86 86 86 GLY GLY A . n 
A 1 87 ARG 87 87 87 ARG ARG A . n 
A 1 88 ASN 88 88 88 ASN ASN A . n 
A 1 89 LEU 89 89 89 LEU LEU A . n 
A 1 90 MET 90 90 90 MET MET A . n 
A 1 91 THR 91 91 91 THR THR A . n 
A 1 92 GLN 92 92 92 GLN GLN A . n 
A 1 93 ILE 93 93 93 ILE ILE A . n 
A 1 94 GLY 94 94 94 GLY GLY A . n 
A 1 95 CYS 95 95 95 CYS CYS A . n 
A 1 96 THR 96 96 96 THR THR A . n 
A 1 97 LEU 97 97 97 LEU LEU A . n 
A 1 98 ASN 98 98 98 ASN ASN A . n 
A 1 99 PHE 99 99 99 PHE PHE A . n 
B 1 1  PRO 1  1  1  PRO PRO B . n 
B 1 2  GLN 2  2  2  GLN GLN B . n 
B 1 3  ILE 3  3  3  ILE ILE B . n 
B 1 4  THR 4  4  4  THR THR B . n 
B 1 5  LEU 5  5  5  LEU LEU B . n 
B 1 6  TRP 6  6  6  TRP TRP B . n 
B 1 7  GLN 7  7  7  GLN GLN B . n 
B 1 8  ARG 8  8  8  ARG ARG B . n 
B 1 9  PRO 9  9  9  PRO PRO B . n 
B 1 10 LEU 10 10 10 LEU LEU B . n 
B 1 11 VAL 11 11 11 VAL VAL B . n 
B 1 12 THR 12 12 12 THR THR B . n 
B 1 13 ILE 13 13 13 ILE ILE B . n 
B 1 14 LYS 14 14 14 LYS LYS B . n 
B 1 15 ILE 15 15 15 ILE ILE B . n 
B 1 16 GLY 16 16 16 GLY GLY B . n 
B 1 17 GLY 17 17 17 GLY GLY B . n 
B 1 18 GLN 18 18 18 GLN GLN B . n 
B 1 19 LEU 19 19 19 LEU LEU B . n 
B 1 20 ARG 20 20 20 ARG ARG B . n 
B 1 21 GLU 21 21 21 GLU GLU B . n 
B 1 22 ALA 22 22 22 ALA ALA B . n 
B 1 23 LEU 23 23 23 LEU LEU B . n 
B 1 24 LEU 24 24 24 LEU LEU B . n 
B 1 25 ASP 25 25 25 ASP ASP B . n 
B 1 26 THR 26 26 26 THR THR B . n 
B 1 27 GLY 27 27 27 GLY GLY B . n 
B 1 28 ALA 28 28 28 ALA ALA B . n 
B 1 29 ASP 29 29 29 ASP ASP B . n 
B 1 30 ASP 30 30 30 ASP ASP B . n 
B 1 31 THR 31 31 31 THR THR B . n 
B 1 32 ILE 32 32 32 ILE ILE B . n 
B 1 33 PHE 33 33 33 PHE PHE B . n 
B 1 34 GLU 34 34 34 GLU GLU B . n 
B 1 35 GLU 35 35 35 GLU GLU B . n 
B 1 36 ILE 36 36 36 ILE ILE B . n 
B 1 37 SER 37 37 37 SER SER B . n 
B 1 38 LEU 38 38 38 LEU LEU B . n 
B 1 39 PRO 39 39 39 PRO PRO B . n 
B 1 40 GLY 40 40 40 GLY GLY B . n 
B 1 41 ARG 41 41 41 ARG ARG B . n 
B 1 42 TRP 42 42 42 TRP TRP B . n 
B 1 43 LYS 43 43 43 LYS LYS B . n 
B 1 44 PRO 44 44 44 PRO PRO B . n 
B 1 45 LYS 45 45 45 LYS LYS B . n 
B 1 46 MET 46 46 46 MET MET B . n 
B 1 47 ILE 47 47 47 ILE ILE B . n 
B 1 48 GLY 48 48 48 GLY GLY B . n 
B 1 49 GLY 49 49 49 GLY GLY B . n 
B 1 50 ILE 50 50 50 ILE ILE B . n 
B 1 51 GLY 51 51 51 GLY GLY B . n 
B 1 52 GLY 52 52 52 GLY GLY B . n 
B 1 53 PHE 53 53 53 PHE PHE B . n 
B 1 54 VAL 54 54 54 VAL VAL B . n 
B 1 55 LYS 55 55 55 LYS LYS B . n 
B 1 56 VAL 56 56 56 VAL VAL B . n 
B 1 57 ARG 57 57 57 ARG ARG B . n 
B 1 58 GLN 58 58 58 GLN GLN B . n 
B 1 59 TYR 59 59 59 TYR TYR B . n 
B 1 60 ASP 60 60 60 ASP ASP B . n 
B 1 61 GLN 61 61 61 GLN GLN B . n 
B 1 62 ILE 62 62 62 ILE ILE B . n 
B 1 63 PRO 63 63 63 PRO PRO B . n 
B 1 64 ILE 64 64 64 ILE ILE B . n 
B 1 65 GLU 65 65 65 GLU GLU B . n 
B 1 66 ILE 66 66 66 ILE ILE B . n 
B 1 67 CYS 67 67 67 CYS CYS B . n 
B 1 68 GLY 68 68 68 GLY GLY B . n 
B 1 69 HIS 69 69 69 HIS HIS B . n 
B 1 70 LYS 70 70 70 LYS LYS B . n 
B 1 71 VAL 71 71 71 VAL VAL B . n 
B 1 72 ILE 72 72 72 ILE ILE B . n 
B 1 73 GLY 73 73 73 GLY GLY B . n 
B 1 74 THR 74 74 74 THR THR B . n 
B 1 75 VAL 75 75 75 VAL VAL B . n 
B 1 76 LEU 76 76 76 LEU LEU B . n 
B 1 77 VAL 77 77 77 VAL VAL B . n 
B 1 78 GLY 78 78 78 GLY GLY B . n 
B 1 79 PRO 79 79 79 PRO PRO B . n 
B 1 80 THR 80 80 80 THR THR B . n 
B 1 81 PRO 81 81 81 PRO PRO B . n 
B 1 82 ALA 82 82 82 ALA ALA B . n 
B 1 83 ASN 83 83 83 ASN ASN B . n 
B 1 84 VAL 84 84 84 VAL VAL B . n 
B 1 85 ILE 85 85 85 ILE ILE B . n 
B 1 86 GLY 86 86 86 GLY GLY B . n 
B 1 87 ARG 87 87 87 ARG ARG B . n 
B 1 88 ASN 88 88 88 ASN ASN B . n 
B 1 89 LEU 89 89 89 LEU LEU B . n 
B 1 90 MET 90 90 90 MET MET B . n 
B 1 91 THR 91 91 91 THR THR B . n 
B 1 92 GLN 92 92 92 GLN GLN B . n 
B 1 93 ILE 93 93 93 ILE ILE B . n 
B 1 94 GLY 94 94 94 GLY GLY B . n 
B 1 95 CYS 95 95 95 CYS CYS B . n 
B 1 96 THR 96 96 96 THR THR B . n 
B 1 97 LEU 97 97 97 LEU LEU B . n 
B 1 98 ASN 98 98 98 ASN ASN B . n 
B 1 99 PHE 99 99 99 PHE PHE B . n 
# 
loop_
_pdbx_nonpoly_scheme.asym_id 
_pdbx_nonpoly_scheme.entity_id 
_pdbx_nonpoly_scheme.mon_id 
_pdbx_nonpoly_scheme.ndb_seq_num 
_pdbx_nonpoly_scheme.pdb_seq_num 
_pdbx_nonpoly_scheme.auth_seq_num 
_pdbx_nonpoly_scheme.pdb_mon_id 
_pdbx_nonpoly_scheme.auth_mon_id 
_pdbx_nonpoly_scheme.pdb_strand_id 
_pdbx_nonpoly_scheme.pdb_ins_code 
C 2 MK1 1  2632 2632 MK1 MK1 B . 
D 3 HOH 1  100  3    HOH HOH A . 
D 3 HOH 2  101  5    HOH HOH A . 
D 3 HOH 3  102  6    HOH HOH A . 
D 3 HOH 4  103  7    HOH HOH A . 
D 3 HOH 5  104  11   HOH HOH A . 
D 3 HOH 6  105  15   HOH HOH A . 
D 3 HOH 7  106  18   HOH HOH A . 
D 3 HOH 8  107  19   HOH HOH A . 
D 3 HOH 9  108  23   HOH HOH A . 
D 3 HOH 10 109  28   HOH HOH A . 
D 3 HOH 11 110  29   HOH HOH A . 
D 3 HOH 12 111  32   HOH HOH A . 
D 3 HOH 13 112  33   HOH HOH A . 
D 3 HOH 14 113  35   HOH HOH A . 
D 3 HOH 15 114  37   HOH HOH A . 
D 3 HOH 16 115  40   HOH HOH A . 
D 3 HOH 17 116  42   HOH HOH A . 
D 3 HOH 18 117  45   HOH HOH A . 
D 3 HOH 19 118  46   HOH HOH A . 
D 3 HOH 20 119  51   HOH HOH A . 
D 3 HOH 21 120  54   HOH HOH A . 
D 3 HOH 22 121  57   HOH HOH A . 
D 3 HOH 23 122  59   HOH HOH A . 
D 3 HOH 24 123  60   HOH HOH A . 
D 3 HOH 25 124  62   HOH HOH A . 
D 3 HOH 26 125  68   HOH HOH A . 
D 3 HOH 27 126  72   HOH HOH A . 
D 3 HOH 28 127  83   HOH HOH A . 
D 3 HOH 29 128  84   HOH HOH A . 
D 3 HOH 30 129  85   HOH HOH A . 
D 3 HOH 31 130  86   HOH HOH A . 
D 3 HOH 32 131  88   HOH HOH A . 
D 3 HOH 33 132  90   HOH HOH A . 
D 3 HOH 34 133  91   HOH HOH A . 
D 3 HOH 35 134  94   HOH HOH A . 
D 3 HOH 36 135  96   HOH HOH A . 
D 3 HOH 37 136  106  HOH HOH A . 
D 3 HOH 38 137  107  HOH HOH A . 
D 3 HOH 39 138  108  HOH HOH A . 
D 3 HOH 40 139  109  HOH HOH A . 
E 3 HOH 1  2633 2    HOH HOH B . 
E 3 HOH 2  2634 4    HOH HOH B . 
E 3 HOH 3  2635 8    HOH HOH B . 
E 3 HOH 4  2636 9    HOH HOH B . 
E 3 HOH 5  2637 10   HOH HOH B . 
E 3 HOH 6  2638 12   HOH HOH B . 
E 3 HOH 7  2639 13   HOH HOH B . 
E 3 HOH 8  2640 14   HOH HOH B . 
E 3 HOH 9  2641 16   HOH HOH B . 
E 3 HOH 10 2642 17   HOH HOH B . 
E 3 HOH 11 2643 20   HOH HOH B . 
E 3 HOH 12 2644 21   HOH HOH B . 
E 3 HOH 13 2645 22   HOH HOH B . 
E 3 HOH 14 2646 24   HOH HOH B . 
E 3 HOH 15 2647 26   HOH HOH B . 
E 3 HOH 16 2648 30   HOH HOH B . 
E 3 HOH 17 2649 31   HOH HOH B . 
E 3 HOH 18 2650 36   HOH HOH B . 
E 3 HOH 19 2651 38   HOH HOH B . 
E 3 HOH 20 2652 39   HOH HOH B . 
E 3 HOH 21 2653 41   HOH HOH B . 
E 3 HOH 22 2654 44   HOH HOH B . 
E 3 HOH 23 2655 48   HOH HOH B . 
E 3 HOH 24 2656 49   HOH HOH B . 
E 3 HOH 25 2657 50   HOH HOH B . 
E 3 HOH 26 2658 52   HOH HOH B . 
E 3 HOH 27 2659 53   HOH HOH B . 
E 3 HOH 28 2660 55   HOH HOH B . 
E 3 HOH 29 2661 56   HOH HOH B . 
E 3 HOH 30 2662 58   HOH HOH B . 
E 3 HOH 31 2663 63   HOH HOH B . 
E 3 HOH 32 2664 65   HOH HOH B . 
E 3 HOH 33 2665 66   HOH HOH B . 
E 3 HOH 34 2666 67   HOH HOH B . 
E 3 HOH 35 2667 69   HOH HOH B . 
E 3 HOH 36 2668 74   HOH HOH B . 
E 3 HOH 37 2669 75   HOH HOH B . 
E 3 HOH 38 2670 77   HOH HOH B . 
E 3 HOH 39 2671 78   HOH HOH B . 
E 3 HOH 40 2672 80   HOH HOH B . 
E 3 HOH 41 2673 81   HOH HOH B . 
E 3 HOH 42 2674 87   HOH HOH B . 
E 3 HOH 43 2675 92   HOH HOH B . 
E 3 HOH 44 2676 98   HOH HOH B . 
E 3 HOH 45 2677 100  HOH HOH B . 
E 3 HOH 46 2678 101  HOH HOH B . 
E 3 HOH 47 2679 102  HOH HOH B . 
E 3 HOH 48 2680 103  HOH HOH B . 
E 3 HOH 49 2681 105  HOH HOH B . 
E 3 HOH 50 2682 111  HOH HOH B . 
E 3 HOH 51 2683 112  HOH HOH B . 
E 3 HOH 52 2684 116  HOH HOH B . 
E 3 HOH 53 2685 119  HOH HOH B . 
E 3 HOH 54 2686 122  HOH HOH B . 
E 3 HOH 55 2687 123  HOH HOH B . 
# 
loop_
_software.name 
_software.classification 
_software.version 
_software.citation_id 
_software.pdbx_ordinal 
CNS       refinement       1.1      ? 1 
SCALEPACK 'data scaling'   .        ? 2 
O         'model building' 'V. 7.0' ? 3 
# 
_cell.entry_id           1SGU 
_cell.length_a           61.573 
_cell.length_b           61.574 
_cell.length_c           84.109 
_cell.angle_alpha        90.00 
_cell.angle_beta         90.00 
_cell.angle_gamma        120.00 
_cell.Z_PDB              12 
_cell.pdbx_unique_axis   ? 
# 
_symmetry.entry_id                         1SGU 
_symmetry.space_group_name_H-M             'P 61' 
_symmetry.pdbx_full_space_group_name_H-M   ? 
_symmetry.cell_setting                     ? 
_symmetry.Int_Tables_number                169 
_symmetry.space_group_name_Hall            ? 
# 
_exptl.entry_id          1SGU 
_exptl.method            'X-RAY DIFFRACTION' 
_exptl.crystals_number   1 
# 
_exptl_crystal.id                    1 
_exptl_crystal.density_meas          ? 
_exptl_crystal.density_Matthews      1.98 
_exptl_crystal.density_percent_sol   37.33 
_exptl_crystal.description           ? 
_exptl_crystal.F_000                 ? 
_exptl_crystal.preparation           ? 
# 
_exptl_crystal_grow.crystal_id      1 
_exptl_crystal_grow.method          ? 
_exptl_crystal_grow.temp            ? 
_exptl_crystal_grow.temp_details    ? 
_exptl_crystal_grow.pH              4.50 
_exptl_crystal_grow.pdbx_details    
'20 mM Sodium acetate, 1.5 M ammonium Sulfate, pH 4.5, VAPOR DIFFUSION, HANGING DROP, temperature 100K, pH 4.50' 
_exptl_crystal_grow.pdbx_pH_range   . 
# 
_diffrn.id                     1 
_diffrn.ambient_temp           100.0 
_diffrn.ambient_temp_details   ? 
_diffrn.crystal_id             1 
# 
_diffrn_detector.diffrn_id              1 
_diffrn_detector.detector               'IMAGE PLATE' 
_diffrn_detector.type                   'RIGAKU RAXIS IV' 
_diffrn_detector.pdbx_collection_date   ? 
_diffrn_detector.details                ? 
# 
_diffrn_radiation.diffrn_id                        1 
_diffrn_radiation.wavelength_id                    1 
_diffrn_radiation.pdbx_monochromatic_or_laue_m_l   M 
_diffrn_radiation.monochromator                    ? 
_diffrn_radiation.pdbx_diffrn_protocol             'SINGLE WAVELENGTH' 
_diffrn_radiation.pdbx_scattering_type             x-ray 
# 
_diffrn_radiation_wavelength.id           1 
_diffrn_radiation_wavelength.wavelength   1.5418 
_diffrn_radiation_wavelength.wt           1.0 
# 
_diffrn_source.diffrn_id                   1 
_diffrn_source.source                      'ROTATING ANODE' 
_diffrn_source.type                        RIGAKU 
_diffrn_source.pdbx_synchrotron_site       ? 
_diffrn_source.pdbx_synchrotron_beamline   ? 
_diffrn_source.pdbx_wavelength             1.5418 
_diffrn_source.pdbx_wavelength_list        ? 
# 
_reflns.entry_id                     1SGU 
_reflns.observed_criterion_sigma_I   2.000 
_reflns.observed_criterion_sigma_F   ? 
_reflns.d_resolution_low             19.600 
_reflns.d_resolution_high            1.900 
_reflns.number_obs                   14298 
_reflns.number_all                   ? 
_reflns.percent_possible_obs         96.6 
_reflns.pdbx_Rmerge_I_obs            ? 
_reflns.pdbx_Rsym_value              0.056 
_reflns.pdbx_netI_over_sigmaI        9.7 
_reflns.B_iso_Wilson_estimate        16.40 
_reflns.pdbx_redundancy              ? 
_reflns.R_free_details               ? 
_reflns.limit_h_max                  ? 
_reflns.limit_h_min                  ? 
_reflns.limit_k_max                  ? 
_reflns.limit_k_min                  ? 
_reflns.limit_l_max                  ? 
_reflns.limit_l_min                  ? 
_reflns.observed_criterion_F_max     ? 
_reflns.observed_criterion_F_min     ? 
_reflns.pdbx_chi_squared             ? 
_reflns.pdbx_scaling_rejects         ? 
_reflns.pdbx_diffrn_id               1 
_reflns.pdbx_ordinal                 1 
# 
_reflns_shell.d_res_high             1.90 
_reflns_shell.d_res_low              1.97 
_reflns_shell.percent_possible_all   80.6 
_reflns_shell.Rmerge_I_obs           ? 
_reflns_shell.pdbx_Rsym_value        0.246 
_reflns_shell.meanI_over_sigI_obs    ? 
_reflns_shell.pdbx_redundancy        ? 
_reflns_shell.percent_possible_obs   ? 
_reflns_shell.number_unique_all      ? 
_reflns_shell.number_measured_all    ? 
_reflns_shell.number_measured_obs    ? 
_reflns_shell.number_unique_obs      ? 
_reflns_shell.pdbx_chi_squared       ? 
_reflns_shell.pdbx_diffrn_id         ? 
_reflns_shell.pdbx_ordinal           1 
# 
_refine.entry_id                                 1SGU 
_refine.ls_number_reflns_obs                     13408 
_refine.ls_number_reflns_all                     14280 
_refine.pdbx_ls_sigma_I                          ? 
_refine.pdbx_ls_sigma_F                          0.000 
_refine.pdbx_data_cutoff_high_absF               765020.120 
_refine.pdbx_data_cutoff_low_absF                0.0000 
_refine.pdbx_data_cutoff_high_rms_absF           ? 
_refine.ls_d_res_low                             19.60 
_refine.ls_d_res_high                            1.90 
_refine.ls_percent_reflns_obs                    94.0 
_refine.ls_R_factor_obs                          0.22 
_refine.ls_R_factor_all                          ? 
_refine.ls_R_factor_R_work                       0.22 
_refine.ls_R_factor_R_free                       0.264 
_refine.ls_R_factor_R_free_error                 0.010 
_refine.ls_R_factor_R_free_error_details         ? 
_refine.ls_percent_reflns_R_free                 5.000 
_refine.ls_number_reflns_R_free                  675 
_refine.ls_number_parameters                     ? 
_refine.ls_number_restraints                     ? 
_refine.occupancy_min                            ? 
_refine.occupancy_max                            ? 
_refine.correlation_coeff_Fo_to_Fc               ? 
_refine.correlation_coeff_Fo_to_Fc_free          ? 
_refine.B_iso_mean                               22.40 
_refine.aniso_B[1][1]                            2.92000 
_refine.aniso_B[2][2]                            2.54000 
_refine.aniso_B[3][3]                            -5.46000 
_refine.aniso_B[1][2]                            0.82000 
_refine.aniso_B[1][3]                            0.00000 
_refine.aniso_B[2][3]                            0.00000 
_refine.solvent_model_details                    'FLAT MODEL' 
_refine.solvent_model_param_ksol                 0.40 
_refine.solvent_model_param_bsol                 41.83 
_refine.pdbx_solvent_vdw_probe_radii             ? 
_refine.pdbx_solvent_ion_probe_radii             ? 
_refine.pdbx_solvent_shrinkage_radii             ? 
_refine.pdbx_ls_cross_valid_method               THROUGHOUT 
_refine.details                                  ? 
_refine.pdbx_starting_model                      ? 
_refine.pdbx_method_to_determine_struct          'MOLECULAR REPLACEMENT' 
_refine.pdbx_isotropic_thermal_model             RESTRAINED 
_refine.pdbx_stereochemistry_target_values       'ENGH & HUBER' 
_refine.pdbx_stereochem_target_val_spec_case     ? 
_refine.pdbx_R_Free_selection_details            RANDOM 
_refine.pdbx_overall_ESU_R                       ? 
_refine.pdbx_overall_ESU_R_Free                  ? 
_refine.overall_SU_ML                            ? 
_refine.overall_SU_B                             ? 
_refine.ls_redundancy_reflns_obs                 ? 
_refine.B_iso_min                                ? 
_refine.B_iso_max                                ? 
_refine.overall_SU_R_Cruickshank_DPI             ? 
_refine.overall_SU_R_free                        ? 
_refine.ls_wR_factor_R_free                      ? 
_refine.ls_wR_factor_R_work                      ? 
_refine.overall_FOM_free_R_set                   ? 
_refine.overall_FOM_work_R_set                   ? 
_refine.pdbx_refine_id                           'X-RAY DIFFRACTION' 
_refine.pdbx_diffrn_id                           1 
_refine.pdbx_TLS_residual_ADP_flag               ? 
_refine.pdbx_overall_phase_error                 ? 
_refine.pdbx_overall_SU_R_free_Cruickshank_DPI   ? 
_refine.pdbx_overall_SU_R_Blow_DPI               ? 
_refine.pdbx_overall_SU_R_free_Blow_DPI          ? 
# 
_refine_analyze.entry_id                        1SGU 
_refine_analyze.Luzzati_coordinate_error_obs    0.24 
_refine_analyze.Luzzati_sigma_a_obs             0.17 
_refine_analyze.Luzzati_d_res_low_obs           5.00 
_refine_analyze.Luzzati_coordinate_error_free   0.29 
_refine_analyze.Luzzati_sigma_a_free            0.20 
_refine_analyze.Luzzati_d_res_low_free          ? 
_refine_analyze.number_disordered_residues      ? 
_refine_analyze.occupancy_sum_hydrogen          ? 
_refine_analyze.occupancy_sum_non_hydrogen      ? 
_refine_analyze.pdbx_Luzzati_d_res_high_obs     ? 
_refine_analyze.pdbx_refine_id                  'X-RAY DIFFRACTION' 
# 
_refine_hist.pdbx_refine_id                   'X-RAY DIFFRACTION' 
_refine_hist.cycle_id                         LAST 
_refine_hist.pdbx_number_atoms_protein        1522 
_refine_hist.pdbx_number_atoms_nucleic_acid   0 
_refine_hist.pdbx_number_atoms_ligand         45 
_refine_hist.number_atoms_solvent             95 
_refine_hist.number_atoms_total               1662 
_refine_hist.d_res_high                       1.90 
_refine_hist.d_res_low                        19.60 
# 
loop_
_refine_ls_restr.type 
_refine_ls_restr.dev_ideal 
_refine_ls_restr.dev_ideal_target 
_refine_ls_restr.weight 
_refine_ls_restr.number 
_refine_ls_restr.pdbx_refine_id 
_refine_ls_restr.pdbx_restraint_function 
c_bond_d                1.261 ? ? ? 'X-RAY DIFFRACTION' ? 
c_bond_d_na             ?     ? ? ? 'X-RAY DIFFRACTION' ? 
c_bond_d_prot           ?     ? ? ? 'X-RAY DIFFRACTION' ? 
c_angle_d               ?     ? ? ? 'X-RAY DIFFRACTION' ? 
c_angle_d_na            ?     ? ? ? 'X-RAY DIFFRACTION' ? 
c_angle_d_prot          ?     ? ? ? 'X-RAY DIFFRACTION' ? 
c_angle_deg             3.30  ? ? ? 'X-RAY DIFFRACTION' ? 
c_angle_deg_na          ?     ? ? ? 'X-RAY DIFFRACTION' ? 
c_angle_deg_prot        ?     ? ? ? 'X-RAY DIFFRACTION' ? 
c_dihedral_angle_d      26.40 ? ? ? 'X-RAY DIFFRACTION' ? 
c_dihedral_angle_d_na   ?     ? ? ? 'X-RAY DIFFRACTION' ? 
c_dihedral_angle_d_prot ?     ? ? ? 'X-RAY DIFFRACTION' ? 
c_improper_angle_d      1.02  ? ? ? 'X-RAY DIFFRACTION' ? 
c_improper_angle_d_na   ?     ? ? ? 'X-RAY DIFFRACTION' ? 
c_improper_angle_d_prot ?     ? ? ? 'X-RAY DIFFRACTION' ? 
c_mcbond_it             ?     ? ? ? 'X-RAY DIFFRACTION' ? 
c_mcangle_it            ?     ? ? ? 'X-RAY DIFFRACTION' ? 
c_scbond_it             ?     ? ? ? 'X-RAY DIFFRACTION' ? 
c_scangle_it            ?     ? ? ? 'X-RAY DIFFRACTION' ? 
# 
_refine_ls_shell.pdbx_total_number_of_bins_used   6 
_refine_ls_shell.d_res_high                       1.90 
_refine_ls_shell.d_res_low                        2.02 
_refine_ls_shell.number_reflns_R_work             1749 
_refine_ls_shell.R_factor_R_work                  0.273 
_refine_ls_shell.percent_reflns_obs               77.70 
_refine_ls_shell.R_factor_R_free                  0.311 
_refine_ls_shell.R_factor_R_free_error            0.033 
_refine_ls_shell.percent_reflns_R_free            4.80 
_refine_ls_shell.number_reflns_R_free             88 
_refine_ls_shell.redundancy_reflns_obs            ? 
_refine_ls_shell.number_reflns_all                ? 
_refine_ls_shell.number_reflns_obs                ? 
_refine_ls_shell.pdbx_refine_id                   'X-RAY DIFFRACTION' 
_refine_ls_shell.R_factor_all                     ? 
# 
loop_
_pdbx_xplor_file.serial_no 
_pdbx_xplor_file.param_file 
_pdbx_xplor_file.topol_file 
_pdbx_xplor_file.pdbx_refine_id 
1 PROTEIN_REP.PARAM PROTEIN.TOP   'X-RAY DIFFRACTION' 
2 WATER.PARAM       WATER.TOP     'X-RAY DIFFRACTION' 
3 INDINAVIR.PARAM   INDINAVIR.TOP 'X-RAY DIFFRACTION' 
# 
_struct.entry_id                  1SGU 
_struct.title                     'Comparing the Accumulation of Active Site and Non-active Site Mutations in the HIV-1 Protease' 
_struct.pdbx_model_details        ? 
_struct.pdbx_CASP_flag            ? 
_struct.pdbx_model_type_details   ? 
# 
_struct_keywords.entry_id        1SGU 
_struct_keywords.pdbx_keywords   HYDROLASE 
_struct_keywords.text            'ACTIVE SITE MUTATIONS, NON-ACTIVE SITE MUTATIONS, INDINAVIR, HIV-1 PROTEASE, HYDROLASE' 
# 
loop_
_struct_asym.id 
_struct_asym.pdbx_blank_PDB_chainid_flag 
_struct_asym.pdbx_modified 
_struct_asym.entity_id 
_struct_asym.details 
A N N 1 ? 
B N N 1 ? 
C N N 2 ? 
D N N 3 ? 
E N N 3 ? 
# 
_struct_ref.id                         1 
_struct_ref.db_name                    UNP 
_struct_ref.db_code                    POL_HV1BR 
_struct_ref.entity_id                  1 
_struct_ref.pdbx_seq_one_letter_code   
;PQITLWQRPLVTIKIGGQLKEALLDTGADDTVLEEMSLPGRWKPKMIGGIGGFIKVRQYDQILIEICGHKAIGTVLVGPT
PVNIIGRNLLTQIGCTLNF
;
_struct_ref.pdbx_align_begin           69 
_struct_ref.pdbx_db_accession          P03367 
_struct_ref.pdbx_db_isoform            ? 
# 
loop_
_struct_ref_seq.align_id 
_struct_ref_seq.ref_id 
_struct_ref_seq.pdbx_PDB_id_code 
_struct_ref_seq.pdbx_strand_id 
_struct_ref_seq.seq_align_beg 
_struct_ref_seq.pdbx_seq_align_beg_ins_code 
_struct_ref_seq.seq_align_end 
_struct_ref_seq.pdbx_seq_align_end_ins_code 
_struct_ref_seq.pdbx_db_accession 
_struct_ref_seq.db_align_beg 
_struct_ref_seq.pdbx_db_align_beg_ins_code 
_struct_ref_seq.db_align_end 
_struct_ref_seq.pdbx_db_align_end_ins_code 
_struct_ref_seq.pdbx_auth_seq_align_beg 
_struct_ref_seq.pdbx_auth_seq_align_end 
1 1 1SGU A 1 ? 99 ? P03367 69 ? 167 ? 1 99 
2 1 1SGU B 1 ? 99 ? P03367 69 ? 167 ? 1 99 
# 
loop_
_struct_ref_seq_dif.align_id 
_struct_ref_seq_dif.pdbx_pdb_id_code 
_struct_ref_seq_dif.mon_id 
_struct_ref_seq_dif.pdbx_pdb_strand_id 
_struct_ref_seq_dif.seq_num 
_struct_ref_seq_dif.pdbx_pdb_ins_code 
_struct_ref_seq_dif.pdbx_seq_db_name 
_struct_ref_seq_dif.pdbx_seq_db_accession_code 
_struct_ref_seq_dif.db_mon_id 
_struct_ref_seq_dif.pdbx_seq_db_seq_num 
_struct_ref_seq_dif.details 
_struct_ref_seq_dif.pdbx_auth_seq_num 
_struct_ref_seq_dif.pdbx_ordinal 
1 1SGU ARG A 20 ? UNP P03367 LYS 88  'engineered mutation' 20 1  
1 1SGU ILE A 32 ? UNP P03367 VAL 100 'engineered mutation' 32 2  
1 1SGU PHE A 33 ? UNP P03367 LEU 101 'engineered mutation' 33 3  
1 1SGU ILE A 36 ? UNP P03367 MET 104 'engineered mutation' 36 4  
1 1SGU VAL A 54 ? UNP P03367 ILE 122 'engineered mutation' 54 5  
1 1SGU PRO A 63 ? UNP P03367 LEU 131 'engineered mutation' 63 6  
1 1SGU VAL A 71 ? UNP P03367 ALA 139 'engineered mutation' 71 7  
1 1SGU ALA A 82 ? UNP P03367 VAL 150 'engineered mutation' 82 8  
1 1SGU VAL A 84 ? UNP P03367 ILE 152 'engineered mutation' 84 9  
1 1SGU MET A 90 ? UNP P03367 LEU 158 'engineered mutation' 90 10 
2 1SGU ARG B 20 ? UNP P03367 LYS 88  'engineered mutation' 20 11 
2 1SGU ILE B 32 ? UNP P03367 VAL 100 'engineered mutation' 32 12 
2 1SGU PHE B 33 ? UNP P03367 LEU 101 'engineered mutation' 33 13 
2 1SGU ILE B 36 ? UNP P03367 MET 104 'engineered mutation' 36 14 
2 1SGU VAL B 54 ? UNP P03367 ILE 122 'engineered mutation' 54 15 
2 1SGU PRO B 63 ? UNP P03367 LEU 131 'engineered mutation' 63 16 
2 1SGU VAL B 71 ? UNP P03367 ALA 139 'engineered mutation' 71 17 
2 1SGU ALA B 82 ? UNP P03367 VAL 150 'engineered mutation' 82 18 
2 1SGU VAL B 84 ? UNP P03367 ILE 152 'engineered mutation' 84 19 
2 1SGU MET B 90 ? UNP P03367 LEU 158 'engineered mutation' 90 20 
# 
_pdbx_struct_assembly.id                   1 
_pdbx_struct_assembly.details              author_and_software_defined_assembly 
_pdbx_struct_assembly.method_details       PISA 
_pdbx_struct_assembly.oligomeric_details   dimeric 
_pdbx_struct_assembly.oligomeric_count     2 
# 
loop_
_pdbx_struct_assembly_prop.biol_id 
_pdbx_struct_assembly_prop.type 
_pdbx_struct_assembly_prop.value 
_pdbx_struct_assembly_prop.details 
1 'ABSA (A^2)' 5140 ? 
1 MORE         -20  ? 
1 'SSA (A^2)'  9480 ? 
# 
_pdbx_struct_assembly_gen.assembly_id       1 
_pdbx_struct_assembly_gen.oper_expression   1 
_pdbx_struct_assembly_gen.asym_id_list      A,B,C,D,E 
# 
_pdbx_struct_oper_list.id                   1 
_pdbx_struct_oper_list.type                 'identity operation' 
_pdbx_struct_oper_list.name                 1_555 
_pdbx_struct_oper_list.symmetry_operation   x,y,z 
_pdbx_struct_oper_list.matrix[1][1]         1.0000000000 
_pdbx_struct_oper_list.matrix[1][2]         0.0000000000 
_pdbx_struct_oper_list.matrix[1][3]         0.0000000000 
_pdbx_struct_oper_list.vector[1]            0.0000000000 
_pdbx_struct_oper_list.matrix[2][1]         0.0000000000 
_pdbx_struct_oper_list.matrix[2][2]         1.0000000000 
_pdbx_struct_oper_list.matrix[2][3]         0.0000000000 
_pdbx_struct_oper_list.vector[2]            0.0000000000 
_pdbx_struct_oper_list.matrix[3][1]         0.0000000000 
_pdbx_struct_oper_list.matrix[3][2]         0.0000000000 
_pdbx_struct_oper_list.matrix[3][3]         1.0000000000 
_pdbx_struct_oper_list.vector[3]            0.0000000000 
# 
_struct_biol.id                    1 
_struct_biol.pdbx_parent_biol_id   ? 
_struct_biol.details               ? 
# 
loop_
_struct_conf.conf_type_id 
_struct_conf.id 
_struct_conf.pdbx_PDB_helix_id 
_struct_conf.beg_label_comp_id 
_struct_conf.beg_label_asym_id 
_struct_conf.beg_label_seq_id 
_struct_conf.pdbx_beg_PDB_ins_code 
_struct_conf.end_label_comp_id 
_struct_conf.end_label_asym_id 
_struct_conf.end_label_seq_id 
_struct_conf.pdbx_end_PDB_ins_code 
_struct_conf.beg_auth_comp_id 
_struct_conf.beg_auth_asym_id 
_struct_conf.beg_auth_seq_id 
_struct_conf.end_auth_comp_id 
_struct_conf.end_auth_asym_id 
_struct_conf.end_auth_seq_id 
_struct_conf.pdbx_PDB_helix_class 
_struct_conf.details 
_struct_conf.pdbx_PDB_helix_length 
HELX_P HELX_P1 1 GLY A 86 ? THR A 91 ? GLY A 86 THR A 91 1 ? 6 
HELX_P HELX_P2 2 GLY B 86 ? THR B 91 ? GLY B 86 THR B 91 1 ? 6 
HELX_P HELX_P3 3 GLN B 92 ? GLY B 94 ? GLN B 92 GLY B 94 5 ? 3 
# 
_struct_conf_type.id          HELX_P 
_struct_conf_type.criteria    ? 
_struct_conf_type.reference   ? 
# 
loop_
_struct_sheet.id 
_struct_sheet.type 
_struct_sheet.number_strands 
_struct_sheet.details 
A ? 4 ? 
B ? 8 ? 
C ? 8 ? 
# 
loop_
_struct_sheet_order.sheet_id 
_struct_sheet_order.range_id_1 
_struct_sheet_order.range_id_2 
_struct_sheet_order.offset 
_struct_sheet_order.sense 
A 1 2 ? anti-parallel 
A 2 3 ? anti-parallel 
A 3 4 ? anti-parallel 
B 1 2 ? anti-parallel 
B 2 3 ? anti-parallel 
B 3 4 ? parallel      
B 4 5 ? anti-parallel 
B 5 6 ? parallel      
B 6 7 ? anti-parallel 
B 7 8 ? anti-parallel 
C 1 2 ? anti-parallel 
C 2 3 ? anti-parallel 
C 3 4 ? parallel      
C 4 5 ? anti-parallel 
C 5 6 ? parallel      
C 6 7 ? anti-parallel 
C 7 8 ? anti-parallel 
# 
loop_
_struct_sheet_range.sheet_id 
_struct_sheet_range.id 
_struct_sheet_range.beg_label_comp_id 
_struct_sheet_range.beg_label_asym_id 
_struct_sheet_range.beg_label_seq_id 
_struct_sheet_range.pdbx_beg_PDB_ins_code 
_struct_sheet_range.end_label_comp_id 
_struct_sheet_range.end_label_asym_id 
_struct_sheet_range.end_label_seq_id 
_struct_sheet_range.pdbx_end_PDB_ins_code 
_struct_sheet_range.beg_auth_comp_id 
_struct_sheet_range.beg_auth_asym_id 
_struct_sheet_range.beg_auth_seq_id 
_struct_sheet_range.end_auth_comp_id 
_struct_sheet_range.end_auth_asym_id 
_struct_sheet_range.end_auth_seq_id 
A 1 GLN A 2  ? ILE A 3  ? GLN A 2  ILE A 3  
A 2 THR B 96 ? ASN B 98 ? THR B 96 ASN B 98 
A 3 THR A 96 ? ASN A 98 ? THR A 96 ASN A 98 
A 4 GLN B 2  ? ILE B 3  ? GLN B 2  ILE B 3  
B 1 LYS A 43 ? GLY A 49 ? LYS A 43 GLY A 49 
B 2 GLY A 52 ? ILE A 66 ? GLY A 52 ILE A 66 
B 3 HIS A 69 ? VAL A 77 ? HIS A 69 VAL A 77 
B 4 ILE A 32 ? PHE A 33 ? ILE A 32 PHE A 33 
B 5 VAL A 84 ? ILE A 85 ? VAL A 84 ILE A 85 
B 6 GLN A 18 ? LEU A 24 ? GLN A 18 LEU A 24 
B 7 LEU A 10 ? ILE A 15 ? LEU A 10 ILE A 15 
B 8 GLY A 52 ? ILE A 66 ? GLY A 52 ILE A 66 
C 1 LYS B 43 ? GLY B 49 ? LYS B 43 GLY B 49 
C 2 GLY B 52 ? ILE B 66 ? GLY B 52 ILE B 66 
C 3 HIS B 69 ? VAL B 77 ? HIS B 69 VAL B 77 
C 4 ILE B 32 ? PHE B 33 ? ILE B 32 PHE B 33 
C 5 VAL B 84 ? ILE B 85 ? VAL B 84 ILE B 85 
C 6 GLN B 18 ? LEU B 24 ? GLN B 18 LEU B 24 
C 7 LEU B 10 ? ILE B 15 ? LEU B 10 ILE B 15 
C 8 GLY B 52 ? ILE B 66 ? GLY B 52 ILE B 66 
# 
loop_
_pdbx_struct_sheet_hbond.sheet_id 
_pdbx_struct_sheet_hbond.range_id_1 
_pdbx_struct_sheet_hbond.range_id_2 
_pdbx_struct_sheet_hbond.range_1_label_atom_id 
_pdbx_struct_sheet_hbond.range_1_label_comp_id 
_pdbx_struct_sheet_hbond.range_1_label_asym_id 
_pdbx_struct_sheet_hbond.range_1_label_seq_id 
_pdbx_struct_sheet_hbond.range_1_PDB_ins_code 
_pdbx_struct_sheet_hbond.range_1_auth_atom_id 
_pdbx_struct_sheet_hbond.range_1_auth_comp_id 
_pdbx_struct_sheet_hbond.range_1_auth_asym_id 
_pdbx_struct_sheet_hbond.range_1_auth_seq_id 
_pdbx_struct_sheet_hbond.range_2_label_atom_id 
_pdbx_struct_sheet_hbond.range_2_label_comp_id 
_pdbx_struct_sheet_hbond.range_2_label_asym_id 
_pdbx_struct_sheet_hbond.range_2_label_seq_id 
_pdbx_struct_sheet_hbond.range_2_PDB_ins_code 
_pdbx_struct_sheet_hbond.range_2_auth_atom_id 
_pdbx_struct_sheet_hbond.range_2_auth_comp_id 
_pdbx_struct_sheet_hbond.range_2_auth_asym_id 
_pdbx_struct_sheet_hbond.range_2_auth_seq_id 
A 1 2 N ILE A 3  ? N ILE A 3  O LEU B 97 ? O LEU B 97 
A 2 3 O THR B 96 ? O THR B 96 N ASN A 98 ? N ASN A 98 
A 3 4 N LEU A 97 ? N LEU A 97 O ILE B 3  ? O ILE B 3  
B 1 2 N LYS A 45 ? N LYS A 45 O VAL A 56 ? O VAL A 56 
B 2 3 N ILE A 64 ? N ILE A 64 O VAL A 71 ? O VAL A 71 
B 3 4 O LEU A 76 ? O LEU A 76 N PHE A 33 ? N PHE A 33 
B 4 5 N ILE A 32 ? N ILE A 32 O VAL A 84 ? O VAL A 84 
B 5 6 O ILE A 85 ? O ILE A 85 N LEU A 23 ? N LEU A 23 
B 6 7 O ARG A 20 ? O ARG A 20 N ILE A 13 ? N ILE A 13 
B 7 8 N LYS A 14 ? N LYS A 14 O GLU A 65 ? O GLU A 65 
C 1 2 N GLY B 49 ? N GLY B 49 O GLY B 52 ? O GLY B 52 
C 2 3 N ILE B 64 ? N ILE B 64 O VAL B 71 ? O VAL B 71 
C 3 4 O LEU B 76 ? O LEU B 76 N PHE B 33 ? N PHE B 33 
C 4 5 N ILE B 32 ? N ILE B 32 O VAL B 84 ? O VAL B 84 
C 5 6 O ILE B 85 ? O ILE B 85 N LEU B 23 ? N LEU B 23 
C 6 7 O ARG B 20 ? O ARG B 20 N ILE B 13 ? N ILE B 13 
C 7 8 N LYS B 14 ? N LYS B 14 O GLU B 65 ? O GLU B 65 
# 
_struct_site.id                   AC1 
_struct_site.pdbx_evidence_code   Software 
_struct_site.pdbx_auth_asym_id    B 
_struct_site.pdbx_auth_comp_id    MK1 
_struct_site.pdbx_auth_seq_id     2632 
_struct_site.pdbx_auth_ins_code   ? 
_struct_site.pdbx_num_residues    21 
_struct_site.details              'BINDING SITE FOR RESIDUE MK1 B 2632' 
# 
loop_
_struct_site_gen.id 
_struct_site_gen.site_id 
_struct_site_gen.pdbx_num_res 
_struct_site_gen.label_comp_id 
_struct_site_gen.label_asym_id 
_struct_site_gen.label_seq_id 
_struct_site_gen.pdbx_auth_ins_code 
_struct_site_gen.auth_comp_id 
_struct_site_gen.auth_asym_id 
_struct_site_gen.auth_seq_id 
_struct_site_gen.label_atom_id 
_struct_site_gen.label_alt_id 
_struct_site_gen.symmetry 
_struct_site_gen.details 
1  AC1 21 ASP A 25 ? ASP A 25   . ? 1_555 ? 
2  AC1 21 GLY A 27 ? GLY A 27   . ? 1_555 ? 
3  AC1 21 ILE A 47 ? ILE A 47   . ? 1_555 ? 
4  AC1 21 GLY A 48 ? GLY A 48   . ? 1_555 ? 
5  AC1 21 GLY A 49 ? GLY A 49   . ? 1_555 ? 
6  AC1 21 ILE A 50 ? ILE A 50   . ? 1_555 ? 
7  AC1 21 PRO A 81 ? PRO A 81   . ? 1_555 ? 
8  AC1 21 ALA A 82 ? ALA A 82   . ? 1_555 ? 
9  AC1 21 ARG B 8  ? ARG B 8    . ? 1_555 ? 
10 AC1 21 ASP B 25 ? ASP B 25   . ? 1_555 ? 
11 AC1 21 GLY B 27 ? GLY B 27   . ? 1_555 ? 
12 AC1 21 ALA B 28 ? ALA B 28   . ? 1_555 ? 
13 AC1 21 ASP B 29 ? ASP B 29   . ? 1_555 ? 
14 AC1 21 ASP B 30 ? ASP B 30   . ? 1_555 ? 
15 AC1 21 ILE B 47 ? ILE B 47   . ? 1_555 ? 
16 AC1 21 GLY B 48 ? GLY B 48   . ? 1_555 ? 
17 AC1 21 ILE B 50 ? ILE B 50   . ? 1_555 ? 
18 AC1 21 PRO B 81 ? PRO B 81   . ? 1_555 ? 
19 AC1 21 HOH E .  ? HOH B 2633 . ? 1_555 ? 
20 AC1 21 HOH E .  ? HOH B 2641 . ? 1_555 ? 
21 AC1 21 HOH E .  ? HOH B 2674 . ? 1_555 ? 
# 
_pdbx_validate_symm_contact.id                1 
_pdbx_validate_symm_contact.PDB_model_num     1 
_pdbx_validate_symm_contact.auth_atom_id_1    OE1 
_pdbx_validate_symm_contact.auth_asym_id_1    A 
_pdbx_validate_symm_contact.auth_comp_id_1    GLU 
_pdbx_validate_symm_contact.auth_seq_id_1     35 
_pdbx_validate_symm_contact.PDB_ins_code_1    ? 
_pdbx_validate_symm_contact.label_alt_id_1    ? 
_pdbx_validate_symm_contact.site_symmetry_1   1_555 
_pdbx_validate_symm_contact.auth_atom_id_2    O 
_pdbx_validate_symm_contact.auth_asym_id_2    A 
_pdbx_validate_symm_contact.auth_comp_id_2    HOH 
_pdbx_validate_symm_contact.auth_seq_id_2     119 
_pdbx_validate_symm_contact.PDB_ins_code_2    ? 
_pdbx_validate_symm_contact.label_alt_id_2    ? 
_pdbx_validate_symm_contact.site_symmetry_2   5_554 
_pdbx_validate_symm_contact.dist              2.03 
# 
_pdbx_validate_torsion.id              1 
_pdbx_validate_torsion.PDB_model_num   1 
_pdbx_validate_torsion.auth_comp_id    GLU 
_pdbx_validate_torsion.auth_asym_id    A 
_pdbx_validate_torsion.auth_seq_id     35 
_pdbx_validate_torsion.PDB_ins_code    ? 
_pdbx_validate_torsion.label_alt_id    ? 
_pdbx_validate_torsion.phi             32.52 
_pdbx_validate_torsion.psi             76.72 
# 
loop_
_chem_comp_atom.comp_id 
_chem_comp_atom.atom_id 
_chem_comp_atom.type_symbol 
_chem_comp_atom.pdbx_aromatic_flag 
_chem_comp_atom.pdbx_stereo_config 
_chem_comp_atom.pdbx_ordinal 
ALA N    N N N 1   
ALA CA   C N S 2   
ALA C    C N N 3   
ALA O    O N N 4   
ALA CB   C N N 5   
ALA OXT  O N N 6   
ALA H    H N N 7   
ALA H2   H N N 8   
ALA HA   H N N 9   
ALA HB1  H N N 10  
ALA HB2  H N N 11  
ALA HB3  H N N 12  
ALA HXT  H N N 13  
ARG N    N N N 14  
ARG CA   C N S 15  
ARG C    C N N 16  
ARG O    O N N 17  
ARG CB   C N N 18  
ARG CG   C N N 19  
ARG CD   C N N 20  
ARG NE   N N N 21  
ARG CZ   C N N 22  
ARG NH1  N N N 23  
ARG NH2  N N N 24  
ARG OXT  O N N 25  
ARG H    H N N 26  
ARG H2   H N N 27  
ARG HA   H N N 28  
ARG HB2  H N N 29  
ARG HB3  H N N 30  
ARG HG2  H N N 31  
ARG HG3  H N N 32  
ARG HD2  H N N 33  
ARG HD3  H N N 34  
ARG HE   H N N 35  
ARG HH11 H N N 36  
ARG HH12 H N N 37  
ARG HH21 H N N 38  
ARG HH22 H N N 39  
ARG HXT  H N N 40  
ASN N    N N N 41  
ASN CA   C N S 42  
ASN C    C N N 43  
ASN O    O N N 44  
ASN CB   C N N 45  
ASN CG   C N N 46  
ASN OD1  O N N 47  
ASN ND2  N N N 48  
ASN OXT  O N N 49  
ASN H    H N N 50  
ASN H2   H N N 51  
ASN HA   H N N 52  
ASN HB2  H N N 53  
ASN HB3  H N N 54  
ASN HD21 H N N 55  
ASN HD22 H N N 56  
ASN HXT  H N N 57  
ASP N    N N N 58  
ASP CA   C N S 59  
ASP C    C N N 60  
ASP O    O N N 61  
ASP CB   C N N 62  
ASP CG   C N N 63  
ASP OD1  O N N 64  
ASP OD2  O N N 65  
ASP OXT  O N N 66  
ASP H    H N N 67  
ASP H2   H N N 68  
ASP HA   H N N 69  
ASP HB2  H N N 70  
ASP HB3  H N N 71  
ASP HD2  H N N 72  
ASP HXT  H N N 73  
CYS N    N N N 74  
CYS CA   C N R 75  
CYS C    C N N 76  
CYS O    O N N 77  
CYS CB   C N N 78  
CYS SG   S N N 79  
CYS OXT  O N N 80  
CYS H    H N N 81  
CYS H2   H N N 82  
CYS HA   H N N 83  
CYS HB2  H N N 84  
CYS HB3  H N N 85  
CYS HG   H N N 86  
CYS HXT  H N N 87  
GLN N    N N N 88  
GLN CA   C N S 89  
GLN C    C N N 90  
GLN O    O N N 91  
GLN CB   C N N 92  
GLN CG   C N N 93  
GLN CD   C N N 94  
GLN OE1  O N N 95  
GLN NE2  N N N 96  
GLN OXT  O N N 97  
GLN H    H N N 98  
GLN H2   H N N 99  
GLN HA   H N N 100 
GLN HB2  H N N 101 
GLN HB3  H N N 102 
GLN HG2  H N N 103 
GLN HG3  H N N 104 
GLN HE21 H N N 105 
GLN HE22 H N N 106 
GLN HXT  H N N 107 
GLU N    N N N 108 
GLU CA   C N S 109 
GLU C    C N N 110 
GLU O    O N N 111 
GLU CB   C N N 112 
GLU CG   C N N 113 
GLU CD   C N N 114 
GLU OE1  O N N 115 
GLU OE2  O N N 116 
GLU OXT  O N N 117 
GLU H    H N N 118 
GLU H2   H N N 119 
GLU HA   H N N 120 
GLU HB2  H N N 121 
GLU HB3  H N N 122 
GLU HG2  H N N 123 
GLU HG3  H N N 124 
GLU HE2  H N N 125 
GLU HXT  H N N 126 
GLY N    N N N 127 
GLY CA   C N N 128 
GLY C    C N N 129 
GLY O    O N N 130 
GLY OXT  O N N 131 
GLY H    H N N 132 
GLY H2   H N N 133 
GLY HA2  H N N 134 
GLY HA3  H N N 135 
GLY HXT  H N N 136 
HIS N    N N N 137 
HIS CA   C N S 138 
HIS C    C N N 139 
HIS O    O N N 140 
HIS CB   C N N 141 
HIS CG   C Y N 142 
HIS ND1  N Y N 143 
HIS CD2  C Y N 144 
HIS CE1  C Y N 145 
HIS NE2  N Y N 146 
HIS OXT  O N N 147 
HIS H    H N N 148 
HIS H2   H N N 149 
HIS HA   H N N 150 
HIS HB2  H N N 151 
HIS HB3  H N N 152 
HIS HD1  H N N 153 
HIS HD2  H N N 154 
HIS HE1  H N N 155 
HIS HE2  H N N 156 
HIS HXT  H N N 157 
HOH O    O N N 158 
HOH H1   H N N 159 
HOH H2   H N N 160 
ILE N    N N N 161 
ILE CA   C N S 162 
ILE C    C N N 163 
ILE O    O N N 164 
ILE CB   C N S 165 
ILE CG1  C N N 166 
ILE CG2  C N N 167 
ILE CD1  C N N 168 
ILE OXT  O N N 169 
ILE H    H N N 170 
ILE H2   H N N 171 
ILE HA   H N N 172 
ILE HB   H N N 173 
ILE HG12 H N N 174 
ILE HG13 H N N 175 
ILE HG21 H N N 176 
ILE HG22 H N N 177 
ILE HG23 H N N 178 
ILE HD11 H N N 179 
ILE HD12 H N N 180 
ILE HD13 H N N 181 
ILE HXT  H N N 182 
LEU N    N N N 183 
LEU CA   C N S 184 
LEU C    C N N 185 
LEU O    O N N 186 
LEU CB   C N N 187 
LEU CG   C N N 188 
LEU CD1  C N N 189 
LEU CD2  C N N 190 
LEU OXT  O N N 191 
LEU H    H N N 192 
LEU H2   H N N 193 
LEU HA   H N N 194 
LEU HB2  H N N 195 
LEU HB3  H N N 196 
LEU HG   H N N 197 
LEU HD11 H N N 198 
LEU HD12 H N N 199 
LEU HD13 H N N 200 
LEU HD21 H N N 201 
LEU HD22 H N N 202 
LEU HD23 H N N 203 
LEU HXT  H N N 204 
LYS N    N N N 205 
LYS CA   C N S 206 
LYS C    C N N 207 
LYS O    O N N 208 
LYS CB   C N N 209 
LYS CG   C N N 210 
LYS CD   C N N 211 
LYS CE   C N N 212 
LYS NZ   N N N 213 
LYS OXT  O N N 214 
LYS H    H N N 215 
LYS H2   H N N 216 
LYS HA   H N N 217 
LYS HB2  H N N 218 
LYS HB3  H N N 219 
LYS HG2  H N N 220 
LYS HG3  H N N 221 
LYS HD2  H N N 222 
LYS HD3  H N N 223 
LYS HE2  H N N 224 
LYS HE3  H N N 225 
LYS HZ1  H N N 226 
LYS HZ2  H N N 227 
LYS HZ3  H N N 228 
LYS HXT  H N N 229 
MET N    N N N 230 
MET CA   C N S 231 
MET C    C N N 232 
MET O    O N N 233 
MET CB   C N N 234 
MET CG   C N N 235 
MET SD   S N N 236 
MET CE   C N N 237 
MET OXT  O N N 238 
MET H    H N N 239 
MET H2   H N N 240 
MET HA   H N N 241 
MET HB2  H N N 242 
MET HB3  H N N 243 
MET HG2  H N N 244 
MET HG3  H N N 245 
MET HE1  H N N 246 
MET HE2  H N N 247 
MET HE3  H N N 248 
MET HXT  H N N 249 
MK1 N1   N N N 250 
MK1 C1   C N N 251 
MK1 C2   C N S 252 
MK1 C3   C N N 253 
MK1 O1   O N N 254 
MK1 N2   N N N 255 
MK1 C4   C N N 256 
MK1 C5   C N N 257 
MK1 C6   C N N 258 
MK1 C7   C N N 259 
MK1 N3   N N N 260 
MK1 C8   C N N 261 
MK1 C9   C N N 262 
MK1 C10  C N N 263 
MK1 C11  C N S 264 
MK1 O2   O N N 265 
MK1 C12  C N N 266 
MK1 C13  C N R 267 
MK1 C14  C N N 268 
MK1 C15  C Y N 269 
MK1 C16  C Y N 270 
MK1 C17  C Y N 271 
MK1 C18  C Y N 272 
MK1 C19  C Y N 273 
MK1 C20  C Y N 274 
MK1 C21  C N N 275 
MK1 O3   O N N 276 
MK1 N4   N N N 277 
MK1 C22  C N S 278 
MK1 C23  C N R 279 
MK1 O4   O N N 280 
MK1 C24  C N N 281 
MK1 C25  C Y N 282 
MK1 C26  C Y N 283 
MK1 C27  C Y N 284 
MK1 C28  C Y N 285 
MK1 C29  C Y N 286 
MK1 C30  C Y N 287 
MK1 C31  C N N 288 
MK1 C32  C Y N 289 
MK1 C33  C Y N 290 
MK1 N5   N Y N 291 
MK1 C34  C Y N 292 
MK1 C35  C Y N 293 
MK1 C36  C Y N 294 
MK1 H11A H N N 295 
MK1 H12  H N N 296 
MK1 H2   H N N 297 
MK1 HN2  H N N 298 
MK1 H51  H N N 299 
MK1 H52  H N N 300 
MK1 H53  H N N 301 
MK1 H61  H N N 302 
MK1 H62  H N N 303 
MK1 H63  H N N 304 
MK1 H71  H N N 305 
MK1 H72  H N N 306 
MK1 H73  H N N 307 
MK1 H81  H N N 308 
MK1 H82  H N N 309 
MK1 H91  H N N 310 
MK1 H92  H N N 311 
MK1 H101 H N N 312 
MK1 H102 H N N 313 
MK1 H11  H N N 314 
MK1 HO2  H N N 315 
MK1 H121 H N N 316 
MK1 H122 H N N 317 
MK1 H13  H N N 318 
MK1 H141 H N N 319 
MK1 H142 H N N 320 
MK1 H16  H N N 321 
MK1 H17  H N N 322 
MK1 H18  H N N 323 
MK1 H19  H N N 324 
MK1 H20  H N N 325 
MK1 HN4  H N N 326 
MK1 H22  H N N 327 
MK1 H23  H N N 328 
MK1 HO4  H N N 329 
MK1 H241 H N N 330 
MK1 H242 H N N 331 
MK1 H26  H N N 332 
MK1 H27  H N N 333 
MK1 H28  H N N 334 
MK1 H29  H N N 335 
MK1 H311 H N N 336 
MK1 H312 H N N 337 
MK1 H33  H N N 338 
MK1 H34  H N N 339 
MK1 H35  H N N 340 
MK1 H36  H N N 341 
PHE N    N N N 342 
PHE CA   C N S 343 
PHE C    C N N 344 
PHE O    O N N 345 
PHE CB   C N N 346 
PHE CG   C Y N 347 
PHE CD1  C Y N 348 
PHE CD2  C Y N 349 
PHE CE1  C Y N 350 
PHE CE2  C Y N 351 
PHE CZ   C Y N 352 
PHE OXT  O N N 353 
PHE H    H N N 354 
PHE H2   H N N 355 
PHE HA   H N N 356 
PHE HB2  H N N 357 
PHE HB3  H N N 358 
PHE HD1  H N N 359 
PHE HD2  H N N 360 
PHE HE1  H N N 361 
PHE HE2  H N N 362 
PHE HZ   H N N 363 
PHE HXT  H N N 364 
PRO N    N N N 365 
PRO CA   C N S 366 
PRO C    C N N 367 
PRO O    O N N 368 
PRO CB   C N N 369 
PRO CG   C N N 370 
PRO CD   C N N 371 
PRO OXT  O N N 372 
PRO H    H N N 373 
PRO HA   H N N 374 
PRO HB2  H N N 375 
PRO HB3  H N N 376 
PRO HG2  H N N 377 
PRO HG3  H N N 378 
PRO HD2  H N N 379 
PRO HD3  H N N 380 
PRO HXT  H N N 381 
SER N    N N N 382 
SER CA   C N S 383 
SER C    C N N 384 
SER O    O N N 385 
SER CB   C N N 386 
SER OG   O N N 387 
SER OXT  O N N 388 
SER H    H N N 389 
SER H2   H N N 390 
SER HA   H N N 391 
SER HB2  H N N 392 
SER HB3  H N N 393 
SER HG   H N N 394 
SER HXT  H N N 395 
THR N    N N N 396 
THR CA   C N S 397 
THR C    C N N 398 
THR O    O N N 399 
THR CB   C N R 400 
THR OG1  O N N 401 
THR CG2  C N N 402 
THR OXT  O N N 403 
THR H    H N N 404 
THR H2   H N N 405 
THR HA   H N N 406 
THR HB   H N N 407 
THR HG1  H N N 408 
THR HG21 H N N 409 
THR HG22 H N N 410 
THR HG23 H N N 411 
THR HXT  H N N 412 
TRP N    N N N 413 
TRP CA   C N S 414 
TRP C    C N N 415 
TRP O    O N N 416 
TRP CB   C N N 417 
TRP CG   C Y N 418 
TRP CD1  C Y N 419 
TRP CD2  C Y N 420 
TRP NE1  N Y N 421 
TRP CE2  C Y N 422 
TRP CE3  C Y N 423 
TRP CZ2  C Y N 424 
TRP CZ3  C Y N 425 
TRP CH2  C Y N 426 
TRP OXT  O N N 427 
TRP H    H N N 428 
TRP H2   H N N 429 
TRP HA   H N N 430 
TRP HB2  H N N 431 
TRP HB3  H N N 432 
TRP HD1  H N N 433 
TRP HE1  H N N 434 
TRP HE3  H N N 435 
TRP HZ2  H N N 436 
TRP HZ3  H N N 437 
TRP HH2  H N N 438 
TRP HXT  H N N 439 
TYR N    N N N 440 
TYR CA   C N S 441 
TYR C    C N N 442 
TYR O    O N N 443 
TYR CB   C N N 444 
TYR CG   C Y N 445 
TYR CD1  C Y N 446 
TYR CD2  C Y N 447 
TYR CE1  C Y N 448 
TYR CE2  C Y N 449 
TYR CZ   C Y N 450 
TYR OH   O N N 451 
TYR OXT  O N N 452 
TYR H    H N N 453 
TYR H2   H N N 454 
TYR HA   H N N 455 
TYR HB2  H N N 456 
TYR HB3  H N N 457 
TYR HD1  H N N 458 
TYR HD2  H N N 459 
TYR HE1  H N N 460 
TYR HE2  H N N 461 
TYR HH   H N N 462 
TYR HXT  H N N 463 
VAL N    N N N 464 
VAL CA   C N S 465 
VAL C    C N N 466 
VAL O    O N N 467 
VAL CB   C N N 468 
VAL CG1  C N N 469 
VAL CG2  C N N 470 
VAL OXT  O N N 471 
VAL H    H N N 472 
VAL H2   H N N 473 
VAL HA   H N N 474 
VAL HB   H N N 475 
VAL HG11 H N N 476 
VAL HG12 H N N 477 
VAL HG13 H N N 478 
VAL HG21 H N N 479 
VAL HG22 H N N 480 
VAL HG23 H N N 481 
VAL HXT  H N N 482 
# 
loop_
_chem_comp_bond.comp_id 
_chem_comp_bond.atom_id_1 
_chem_comp_bond.atom_id_2 
_chem_comp_bond.value_order 
_chem_comp_bond.pdbx_aromatic_flag 
_chem_comp_bond.pdbx_stereo_config 
_chem_comp_bond.pdbx_ordinal 
ALA N   CA   sing N N 1   
ALA N   H    sing N N 2   
ALA N   H2   sing N N 3   
ALA CA  C    sing N N 4   
ALA CA  CB   sing N N 5   
ALA CA  HA   sing N N 6   
ALA C   O    doub N N 7   
ALA C   OXT  sing N N 8   
ALA CB  HB1  sing N N 9   
ALA CB  HB2  sing N N 10  
ALA CB  HB3  sing N N 11  
ALA OXT HXT  sing N N 12  
ARG N   CA   sing N N 13  
ARG N   H    sing N N 14  
ARG N   H2   sing N N 15  
ARG CA  C    sing N N 16  
ARG CA  CB   sing N N 17  
ARG CA  HA   sing N N 18  
ARG C   O    doub N N 19  
ARG C   OXT  sing N N 20  
ARG CB  CG   sing N N 21  
ARG CB  HB2  sing N N 22  
ARG CB  HB3  sing N N 23  
ARG CG  CD   sing N N 24  
ARG CG  HG2  sing N N 25  
ARG CG  HG3  sing N N 26  
ARG CD  NE   sing N N 27  
ARG CD  HD2  sing N N 28  
ARG CD  HD3  sing N N 29  
ARG NE  CZ   sing N N 30  
ARG NE  HE   sing N N 31  
ARG CZ  NH1  sing N N 32  
ARG CZ  NH2  doub N N 33  
ARG NH1 HH11 sing N N 34  
ARG NH1 HH12 sing N N 35  
ARG NH2 HH21 sing N N 36  
ARG NH2 HH22 sing N N 37  
ARG OXT HXT  sing N N 38  
ASN N   CA   sing N N 39  
ASN N   H    sing N N 40  
ASN N   H2   sing N N 41  
ASN CA  C    sing N N 42  
ASN CA  CB   sing N N 43  
ASN CA  HA   sing N N 44  
ASN C   O    doub N N 45  
ASN C   OXT  sing N N 46  
ASN CB  CG   sing N N 47  
ASN CB  HB2  sing N N 48  
ASN CB  HB3  sing N N 49  
ASN CG  OD1  doub N N 50  
ASN CG  ND2  sing N N 51  
ASN ND2 HD21 sing N N 52  
ASN ND2 HD22 sing N N 53  
ASN OXT HXT  sing N N 54  
ASP N   CA   sing N N 55  
ASP N   H    sing N N 56  
ASP N   H2   sing N N 57  
ASP CA  C    sing N N 58  
ASP CA  CB   sing N N 59  
ASP CA  HA   sing N N 60  
ASP C   O    doub N N 61  
ASP C   OXT  sing N N 62  
ASP CB  CG   sing N N 63  
ASP CB  HB2  sing N N 64  
ASP CB  HB3  sing N N 65  
ASP CG  OD1  doub N N 66  
ASP CG  OD2  sing N N 67  
ASP OD2 HD2  sing N N 68  
ASP OXT HXT  sing N N 69  
CYS N   CA   sing N N 70  
CYS N   H    sing N N 71  
CYS N   H2   sing N N 72  
CYS CA  C    sing N N 73  
CYS CA  CB   sing N N 74  
CYS CA  HA   sing N N 75  
CYS C   O    doub N N 76  
CYS C   OXT  sing N N 77  
CYS CB  SG   sing N N 78  
CYS CB  HB2  sing N N 79  
CYS CB  HB3  sing N N 80  
CYS SG  HG   sing N N 81  
CYS OXT HXT  sing N N 82  
GLN N   CA   sing N N 83  
GLN N   H    sing N N 84  
GLN N   H2   sing N N 85  
GLN CA  C    sing N N 86  
GLN CA  CB   sing N N 87  
GLN CA  HA   sing N N 88  
GLN C   O    doub N N 89  
GLN C   OXT  sing N N 90  
GLN CB  CG   sing N N 91  
GLN CB  HB2  sing N N 92  
GLN CB  HB3  sing N N 93  
GLN CG  CD   sing N N 94  
GLN CG  HG2  sing N N 95  
GLN CG  HG3  sing N N 96  
GLN CD  OE1  doub N N 97  
GLN CD  NE2  sing N N 98  
GLN NE2 HE21 sing N N 99  
GLN NE2 HE22 sing N N 100 
GLN OXT HXT  sing N N 101 
GLU N   CA   sing N N 102 
GLU N   H    sing N N 103 
GLU N   H2   sing N N 104 
GLU CA  C    sing N N 105 
GLU CA  CB   sing N N 106 
GLU CA  HA   sing N N 107 
GLU C   O    doub N N 108 
GLU C   OXT  sing N N 109 
GLU CB  CG   sing N N 110 
GLU CB  HB2  sing N N 111 
GLU CB  HB3  sing N N 112 
GLU CG  CD   sing N N 113 
GLU CG  HG2  sing N N 114 
GLU CG  HG3  sing N N 115 
GLU CD  OE1  doub N N 116 
GLU CD  OE2  sing N N 117 
GLU OE2 HE2  sing N N 118 
GLU OXT HXT  sing N N 119 
GLY N   CA   sing N N 120 
GLY N   H    sing N N 121 
GLY N   H2   sing N N 122 
GLY CA  C    sing N N 123 
GLY CA  HA2  sing N N 124 
GLY CA  HA3  sing N N 125 
GLY C   O    doub N N 126 
GLY C   OXT  sing N N 127 
GLY OXT HXT  sing N N 128 
HIS N   CA   sing N N 129 
HIS N   H    sing N N 130 
HIS N   H2   sing N N 131 
HIS CA  C    sing N N 132 
HIS CA  CB   sing N N 133 
HIS CA  HA   sing N N 134 
HIS C   O    doub N N 135 
HIS C   OXT  sing N N 136 
HIS CB  CG   sing N N 137 
HIS CB  HB2  sing N N 138 
HIS CB  HB3  sing N N 139 
HIS CG  ND1  sing Y N 140 
HIS CG  CD2  doub Y N 141 
HIS ND1 CE1  doub Y N 142 
HIS ND1 HD1  sing N N 143 
HIS CD2 NE2  sing Y N 144 
HIS CD2 HD2  sing N N 145 
HIS CE1 NE2  sing Y N 146 
HIS CE1 HE1  sing N N 147 
HIS NE2 HE2  sing N N 148 
HIS OXT HXT  sing N N 149 
HOH O   H1   sing N N 150 
HOH O   H2   sing N N 151 
ILE N   CA   sing N N 152 
ILE N   H    sing N N 153 
ILE N   H2   sing N N 154 
ILE CA  C    sing N N 155 
ILE CA  CB   sing N N 156 
ILE CA  HA   sing N N 157 
ILE C   O    doub N N 158 
ILE C   OXT  sing N N 159 
ILE CB  CG1  sing N N 160 
ILE CB  CG2  sing N N 161 
ILE CB  HB   sing N N 162 
ILE CG1 CD1  sing N N 163 
ILE CG1 HG12 sing N N 164 
ILE CG1 HG13 sing N N 165 
ILE CG2 HG21 sing N N 166 
ILE CG2 HG22 sing N N 167 
ILE CG2 HG23 sing N N 168 
ILE CD1 HD11 sing N N 169 
ILE CD1 HD12 sing N N 170 
ILE CD1 HD13 sing N N 171 
ILE OXT HXT  sing N N 172 
LEU N   CA   sing N N 173 
LEU N   H    sing N N 174 
LEU N   H2   sing N N 175 
LEU CA  C    sing N N 176 
LEU CA  CB   sing N N 177 
LEU CA  HA   sing N N 178 
LEU C   O    doub N N 179 
LEU C   OXT  sing N N 180 
LEU CB  CG   sing N N 181 
LEU CB  HB2  sing N N 182 
LEU CB  HB3  sing N N 183 
LEU CG  CD1  sing N N 184 
LEU CG  CD2  sing N N 185 
LEU CG  HG   sing N N 186 
LEU CD1 HD11 sing N N 187 
LEU CD1 HD12 sing N N 188 
LEU CD1 HD13 sing N N 189 
LEU CD2 HD21 sing N N 190 
LEU CD2 HD22 sing N N 191 
LEU CD2 HD23 sing N N 192 
LEU OXT HXT  sing N N 193 
LYS N   CA   sing N N 194 
LYS N   H    sing N N 195 
LYS N   H2   sing N N 196 
LYS CA  C    sing N N 197 
LYS CA  CB   sing N N 198 
LYS CA  HA   sing N N 199 
LYS C   O    doub N N 200 
LYS C   OXT  sing N N 201 
LYS CB  CG   sing N N 202 
LYS CB  HB2  sing N N 203 
LYS CB  HB3  sing N N 204 
LYS CG  CD   sing N N 205 
LYS CG  HG2  sing N N 206 
LYS CG  HG3  sing N N 207 
LYS CD  CE   sing N N 208 
LYS CD  HD2  sing N N 209 
LYS CD  HD3  sing N N 210 
LYS CE  NZ   sing N N 211 
LYS CE  HE2  sing N N 212 
LYS CE  HE3  sing N N 213 
LYS NZ  HZ1  sing N N 214 
LYS NZ  HZ2  sing N N 215 
LYS NZ  HZ3  sing N N 216 
LYS OXT HXT  sing N N 217 
MET N   CA   sing N N 218 
MET N   H    sing N N 219 
MET N   H2   sing N N 220 
MET CA  C    sing N N 221 
MET CA  CB   sing N N 222 
MET CA  HA   sing N N 223 
MET C   O    doub N N 224 
MET C   OXT  sing N N 225 
MET CB  CG   sing N N 226 
MET CB  HB2  sing N N 227 
MET CB  HB3  sing N N 228 
MET CG  SD   sing N N 229 
MET CG  HG2  sing N N 230 
MET CG  HG3  sing N N 231 
MET SD  CE   sing N N 232 
MET CE  HE1  sing N N 233 
MET CE  HE2  sing N N 234 
MET CE  HE3  sing N N 235 
MET OXT HXT  sing N N 236 
MK1 N1  C1   sing N N 237 
MK1 N1  C9   sing N N 238 
MK1 N1  C31  sing N N 239 
MK1 C1  C2   sing N N 240 
MK1 C1  H11A sing N N 241 
MK1 C1  H12  sing N N 242 
MK1 C2  C3   sing N N 243 
MK1 C2  N3   sing N N 244 
MK1 C2  H2   sing N N 245 
MK1 C3  O1   doub N N 246 
MK1 C3  N2   sing N N 247 
MK1 N2  C4   sing N N 248 
MK1 N2  HN2  sing N N 249 
MK1 C4  C5   sing N N 250 
MK1 C4  C6   sing N N 251 
MK1 C4  C7   sing N N 252 
MK1 C5  H51  sing N N 253 
MK1 C5  H52  sing N N 254 
MK1 C5  H53  sing N N 255 
MK1 C6  H61  sing N N 256 
MK1 C6  H62  sing N N 257 
MK1 C6  H63  sing N N 258 
MK1 C7  H71  sing N N 259 
MK1 C7  H72  sing N N 260 
MK1 C7  H73  sing N N 261 
MK1 N3  C8   sing N N 262 
MK1 N3  C10  sing N N 263 
MK1 C8  C9   sing N N 264 
MK1 C8  H81  sing N N 265 
MK1 C8  H82  sing N N 266 
MK1 C9  H91  sing N N 267 
MK1 C9  H92  sing N N 268 
MK1 C10 C11  sing N N 269 
MK1 C10 H101 sing N N 270 
MK1 C10 H102 sing N N 271 
MK1 C11 O2   sing N N 272 
MK1 C11 C12  sing N N 273 
MK1 C11 H11  sing N N 274 
MK1 O2  HO2  sing N N 275 
MK1 C12 C13  sing N N 276 
MK1 C12 H121 sing N N 277 
MK1 C12 H122 sing N N 278 
MK1 C13 C14  sing N N 279 
MK1 C13 C21  sing N N 280 
MK1 C13 H13  sing N N 281 
MK1 C14 C15  sing N N 282 
MK1 C14 H141 sing N N 283 
MK1 C14 H142 sing N N 284 
MK1 C15 C16  doub Y N 285 
MK1 C15 C20  sing Y N 286 
MK1 C16 C17  sing Y N 287 
MK1 C16 H16  sing N N 288 
MK1 C17 C18  doub Y N 289 
MK1 C17 H17  sing N N 290 
MK1 C18 C19  sing Y N 291 
MK1 C18 H18  sing N N 292 
MK1 C19 C20  doub Y N 293 
MK1 C19 H19  sing N N 294 
MK1 C20 H20  sing N N 295 
MK1 C21 O3   doub N N 296 
MK1 C21 N4   sing N N 297 
MK1 N4  C22  sing N N 298 
MK1 N4  HN4  sing N N 299 
MK1 C22 C23  sing N N 300 
MK1 C22 C30  sing N N 301 
MK1 C22 H22  sing N N 302 
MK1 C23 O4   sing N N 303 
MK1 C23 C24  sing N N 304 
MK1 C23 H23  sing N N 305 
MK1 O4  HO4  sing N N 306 
MK1 C24 C25  sing N N 307 
MK1 C24 H241 sing N N 308 
MK1 C24 H242 sing N N 309 
MK1 C25 C26  doub Y N 310 
MK1 C25 C30  sing Y N 311 
MK1 C26 C27  sing Y N 312 
MK1 C26 H26  sing N N 313 
MK1 C27 C28  doub Y N 314 
MK1 C27 H27  sing N N 315 
MK1 C28 C29  sing Y N 316 
MK1 C28 H28  sing N N 317 
MK1 C29 C30  doub Y N 318 
MK1 C29 H29  sing N N 319 
MK1 C31 C32  sing N N 320 
MK1 C31 H311 sing N N 321 
MK1 C31 H312 sing N N 322 
MK1 C32 C33  sing Y N 323 
MK1 C32 C36  doub Y N 324 
MK1 C33 N5   doub Y N 325 
MK1 C33 H33  sing N N 326 
MK1 N5  C34  sing Y N 327 
MK1 C34 C35  doub Y N 328 
MK1 C34 H34  sing N N 329 
MK1 C35 C36  sing Y N 330 
MK1 C35 H35  sing N N 331 
MK1 C36 H36  sing N N 332 
PHE N   CA   sing N N 333 
PHE N   H    sing N N 334 
PHE N   H2   sing N N 335 
PHE CA  C    sing N N 336 
PHE CA  CB   sing N N 337 
PHE CA  HA   sing N N 338 
PHE C   O    doub N N 339 
PHE C   OXT  sing N N 340 
PHE CB  CG   sing N N 341 
PHE CB  HB2  sing N N 342 
PHE CB  HB3  sing N N 343 
PHE CG  CD1  doub Y N 344 
PHE CG  CD2  sing Y N 345 
PHE CD1 CE1  sing Y N 346 
PHE CD1 HD1  sing N N 347 
PHE CD2 CE2  doub Y N 348 
PHE CD2 HD2  sing N N 349 
PHE CE1 CZ   doub Y N 350 
PHE CE1 HE1  sing N N 351 
PHE CE2 CZ   sing Y N 352 
PHE CE2 HE2  sing N N 353 
PHE CZ  HZ   sing N N 354 
PHE OXT HXT  sing N N 355 
PRO N   CA   sing N N 356 
PRO N   CD   sing N N 357 
PRO N   H    sing N N 358 
PRO CA  C    sing N N 359 
PRO CA  CB   sing N N 360 
PRO CA  HA   sing N N 361 
PRO C   O    doub N N 362 
PRO C   OXT  sing N N 363 
PRO CB  CG   sing N N 364 
PRO CB  HB2  sing N N 365 
PRO CB  HB3  sing N N 366 
PRO CG  CD   sing N N 367 
PRO CG  HG2  sing N N 368 
PRO CG  HG3  sing N N 369 
PRO CD  HD2  sing N N 370 
PRO CD  HD3  sing N N 371 
PRO OXT HXT  sing N N 372 
SER N   CA   sing N N 373 
SER N   H    sing N N 374 
SER N   H2   sing N N 375 
SER CA  C    sing N N 376 
SER CA  CB   sing N N 377 
SER CA  HA   sing N N 378 
SER C   O    doub N N 379 
SER C   OXT  sing N N 380 
SER CB  OG   sing N N 381 
SER CB  HB2  sing N N 382 
SER CB  HB3  sing N N 383 
SER OG  HG   sing N N 384 
SER OXT HXT  sing N N 385 
THR N   CA   sing N N 386 
THR N   H    sing N N 387 
THR N   H2   sing N N 388 
THR CA  C    sing N N 389 
THR CA  CB   sing N N 390 
THR CA  HA   sing N N 391 
THR C   O    doub N N 392 
THR C   OXT  sing N N 393 
THR CB  OG1  sing N N 394 
THR CB  CG2  sing N N 395 
THR CB  HB   sing N N 396 
THR OG1 HG1  sing N N 397 
THR CG2 HG21 sing N N 398 
THR CG2 HG22 sing N N 399 
THR CG2 HG23 sing N N 400 
THR OXT HXT  sing N N 401 
TRP N   CA   sing N N 402 
TRP N   H    sing N N 403 
TRP N   H2   sing N N 404 
TRP CA  C    sing N N 405 
TRP CA  CB   sing N N 406 
TRP CA  HA   sing N N 407 
TRP C   O    doub N N 408 
TRP C   OXT  sing N N 409 
TRP CB  CG   sing N N 410 
TRP CB  HB2  sing N N 411 
TRP CB  HB3  sing N N 412 
TRP CG  CD1  doub Y N 413 
TRP CG  CD2  sing Y N 414 
TRP CD1 NE1  sing Y N 415 
TRP CD1 HD1  sing N N 416 
TRP CD2 CE2  doub Y N 417 
TRP CD2 CE3  sing Y N 418 
TRP NE1 CE2  sing Y N 419 
TRP NE1 HE1  sing N N 420 
TRP CE2 CZ2  sing Y N 421 
TRP CE3 CZ3  doub Y N 422 
TRP CE3 HE3  sing N N 423 
TRP CZ2 CH2  doub Y N 424 
TRP CZ2 HZ2  sing N N 425 
TRP CZ3 CH2  sing Y N 426 
TRP CZ3 HZ3  sing N N 427 
TRP CH2 HH2  sing N N 428 
TRP OXT HXT  sing N N 429 
TYR N   CA   sing N N 430 
TYR N   H    sing N N 431 
TYR N   H2   sing N N 432 
TYR CA  C    sing N N 433 
TYR CA  CB   sing N N 434 
TYR CA  HA   sing N N 435 
TYR C   O    doub N N 436 
TYR C   OXT  sing N N 437 
TYR CB  CG   sing N N 438 
TYR CB  HB2  sing N N 439 
TYR CB  HB3  sing N N 440 
TYR CG  CD1  doub Y N 441 
TYR CG  CD2  sing Y N 442 
TYR CD1 CE1  sing Y N 443 
TYR CD1 HD1  sing N N 444 
TYR CD2 CE2  doub Y N 445 
TYR CD2 HD2  sing N N 446 
TYR CE1 CZ   doub Y N 447 
TYR CE1 HE1  sing N N 448 
TYR CE2 CZ   sing Y N 449 
TYR CE2 HE2  sing N N 450 
TYR CZ  OH   sing N N 451 
TYR OH  HH   sing N N 452 
TYR OXT HXT  sing N N 453 
VAL N   CA   sing N N 454 
VAL N   H    sing N N 455 
VAL N   H2   sing N N 456 
VAL CA  C    sing N N 457 
VAL CA  CB   sing N N 458 
VAL CA  HA   sing N N 459 
VAL C   O    doub N N 460 
VAL C   OXT  sing N N 461 
VAL CB  CG1  sing N N 462 
VAL CB  CG2  sing N N 463 
VAL CB  HB   sing N N 464 
VAL CG1 HG11 sing N N 465 
VAL CG1 HG12 sing N N 466 
VAL CG1 HG13 sing N N 467 
VAL CG2 HG21 sing N N 468 
VAL CG2 HG22 sing N N 469 
VAL CG2 HG23 sing N N 470 
VAL OXT HXT  sing N N 471 
# 
_atom_sites.entry_id                    1SGU 
_atom_sites.fract_transf_matrix[1][1]   0.00525243 
_atom_sites.fract_transf_matrix[1][2]   0.01111592 
_atom_sites.fract_transf_matrix[1][3]   -0.01416145 
_atom_sites.fract_transf_matrix[2][1]   0.01393929 
_atom_sites.fract_transf_matrix[2][2]   0.01231004 
_atom_sites.fract_transf_matrix[2][3]   0.00241541 
_atom_sites.fract_transf_matrix[3][1]   0.00785310 
_atom_sites.fract_transf_matrix[3][2]   -0.00820090 
_atom_sites.fract_transf_matrix[3][3]   -0.00352454 
_atom_sites.fract_transf_vector[1]      0.376211 
_atom_sites.fract_transf_vector[2]      0.000098 
_atom_sites.fract_transf_vector[3]      0.126259 
# 
loop_
_atom_type.symbol 
C 
N 
O 
S 
# 
loop_
_atom_site.group_PDB 
_atom_site.id 
_atom_site.type_symbol 
_atom_site.label_atom_id 
_atom_site.label_alt_id 
_atom_site.label_comp_id 
_atom_site.label_asym_id 
_atom_site.label_entity_id 
_atom_site.label_seq_id 
_atom_site.pdbx_PDB_ins_code 
_atom_site.Cartn_x 
_atom_site.Cartn_y 
_atom_site.Cartn_z 
_atom_site.occupancy 
_atom_site.B_iso_or_equiv 
_atom_site.pdbx_formal_charge 
_atom_site.auth_seq_id 
_atom_site.auth_comp_id 
_atom_site.auth_asym_id 
_atom_site.auth_atom_id 
_atom_site.pdbx_PDB_model_num 
ATOM   1    N N   . PRO A 1 1  ? -5.732  -2.591  -18.200 1.00 27.36 ? 1    PRO A N   1 
ATOM   2    C CA  . PRO A 1 1  ? -6.825  -1.613  -18.025 1.00 26.51 ? 1    PRO A CA  1 
ATOM   3    C C   . PRO A 1 1  ? -6.395  -0.515  -17.056 1.00 24.68 ? 1    PRO A C   1 
ATOM   4    O O   . PRO A 1 1  ? -5.292  -0.548  -16.519 1.00 25.51 ? 1    PRO A O   1 
ATOM   5    C CB  . PRO A 1 1  ? -7.993  -2.384  -17.453 1.00 28.55 ? 1    PRO A CB  1 
ATOM   6    C CG  . PRO A 1 1  ? -7.252  -3.396  -16.583 1.00 28.37 ? 1    PRO A CG  1 
ATOM   7    C CD  . PRO A 1 1  ? -6.042  -3.820  -17.446 1.00 28.86 ? 1    PRO A CD  1 
ATOM   8    N N   . GLN A 1 2  ? -7.276  0.452   -16.837 1.00 22.84 ? 2    GLN A N   1 
ATOM   9    C CA  . GLN A 1 2  ? -7.007  1.545   -15.913 1.00 20.61 ? 2    GLN A CA  1 
ATOM   10   C C   . GLN A 1 2  ? -7.922  1.339   -14.706 1.00 21.31 ? 2    GLN A C   1 
ATOM   11   O O   . GLN A 1 2  ? -9.077  0.922   -14.857 1.00 19.96 ? 2    GLN A O   1 
ATOM   12   C CB  . GLN A 1 2  ? -7.312  2.891   -16.580 1.00 20.42 ? 2    GLN A CB  1 
ATOM   13   C CG  . GLN A 1 2  ? -6.965  4.114   -15.726 1.00 20.26 ? 2    GLN A CG  1 
ATOM   14   C CD  . GLN A 1 2  ? -7.076  5.428   -16.490 1.00 22.15 ? 2    GLN A CD  1 
ATOM   15   O OE1 . GLN A 1 2  ? -8.153  5.825   -16.912 1.00 22.41 ? 2    GLN A OE1 1 
ATOM   16   N NE2 . GLN A 1 2  ? -5.944  6.103   -16.677 1.00 24.71 ? 2    GLN A NE2 1 
ATOM   17   N N   . ILE A 1 3  ? -7.412  1.627   -13.516 1.00 18.59 ? 3    ILE A N   1 
ATOM   18   C CA  . ILE A 1 3  ? -8.198  1.453   -12.308 1.00 20.14 ? 3    ILE A CA  1 
ATOM   19   C C   . ILE A 1 3  ? -8.148  2.716   -11.463 1.00 19.35 ? 3    ILE A C   1 
ATOM   20   O O   . ILE A 1 3  ? -7.069  3.163   -11.086 1.00 21.22 ? 3    ILE A O   1 
ATOM   21   C CB  . ILE A 1 3  ? -7.669  0.256   -11.471 1.00 21.87 ? 3    ILE A CB  1 
ATOM   22   C CG1 . ILE A 1 3  ? -7.634  -1.004  -12.343 1.00 21.97 ? 3    ILE A CG1 1 
ATOM   23   C CG2 . ILE A 1 3  ? -8.573  0.015   -10.261 1.00 18.33 ? 3    ILE A CG2 1 
ATOM   24   C CD1 . ILE A 1 3  ? -6.922  -2.172  -11.710 1.00 24.38 ? 3    ILE A CD1 1 
ATOM   25   N N   . THR A 1 4  ? -9.308  3.306   -11.193 1.00 16.84 ? 4    THR A N   1 
ATOM   26   C CA  . THR A 1 4  ? -9.351  4.502   -10.360 1.00 15.96 ? 4    THR A CA  1 
ATOM   27   C C   . THR A 1 4  ? -9.289  4.025   -8.909  1.00 16.79 ? 4    THR A C   1 
ATOM   28   O O   . THR A 1 4  ? -9.396  2.828   -8.643  1.00 17.52 ? 4    THR A O   1 
ATOM   29   C CB  . THR A 1 4  ? -10.631 5.331   -10.611 1.00 14.77 ? 4    THR A CB  1 
ATOM   30   O OG1 . THR A 1 4  ? -11.785 4.541   -10.322 1.00 15.99 ? 4    THR A OG1 1 
ATOM   31   C CG2 . THR A 1 4  ? -10.687 5.764   -12.064 1.00 16.16 ? 4    THR A CG2 1 
ATOM   32   N N   . LEU A 1 5  ? -9.146  4.945   -7.967  1.00 15.21 ? 5    LEU A N   1 
ATOM   33   C CA  . LEU A 1 5  ? -8.983  4.528   -6.587  1.00 14.53 ? 5    LEU A CA  1 
ATOM   34   C C   . LEU A 1 5  ? -10.092 4.844   -5.604  1.00 14.28 ? 5    LEU A C   1 
ATOM   35   O O   . LEU A 1 5  ? -9.844  4.970   -4.394  1.00 11.74 ? 5    LEU A O   1 
ATOM   36   C CB  . LEU A 1 5  ? -7.634  5.058   -6.086  1.00 14.35 ? 5    LEU A CB  1 
ATOM   37   C CG  . LEU A 1 5  ? -6.438  4.493   -6.880  1.00 15.29 ? 5    LEU A CG  1 
ATOM   38   C CD1 . LEU A 1 5  ? -5.175  5.286   -6.593  1.00 13.46 ? 5    LEU A CD1 1 
ATOM   39   C CD2 . LEU A 1 5  ? -6.240  3.031   -6.528  1.00 14.07 ? 5    LEU A CD2 1 
ATOM   40   N N   . TRP A 1 6  ? -11.321 4.947   -6.106  1.00 14.15 ? 6    TRP A N   1 
ATOM   41   C CA  . TRP A 1 6  ? -12.457 5.226   -5.234  1.00 15.82 ? 6    TRP A CA  1 
ATOM   42   C C   . TRP A 1 6  ? -12.796 3.981   -4.417  1.00 15.15 ? 6    TRP A C   1 
ATOM   43   O O   . TRP A 1 6  ? -13.412 4.057   -3.356  1.00 13.21 ? 6    TRP A O   1 
ATOM   44   C CB  . TRP A 1 6  ? -13.655 5.679   -6.065  1.00 17.48 ? 6    TRP A CB  1 
ATOM   45   C CG  . TRP A 1 6  ? -13.344 6.929   -6.811  1.00 21.10 ? 6    TRP A CG  1 
ATOM   46   C CD1 . TRP A 1 6  ? -12.771 7.031   -8.045  1.00 20.01 ? 6    TRP A CD1 1 
ATOM   47   C CD2 . TRP A 1 6  ? -13.464 8.262   -6.311  1.00 21.15 ? 6    TRP A CD2 1 
ATOM   48   N NE1 . TRP A 1 6  ? -12.518 8.350   -8.342  1.00 21.77 ? 6    TRP A NE1 1 
ATOM   49   C CE2 . TRP A 1 6  ? -12.935 9.127   -7.294  1.00 22.23 ? 6    TRP A CE2 1 
ATOM   50   C CE3 . TRP A 1 6  ? -13.964 8.810   -5.124  1.00 23.59 ? 6    TRP A CE3 1 
ATOM   51   C CZ2 . TRP A 1 6  ? -12.892 10.515  -7.126  1.00 24.69 ? 6    TRP A CZ2 1 
ATOM   52   C CZ3 . TRP A 1 6  ? -13.919 10.194  -4.955  1.00 25.28 ? 6    TRP A CZ3 1 
ATOM   53   C CH2 . TRP A 1 6  ? -13.386 11.028  -5.954  1.00 25.97 ? 6    TRP A CH2 1 
ATOM   54   N N   . GLN A 1 7  ? -12.373 2.829   -4.917  1.00 17.51 ? 7    GLN A N   1 
ATOM   55   C CA  . GLN A 1 7  ? -12.591 1.576   -4.210  1.00 20.28 ? 7    GLN A CA  1 
ATOM   56   C C   . GLN A 1 7  ? -11.251 0.862   -4.143  1.00 18.98 ? 7    GLN A C   1 
ATOM   57   O O   . GLN A 1 7  ? -10.340 1.207   -4.893  1.00 18.45 ? 7    GLN A O   1 
ATOM   58   C CB  . GLN A 1 7  ? -13.632 0.722   -4.942  1.00 23.35 ? 7    GLN A CB  1 
ATOM   59   C CG  . GLN A 1 7  ? -15.029 1.349   -4.891  1.00 28.15 ? 7    GLN A CG  1 
ATOM   60   C CD  . GLN A 1 7  ? -16.131 0.399   -5.326  1.00 31.35 ? 7    GLN A CD  1 
ATOM   61   O OE1 . GLN A 1 7  ? -16.215 0.022   -6.494  1.00 32.56 ? 7    GLN A OE1 1 
ATOM   62   N NE2 . GLN A 1 7  ? -16.983 0.005   -4.379  1.00 30.04 ? 7    GLN A NE2 1 
ATOM   63   N N   . ARG A 1 8  ? -11.125 -0.110  -3.243  1.00 18.39 ? 8    ARG A N   1 
ATOM   64   C CA  . ARG A 1 8  ? -9.882  -0.864  -3.112  1.00 20.02 ? 8    ARG A CA  1 
ATOM   65   C C   . ARG A 1 8  ? -9.548  -1.483  -4.459  1.00 18.31 ? 8    ARG A C   1 
ATOM   66   O O   . ARG A 1 8  ? -10.423 -2.038  -5.131  1.00 17.75 ? 8    ARG A O   1 
ATOM   67   C CB  . ARG A 1 8  ? -10.021 -1.985  -2.077  1.00 24.71 ? 8    ARG A CB  1 
ATOM   68   C CG  . ARG A 1 8  ? -10.161 -1.529  -0.631  1.00 28.63 ? 8    ARG A CG  1 
ATOM   69   C CD  . ARG A 1 8  ? -10.545 -2.720  0.220   1.00 30.98 ? 8    ARG A CD  1 
ATOM   70   N NE  . ARG A 1 8  ? -11.829 -3.269  -0.213  1.00 33.30 ? 8    ARG A NE  1 
ATOM   71   C CZ  . ARG A 1 8  ? -12.170 -4.555  -0.128  1.00 35.19 ? 8    ARG A CZ  1 
ATOM   72   N NH1 . ARG A 1 8  ? -11.320 -5.446  0.375   1.00 33.52 ? 8    ARG A NH1 1 
ATOM   73   N NH2 . ARG A 1 8  ? -13.363 -4.949  -0.549  1.00 33.90 ? 8    ARG A NH2 1 
ATOM   74   N N   . PRO A 1 9  ? -8.273  -1.400  -4.872  1.00 18.28 ? 9    PRO A N   1 
ATOM   75   C CA  . PRO A 1 9  ? -7.791  -1.942  -6.149  1.00 15.75 ? 9    PRO A CA  1 
ATOM   76   C C   . PRO A 1 9  ? -7.646  -3.469  -6.116  1.00 15.83 ? 9    PRO A C   1 
ATOM   77   O O   . PRO A 1 9  ? -6.537  -3.986  -6.141  1.00 13.25 ? 9    PRO A O   1 
ATOM   78   C CB  . PRO A 1 9  ? -6.433  -1.254  -6.327  1.00 16.55 ? 9    PRO A CB  1 
ATOM   79   C CG  . PRO A 1 9  ? -6.438  -0.126  -5.321  1.00 20.07 ? 9    PRO A CG  1 
ATOM   80   C CD  . PRO A 1 9  ? -7.196  -0.678  -4.178  1.00 16.23 ? 9    PRO A CD  1 
ATOM   81   N N   . LEU A 1 10 ? -8.767  -4.182  -6.076  1.00 15.43 ? 10   LEU A N   1 
ATOM   82   C CA  . LEU A 1 10 ? -8.760  -5.648  -6.028  1.00 15.66 ? 10   LEU A CA  1 
ATOM   83   C C   . LEU A 1 10 ? -8.633  -6.324  -7.386  1.00 15.80 ? 10   LEU A C   1 
ATOM   84   O O   . LEU A 1 10 ? -9.220  -5.873  -8.373  1.00 14.99 ? 10   LEU A O   1 
ATOM   85   C CB  . LEU A 1 10 ? -10.053 -6.162  -5.390  1.00 16.46 ? 10   LEU A CB  1 
ATOM   86   C CG  . LEU A 1 10 ? -10.271 -5.993  -3.892  1.00 17.78 ? 10   LEU A CG  1 
ATOM   87   C CD1 . LEU A 1 10 ? -11.717 -6.350  -3.540  1.00 20.56 ? 10   LEU A CD1 1 
ATOM   88   C CD2 . LEU A 1 10 ? -9.294  -6.901  -3.142  1.00 20.50 ? 10   LEU A CD2 1 
ATOM   89   N N   . VAL A 1 11 ? -7.866  -7.409  -7.421  1.00 15.13 ? 11   VAL A N   1 
ATOM   90   C CA  . VAL A 1 11 ? -7.712  -8.207  -8.632  1.00 15.59 ? 11   VAL A CA  1 
ATOM   91   C C   . VAL A 1 11 ? -7.816  -9.662  -8.216  1.00 15.85 ? 11   VAL A C   1 
ATOM   92   O O   . VAL A 1 11 ? -7.452  -10.022 -7.091  1.00 17.17 ? 11   VAL A O   1 
ATOM   93   C CB  . VAL A 1 11 ? -6.344  -8.008  -9.318  1.00 15.10 ? 11   VAL A CB  1 
ATOM   94   C CG1 . VAL A 1 11 ? -6.269  -6.611  -9.935  1.00 17.50 ? 11   VAL A CG1 1 
ATOM   95   C CG2 . VAL A 1 11 ? -5.236  -8.233  -8.332  1.00 14.14 ? 11   VAL A CG2 1 
ATOM   96   N N   . THR A 1 12 ? -8.317  -10.487 -9.121  1.00 14.19 ? 12   THR A N   1 
ATOM   97   C CA  . THR A 1 12 ? -8.458  -11.902 -8.862  1.00 16.22 ? 12   THR A CA  1 
ATOM   98   C C   . THR A 1 12 ? -7.162  -12.555 -9.323  1.00 17.80 ? 12   THR A C   1 
ATOM   99   O O   . THR A 1 12 ? -6.571  -12.158 -10.328 1.00 16.53 ? 12   THR A O   1 
ATOM   100  C CB  . THR A 1 12 ? -9.661  -12.475 -9.637  1.00 19.53 ? 12   THR A CB  1 
ATOM   101  O OG1 . THR A 1 12 ? -10.854 -11.786 -9.220  1.00 18.37 ? 12   THR A OG1 1 
ATOM   102  C CG2 . THR A 1 12 ? -9.823  -13.967 -9.351  1.00 19.42 ? 12   THR A CG2 1 
ATOM   103  N N   . ILE A 1 13 ? -6.696  -13.537 -8.573  1.00 15.48 ? 13   ILE A N   1 
ATOM   104  C CA  . ILE A 1 13 ? -5.466  -14.187 -8.951  1.00 17.09 ? 13   ILE A CA  1 
ATOM   105  C C   . ILE A 1 13 ? -5.586  -15.687 -8.763  1.00 15.49 ? 13   ILE A C   1 
ATOM   106  O O   . ILE A 1 13 ? -6.476  -16.177 -8.058  1.00 14.91 ? 13   ILE A O   1 
ATOM   107  C CB  . ILE A 1 13 ? -4.251  -13.655 -8.123  1.00 22.28 ? 13   ILE A CB  1 
ATOM   108  C CG1 . ILE A 1 13 ? -4.420  -14.010 -6.650  1.00 22.20 ? 13   ILE A CG1 1 
ATOM   109  C CG2 . ILE A 1 13 ? -4.119  -12.132 -8.260  1.00 22.25 ? 13   ILE A CG2 1 
ATOM   110  C CD1 . ILE A 1 13 ? -3.824  -15.355 -6.291  1.00 24.92 ? 13   ILE A CD1 1 
ATOM   111  N N   . LYS A 1 14 ? -4.697  -16.403 -9.435  1.00 15.18 ? 14   LYS A N   1 
ATOM   112  C CA  . LYS A 1 14 ? -4.628  -17.849 -9.345  1.00 16.99 ? 14   LYS A CA  1 
ATOM   113  C C   . LYS A 1 14 ? -3.189  -18.105 -8.949  1.00 16.85 ? 14   LYS A C   1 
ATOM   114  O O   . LYS A 1 14 ? -2.272  -17.626 -9.605  1.00 16.16 ? 14   LYS A O   1 
ATOM   115  C CB  . LYS A 1 14 ? -4.936  -18.508 -10.698 1.00 17.06 ? 14   LYS A CB  1 
ATOM   116  C CG  . LYS A 1 14 ? -4.744  -20.021 -10.677 1.00 20.33 ? 14   LYS A CG  1 
ATOM   117  C CD  . LYS A 1 14 ? -5.293  -20.690 -11.934 1.00 21.03 ? 14   LYS A CD  1 
ATOM   118  C CE  . LYS A 1 14 ? -5.102  -22.199 -11.877 1.00 23.07 ? 14   LYS A CE  1 
ATOM   119  N NZ  . LYS A 1 14 ? -5.670  -22.885 -13.074 1.00 21.66 ? 14   LYS A NZ  1 
ATOM   120  N N   . ILE A 1 15 ? -2.994  -18.843 -7.861  1.00 17.41 ? 15   ILE A N   1 
ATOM   121  C CA  . ILE A 1 15 ? -1.649  -19.133 -7.384  1.00 17.39 ? 15   ILE A CA  1 
ATOM   122  C C   . ILE A 1 15 ? -1.660  -20.526 -6.768  1.00 16.39 ? 15   ILE A C   1 
ATOM   123  O O   . ILE A 1 15 ? -2.469  -20.820 -5.896  1.00 14.15 ? 15   ILE A O   1 
ATOM   124  C CB  . ILE A 1 15 ? -1.191  -18.081 -6.324  1.00 17.80 ? 15   ILE A CB  1 
ATOM   125  C CG1 . ILE A 1 15 ? 0.242   -18.383 -5.869  1.00 20.52 ? 15   ILE A CG1 1 
ATOM   126  C CG2 . ILE A 1 15 ? -2.157  -18.073 -5.136  1.00 16.29 ? 15   ILE A CG2 1 
ATOM   127  C CD1 . ILE A 1 15 ? 0.787   -17.390 -4.843  1.00 19.35 ? 15   ILE A CD1 1 
ATOM   128  N N   . GLY A 1 16 ? -0.765  -21.384 -7.241  1.00 16.49 ? 16   GLY A N   1 
ATOM   129  C CA  . GLY A 1 16 ? -0.715  -22.734 -6.727  1.00 18.32 ? 16   GLY A CA  1 
ATOM   130  C C   . GLY A 1 16 ? -2.044  -23.439 -6.903  1.00 16.45 ? 16   GLY A C   1 
ATOM   131  O O   . GLY A 1 16 ? -2.445  -24.237 -6.056  1.00 17.41 ? 16   GLY A O   1 
ATOM   132  N N   . GLY A 1 17 ? -2.736  -23.131 -7.995  1.00 16.87 ? 17   GLY A N   1 
ATOM   133  C CA  . GLY A 1 17 ? -4.027  -23.752 -8.271  1.00 16.36 ? 17   GLY A CA  1 
ATOM   134  C C   . GLY A 1 17 ? -5.179  -23.237 -7.424  1.00 16.51 ? 17   GLY A C   1 
ATOM   135  O O   . GLY A 1 17 ? -6.309  -23.712 -7.558  1.00 17.82 ? 17   GLY A O   1 
ATOM   136  N N   . GLN A 1 18 ? -4.902  -22.267 -6.555  1.00 15.43 ? 18   GLN A N   1 
ATOM   137  C CA  . GLN A 1 18 ? -5.928  -21.705 -5.682  1.00 14.00 ? 18   GLN A CA  1 
ATOM   138  C C   . GLN A 1 18 ? -6.340  -20.328 -6.179  1.00 14.91 ? 18   GLN A C   1 
ATOM   139  O O   . GLN A 1 18 ? -5.523  -19.593 -6.728  1.00 15.69 ? 18   GLN A O   1 
ATOM   140  C CB  . GLN A 1 18 ? -5.388  -21.606 -4.250  1.00 16.30 ? 18   GLN A CB  1 
ATOM   141  C CG  . GLN A 1 18 ? -5.009  -22.957 -3.651  1.00 17.52 ? 18   GLN A CG  1 
ATOM   142  C CD  . GLN A 1 18 ? -3.849  -22.865 -2.685  1.00 20.94 ? 18   GLN A CD  1 
ATOM   143  O OE1 . GLN A 1 18 ? -4.029  -22.897 -1.470  1.00 19.51 ? 18   GLN A OE1 1 
ATOM   144  N NE2 . GLN A 1 18 ? -2.641  -22.736 -3.228  1.00 21.14 ? 18   GLN A NE2 1 
ATOM   145  N N   . LEU A 1 19 ? -7.607  -19.980 -5.987  1.00 13.75 ? 19   LEU A N   1 
ATOM   146  C CA  . LEU A 1 19 ? -8.104  -18.681 -6.416  1.00 14.78 ? 19   LEU A CA  1 
ATOM   147  C C   . LEU A 1 19 ? -8.242  -17.769 -5.216  1.00 14.73 ? 19   LEU A C   1 
ATOM   148  O O   . LEU A 1 19 ? -8.771  -18.163 -4.187  1.00 14.27 ? 19   LEU A O   1 
ATOM   149  C CB  . LEU A 1 19 ? -9.460  -18.823 -7.104  1.00 17.43 ? 19   LEU A CB  1 
ATOM   150  C CG  . LEU A 1 19 ? -9.503  -19.848 -8.234  1.00 18.48 ? 19   LEU A CG  1 
ATOM   151  C CD1 . LEU A 1 19 ? -10.890 -19.826 -8.871  1.00 18.73 ? 19   LEU A CD1 1 
ATOM   152  C CD2 . LEU A 1 19 ? -8.434  -19.534 -9.269  1.00 19.81 ? 19   LEU A CD2 1 
ATOM   153  N N   . ARG A 1 20 ? -7.764  -16.541 -5.360  1.00 15.19 ? 20   ARG A N   1 
ATOM   154  C CA  . ARG A 1 20 ? -7.829  -15.573 -4.280  1.00 15.56 ? 20   ARG A CA  1 
ATOM   155  C C   . ARG A 1 20 ? -7.977  -14.189 -4.874  1.00 15.74 ? 20   ARG A C   1 
ATOM   156  O O   . ARG A 1 20 ? -7.801  -13.988 -6.073  1.00 15.90 ? 20   ARG A O   1 
ATOM   157  C CB  . ARG A 1 20 ? -6.536  -15.615 -3.445  1.00 17.49 ? 20   ARG A CB  1 
ATOM   158  C CG  . ARG A 1 20 ? -6.292  -16.913 -2.637  1.00 14.57 ? 20   ARG A CG  1 
ATOM   159  C CD  . ARG A 1 20 ? -7.269  -17.063 -1.469  1.00 17.93 ? 20   ARG A CD  1 
ATOM   160  N NE  . ARG A 1 20 ? -6.951  -18.218 -0.624  1.00 16.22 ? 20   ARG A NE  1 
ATOM   161  C CZ  . ARG A 1 20 ? -7.267  -19.478 -0.914  1.00 19.77 ? 20   ARG A CZ  1 
ATOM   162  N NH1 . ARG A 1 20 ? -7.922  -19.758 -2.031  1.00 18.15 ? 20   ARG A NH1 1 
ATOM   163  N NH2 . ARG A 1 20 ? -6.918  -20.463 -0.092  1.00 20.75 ? 20   ARG A NH2 1 
ATOM   164  N N   . GLU A 1 21 ? -8.318  -13.256 -4.019  1.00 14.13 ? 21   GLU A N   1 
ATOM   165  C CA  . GLU A 1 21 ? -8.446  -11.845 -4.342  1.00 14.80 ? 21   GLU A CA  1 
ATOM   166  C C   . GLU A 1 21 ? -7.293  -11.161 -3.638  1.00 14.57 ? 21   GLU A C   1 
ATOM   167  O O   . GLU A 1 21 ? -6.948  -11.545 -2.527  1.00 11.86 ? 21   GLU A O   1 
ATOM   168  C CB  . GLU A 1 21 ? -9.779  -11.264 -3.848  1.00 18.86 ? 21   GLU A CB  1 
ATOM   169  C CG  . GLU A 1 21 ? -10.342 -10.108 -4.679  1.00 24.23 ? 21   GLU A CG  1 
ATOM   170  C CD  . GLU A 1 21 ? -11.865 -10.183 -4.795  1.00 26.20 ? 21   GLU A CD  1 
ATOM   171  O OE1 . GLU A 1 21 ? -12.516 -10.621 -3.826  1.00 26.79 ? 21   GLU A OE1 1 
ATOM   172  O OE2 . GLU A 1 21 ? -12.411 -9.800  -5.856  1.00 27.89 ? 21   GLU A OE2 1 
ATOM   173  N N   . ALA A 1 22 ? -6.668  -10.155 -4.228  1.00 12.75 ? 22   ALA A N   1 
ATOM   174  C CA  . ALA A 1 22 ? -5.568  -9.469  -3.567  1.00 14.12 ? 22   ALA A CA  1 
ATOM   175  C C   . ALA A 1 22 ? -5.629  -7.998  -3.946  1.00 13.99 ? 22   ALA A C   1 
ATOM   176  O O   . ALA A 1 22 ? -6.288  -7.630  -4.922  1.00 12.20 ? 22   ALA A O   1 
ATOM   177  C CB  . ALA A 1 22 ? -4.220  -10.087 -3.983  1.00 13.39 ? 22   ALA A CB  1 
ATOM   178  N N   . LEU A 1 23 ? -4.969  -7.153  -3.165  1.00 14.24 ? 23   LEU A N   1 
ATOM   179  C CA  . LEU A 1 23 ? -4.977  -5.717  -3.440  1.00 16.11 ? 23   LEU A CA  1 
ATOM   180  C C   . LEU A 1 23 ? -3.713  -5.308  -4.211  1.00 16.59 ? 23   LEU A C   1 
ATOM   181  O O   . LEU A 1 23 ? -2.616  -5.691  -3.824  1.00 14.94 ? 23   LEU A O   1 
ATOM   182  C CB  . LEU A 1 23 ? -5.024  -4.947  -2.113  1.00 20.01 ? 23   LEU A CB  1 
ATOM   183  C CG  . LEU A 1 23 ? -5.860  -3.678  -1.911  1.00 24.16 ? 23   LEU A CG  1 
ATOM   184  C CD1 . LEU A 1 23 ? -7.319  -4.044  -1.750  1.00 22.26 ? 23   LEU A CD1 1 
ATOM   185  C CD2 . LEU A 1 23 ? -5.384  -2.963  -0.644  1.00 26.44 ? 23   LEU A CD2 1 
ATOM   186  N N   . LEU A 1 24 ? -3.887  -4.537  -5.297  1.00 14.57 ? 24   LEU A N   1 
ATOM   187  C CA  . LEU A 1 24 ? -2.742  -4.017  -6.023  1.00 17.58 ? 24   LEU A CA  1 
ATOM   188  C C   . LEU A 1 24 ? -2.229  -2.954  -5.100  1.00 17.35 ? 24   LEU A C   1 
ATOM   189  O O   . LEU A 1 24 ? -2.833  -1.882  -4.990  1.00 16.81 ? 24   LEU A O   1 
ATOM   190  C CB  . LEU A 1 24 ? -3.121  -3.487  -7.396  1.00 18.54 ? 24   LEU A CB  1 
ATOM   191  C CG  . LEU A 1 24 ? -3.559  -4.556  -8.398  1.00 18.24 ? 24   LEU A CG  1 
ATOM   192  C CD1 . LEU A 1 24 ? -4.045  -3.901  -9.686  1.00 19.37 ? 24   LEU A CD1 1 
ATOM   193  C CD2 . LEU A 1 24 ? -2.438  -5.530  -8.677  1.00 18.50 ? 24   LEU A CD2 1 
ATOM   194  N N   . ASP A 1 25 ? -1.120  -3.204  -4.419  1.00 16.94 ? 25   ASP A N   1 
ATOM   195  C CA  . ASP A 1 25 ? -0.625  -2.297  -3.395  1.00 15.54 ? 25   ASP A CA  1 
ATOM   196  C C   . ASP A 1 25 ? 0.740   -1.681  -3.674  1.00 15.55 ? 25   ASP A C   1 
ATOM   197  O O   . ASP A 1 25 ? 1.767   -2.309  -3.416  1.00 13.96 ? 25   ASP A O   1 
ATOM   198  C CB  . ASP A 1 25 ? -0.595  -3.084  -2.074  1.00 14.39 ? 25   ASP A CB  1 
ATOM   199  C CG  . ASP A 1 25 ? -0.241  -2.228  -0.883  1.00 16.36 ? 25   ASP A CG  1 
ATOM   200  O OD1 . ASP A 1 25 ? 0.099   -1.047  -1.068  1.00 16.89 ? 25   ASP A OD1 1 
ATOM   201  O OD2 . ASP A 1 25 ? -0.308  -2.740  0.242   1.00 19.20 ? 25   ASP A OD2 1 
ATOM   202  N N   . THR A 1 26 ? 0.741   -0.438  -4.169  1.00 14.88 ? 26   THR A N   1 
ATOM   203  C CA  . THR A 1 26 ? 1.976   0.267   -4.487  1.00 14.19 ? 26   THR A CA  1 
ATOM   204  C C   . THR A 1 26 ? 2.824   0.591   -3.262  1.00 13.55 ? 26   THR A C   1 
ATOM   205  O O   . THR A 1 26 ? 4.011   0.884   -3.393  1.00 13.90 ? 26   THR A O   1 
ATOM   206  C CB  . THR A 1 26 ? 1.697   1.578   -5.248  1.00 12.22 ? 26   THR A CB  1 
ATOM   207  O OG1 . THR A 1 26 ? 0.860   2.436   -4.452  1.00 11.66 ? 26   THR A OG1 1 
ATOM   208  C CG2 . THR A 1 26 ? 0.998   1.279   -6.572  1.00 11.91 ? 26   THR A CG2 1 
ATOM   209  N N   . GLY A 1 27 ? 2.226   0.522   -2.076  1.00 13.93 ? 27   GLY A N   1 
ATOM   210  C CA  . GLY A 1 27 ? 2.967   0.831   -0.862  1.00 13.40 ? 27   GLY A CA  1 
ATOM   211  C C   . GLY A 1 27 ? 3.702   -0.376  -0.302  1.00 15.47 ? 27   GLY A C   1 
ATOM   212  O O   . GLY A 1 27 ? 4.444   -0.269  0.668   1.00 15.15 ? 27   GLY A O   1 
ATOM   213  N N   . ALA A 1 28 ? 3.496   -1.532  -0.920  1.00 14.43 ? 28   ALA A N   1 
ATOM   214  C CA  . ALA A 1 28 ? 4.123   -2.762  -0.456  1.00 12.77 ? 28   ALA A CA  1 
ATOM   215  C C   . ALA A 1 28 ? 5.288   -3.164  -1.344  1.00 14.19 ? 28   ALA A C   1 
ATOM   216  O O   . ALA A 1 28 ? 5.134   -3.261  -2.556  1.00 14.29 ? 28   ALA A O   1 
ATOM   217  C CB  . ALA A 1 28 ? 3.088   -3.893  -0.428  1.00 11.82 ? 28   ALA A CB  1 
ATOM   218  N N   . ASP A 1 29 ? 6.453   -3.408  -0.746  1.00 15.20 ? 29   ASP A N   1 
ATOM   219  C CA  . ASP A 1 29 ? 7.616   -3.833  -1.532  1.00 15.73 ? 29   ASP A CA  1 
ATOM   220  C C   . ASP A 1 29 ? 7.451   -5.295  -1.941  1.00 15.44 ? 29   ASP A C   1 
ATOM   221  O O   . ASP A 1 29 ? 7.899   -5.712  -3.021  1.00 15.90 ? 29   ASP A O   1 
ATOM   222  C CB  . ASP A 1 29 ? 8.919   -3.718  -0.731  1.00 16.89 ? 29   ASP A CB  1 
ATOM   223  C CG  . ASP A 1 29 ? 9.117   -2.348  -0.098  1.00 19.88 ? 29   ASP A CG  1 
ATOM   224  O OD1 . ASP A 1 29 ? 8.975   -1.323  -0.794  1.00 17.65 ? 29   ASP A OD1 1 
ATOM   225  O OD2 . ASP A 1 29 ? 9.433   -2.303  1.111   1.00 22.56 ? 29   ASP A OD2 1 
ATOM   226  N N   . ASP A 1 30 ? 6.824   -6.080  -1.067  1.00 14.77 ? 30   ASP A N   1 
ATOM   227  C CA  . ASP A 1 30 ? 6.626   -7.499  -1.332  1.00 13.70 ? 30   ASP A CA  1 
ATOM   228  C C   . ASP A 1 30 ? 5.158   -7.926  -1.453  1.00 13.47 ? 30   ASP A C   1 
ATOM   229  O O   . ASP A 1 30 ? 4.236   -7.144  -1.206  1.00 12.41 ? 30   ASP A O   1 
ATOM   230  C CB  . ASP A 1 30 ? 7.317   -8.334  -0.251  1.00 14.87 ? 30   ASP A CB  1 
ATOM   231  C CG  . ASP A 1 30 ? 8.727   -7.853  0.038   1.00 18.35 ? 30   ASP A CG  1 
ATOM   232  O OD1 . ASP A 1 30 ? 9.514   -7.713  -0.918  1.00 19.38 ? 30   ASP A OD1 1 
ATOM   233  O OD2 . ASP A 1 30 ? 9.040   -7.608  1.224   1.00 20.67 ? 30   ASP A OD2 1 
ATOM   234  N N   . THR A 1 31 ? 4.966   -9.186  -1.839  1.00 13.93 ? 31   THR A N   1 
ATOM   235  C CA  . THR A 1 31 ? 3.646   -9.787  -2.032  1.00 13.58 ? 31   THR A CA  1 
ATOM   236  C C   . THR A 1 31 ? 3.396   -10.769 -0.886  1.00 14.27 ? 31   THR A C   1 
ATOM   237  O O   . THR A 1 31 ? 4.259   -11.592 -0.583  1.00 15.26 ? 31   THR A O   1 
ATOM   238  C CB  . THR A 1 31 ? 3.600   -10.558 -3.374  1.00 14.06 ? 31   THR A CB  1 
ATOM   239  O OG1 . THR A 1 31 ? 3.742   -9.632  -4.455  1.00 16.24 ? 31   THR A OG1 1 
ATOM   240  C CG2 . THR A 1 31 ? 2.279   -11.327 -3.544  1.00 12.78 ? 31   THR A CG2 1 
ATOM   241  N N   . ILE A 1 32 ? 2.231   -10.681 -0.253  1.00 13.92 ? 32   ILE A N   1 
ATOM   242  C CA  . ILE A 1 32 ? 1.912   -11.575 0.853   1.00 15.65 ? 32   ILE A CA  1 
ATOM   243  C C   . ILE A 1 32 ? 0.476   -12.070 0.850   1.00 14.80 ? 32   ILE A C   1 
ATOM   244  O O   . ILE A 1 32 ? -0.458  -11.319 0.560   1.00 13.55 ? 32   ILE A O   1 
ATOM   245  C CB  . ILE A 1 32 ? 2.194   -10.918 2.218   1.00 14.53 ? 32   ILE A CB  1 
ATOM   246  C CG1 . ILE A 1 32 ? 1.920   -11.919 3.341   1.00 15.05 ? 32   ILE A CG1 1 
ATOM   247  C CG2 . ILE A 1 32 ? 1.310   -9.688  2.409   1.00 16.04 ? 32   ILE A CG2 1 
ATOM   248  C CD1 . ILE A 1 32 ? 2.428   -11.455 4.701   1.00 18.33 ? 32   ILE A CD1 1 
ATOM   249  N N   . PHE A 1 33 ? 0.321   -13.350 1.167   1.00 15.07 ? 33   PHE A N   1 
ATOM   250  C CA  . PHE A 1 33 ? -0.980  -13.981 1.230   1.00 15.65 ? 33   PHE A CA  1 
ATOM   251  C C   . PHE A 1 33 ? -1.182  -14.653 2.554   1.00 18.00 ? 33   PHE A C   1 
ATOM   252  O O   . PHE A 1 33 ? -0.252  -15.182 3.159   1.00 18.30 ? 33   PHE A O   1 
ATOM   253  C CB  . PHE A 1 33 ? -1.151  -15.067 0.162   1.00 14.72 ? 33   PHE A CB  1 
ATOM   254  C CG  . PHE A 1 33 ? -1.385  -14.530 -1.208  1.00 14.90 ? 33   PHE A CG  1 
ATOM   255  C CD1 . PHE A 1 33 ? -0.323  -14.108 -1.994  1.00 15.06 ? 33   PHE A CD1 1 
ATOM   256  C CD2 . PHE A 1 33 ? -2.676  -14.415 -1.702  1.00 15.42 ? 33   PHE A CD2 1 
ATOM   257  C CE1 . PHE A 1 33 ? -0.546  -13.578 -3.259  1.00 17.01 ? 33   PHE A CE1 1 
ATOM   258  C CE2 . PHE A 1 33 ? -2.910  -13.884 -2.967  1.00 15.39 ? 33   PHE A CE2 1 
ATOM   259  C CZ  . PHE A 1 33 ? -1.851  -13.468 -3.743  1.00 14.45 ? 33   PHE A CZ  1 
ATOM   260  N N   . GLU A 1 34 ? -2.423  -14.624 2.999   1.00 19.58 ? 34   GLU A N   1 
ATOM   261  C CA  . GLU A 1 34 ? -2.762  -15.313 4.203   1.00 24.73 ? 34   GLU A CA  1 
ATOM   262  C C   . GLU A 1 34 ? -3.387  -16.601 3.699   1.00 25.07 ? 34   GLU A C   1 
ATOM   263  O O   . GLU A 1 34 ? -4.001  -16.633 2.633   1.00 25.22 ? 34   GLU A O   1 
ATOM   264  C CB  . GLU A 1 34 ? -3.786  -14.530 5.013   1.00 26.28 ? 34   GLU A CB  1 
ATOM   265  C CG  . GLU A 1 34 ? -4.166  -15.247 6.281   1.00 33.75 ? 34   GLU A CG  1 
ATOM   266  C CD  . GLU A 1 34 ? -4.841  -14.339 7.274   1.00 33.95 ? 34   GLU A CD  1 
ATOM   267  O OE1 . GLU A 1 34 ? -6.000  -13.948 7.035   1.00 36.89 ? 34   GLU A OE1 1 
ATOM   268  O OE2 . GLU A 1 34 ? -4.199  -14.012 8.293   1.00 39.29 ? 34   GLU A OE2 1 
ATOM   269  N N   . GLU A 1 35 ? -3.231  -17.662 4.460   1.00 27.26 ? 35   GLU A N   1 
ATOM   270  C CA  . GLU A 1 35 ? -3.783  -18.994 4.208   1.00 29.81 ? 35   GLU A CA  1 
ATOM   271  C C   . GLU A 1 35 ? -3.950  -19.477 2.759   1.00 27.69 ? 35   GLU A C   1 
ATOM   272  O O   . GLU A 1 35 ? -5.060  -19.488 2.230   1.00 28.41 ? 35   GLU A O   1 
ATOM   273  C CB  . GLU A 1 35 ? -5.119  -19.089 4.897   1.00 35.11 ? 35   GLU A CB  1 
ATOM   274  C CG  . GLU A 1 35 ? -6.081  -17.999 4.457   1.00 41.65 ? 35   GLU A CG  1 
ATOM   275  C CD  . GLU A 1 35 ? -6.738  -17.326 5.651   1.00 45.32 ? 35   GLU A CD  1 
ATOM   276  O OE1 . GLU A 1 35 ? -7.745  -17.882 6.139   1.00 48.58 ? 35   GLU A OE1 1 
ATOM   277  O OE2 . GLU A 1 35 ? -6.259  -16.259 6.087   1.00 48.22 ? 35   GLU A OE2 1 
ATOM   278  N N   . ILE A 1 36 ? -2.817  -19.869 2.161   1.00 23.82 ? 36   ILE A N   1 
ATOM   279  C CA  . ILE A 1 36 ? -2.707  -20.515 0.835   1.00 21.05 ? 36   ILE A CA  1 
ATOM   280  C C   . ILE A 1 36 ? -1.591  -21.512 0.984   1.00 20.32 ? 36   ILE A C   1 
ATOM   281  O O   . ILE A 1 36 ? -0.695  -21.323 1.806   1.00 20.38 ? 36   ILE A O   1 
ATOM   282  C CB  . ILE A 1 36 ? -2.328  -19.578 -0.298  1.00 19.20 ? 36   ILE A CB  1 
ATOM   283  C CG1 . ILE A 1 36 ? -0.950  -18.978 -0.044  1.00 16.02 ? 36   ILE A CG1 1 
ATOM   284  C CG2 . ILE A 1 36 ? -3.353  -18.477 -0.458  1.00 19.82 ? 36   ILE A CG2 1 
ATOM   285  C CD1 . ILE A 1 36 ? -0.429  -18.163 -1.213  1.00 17.67 ? 36   ILE A CD1 1 
ATOM   286  N N   . SER A 1 37 ? -1.636  -22.579 0.227   1.00 21.13 ? 37   SER A N   1 
ATOM   287  C CA  . SER A 1 37 ? -0.604  -23.579 0.376   1.00 22.31 ? 37   SER A CA  1 
ATOM   288  C C   . SER A 1 37 ? 0.319   -23.600 -0.805  1.00 22.97 ? 37   SER A C   1 
ATOM   289  O O   . SER A 1 37 ? -0.122  -23.715 -1.949  1.00 23.63 ? 37   SER A O   1 
ATOM   290  C CB  . SER A 1 37 ? -1.224  -24.950 0.606   1.00 24.27 ? 37   SER A CB  1 
ATOM   291  O OG  . SER A 1 37 ? -2.076  -24.950 1.739   1.00 26.81 ? 37   SER A OG  1 
ATOM   292  N N   . LEU A 1 38 ? 1.600   -23.469 -0.549  1.00 22.29 ? 38   LEU A N   1 
ATOM   293  C CA  . LEU A 1 38 ? 2.579   -23.482 -1.626  1.00 20.89 ? 38   LEU A CA  1 
ATOM   294  C C   . LEU A 1 38 ? 3.514   -24.650 -1.370  1.00 21.70 ? 38   LEU A C   1 
ATOM   295  O O   . LEU A 1 38 ? 3.765   -25.016 -0.229  1.00 21.61 ? 38   LEU A O   1 
ATOM   296  C CB  . LEU A 1 38 ? 3.365   -22.166 -1.663  1.00 20.12 ? 38   LEU A CB  1 
ATOM   297  C CG  . LEU A 1 38 ? 2.567   -20.888 -1.955  1.00 17.78 ? 38   LEU A CG  1 
ATOM   298  C CD1 . LEU A 1 38 ? 3.543   -19.709 -2.054  1.00 15.67 ? 38   LEU A CD1 1 
ATOM   299  C CD2 . LEU A 1 38 ? 1.778   -21.047 -3.251  1.00 17.16 ? 38   LEU A CD2 1 
ATOM   300  N N   . PRO A 1 39 ? 4.043   -25.255 -2.435  1.00 23.75 ? 39   PRO A N   1 
ATOM   301  C CA  . PRO A 1 39 ? 4.942   -26.394 -2.255  1.00 24.29 ? 39   PRO A CA  1 
ATOM   302  C C   . PRO A 1 39 ? 6.417   -26.031 -2.155  1.00 25.24 ? 39   PRO A C   1 
ATOM   303  O O   . PRO A 1 39 ? 6.828   -24.938 -2.527  1.00 24.69 ? 39   PRO A O   1 
ATOM   304  C CB  . PRO A 1 39 ? 4.647   -27.233 -3.485  1.00 24.17 ? 39   PRO A CB  1 
ATOM   305  C CG  . PRO A 1 39 ? 4.504   -26.174 -4.546  1.00 22.16 ? 39   PRO A CG  1 
ATOM   306  C CD  . PRO A 1 39 ? 3.675   -25.090 -3.856  1.00 23.01 ? 39   PRO A CD  1 
ATOM   307  N N   . GLY A 1 40 ? 7.210   -26.961 -1.637  1.00 27.38 ? 40   GLY A N   1 
ATOM   308  C CA  . GLY A 1 40 ? 8.642   -26.733 -1.549  1.00 27.94 ? 40   GLY A CA  1 
ATOM   309  C C   . GLY A 1 40 ? 9.181   -26.052 -0.307  1.00 27.31 ? 40   GLY A C   1 
ATOM   310  O O   . GLY A 1 40 ? 8.454   -25.728 0.637   1.00 25.96 ? 40   GLY A O   1 
ATOM   311  N N   . ARG A 1 41 ? 10.488  -25.833 -0.332  1.00 26.82 ? 41   ARG A N   1 
ATOM   312  C CA  . ARG A 1 41 ? 11.191  -25.215 0.770   1.00 28.31 ? 41   ARG A CA  1 
ATOM   313  C C   . ARG A 1 41 ? 10.904  -23.726 0.813   1.00 27.65 ? 41   ARG A C   1 
ATOM   314  O O   . ARG A 1 41 ? 10.405  -23.140 -0.150  1.00 27.66 ? 41   ARG A O   1 
ATOM   315  C CB  . ARG A 1 41 ? 12.696  -25.455 0.621   1.00 31.18 ? 41   ARG A CB  1 
ATOM   316  C CG  . ARG A 1 41 ? 13.041  -26.713 -0.183  1.00 37.73 ? 41   ARG A CG  1 
ATOM   317  C CD  . ARG A 1 41 ? 14.484  -27.151 0.015   1.00 41.24 ? 41   ARG A CD  1 
ATOM   318  N NE  . ARG A 1 41 ? 14.655  -27.870 1.277   1.00 45.43 ? 41   ARG A NE  1 
ATOM   319  C CZ  . ARG A 1 41 ? 15.816  -28.344 1.721   1.00 46.67 ? 41   ARG A CZ  1 
ATOM   320  N NH1 . ARG A 1 41 ? 16.924  -28.174 1.007   1.00 48.96 ? 41   ARG A NH1 1 
ATOM   321  N NH2 . ARG A 1 41 ? 15.867  -29.001 2.873   1.00 48.58 ? 41   ARG A NH2 1 
ATOM   322  N N   . TRP A 1 42 ? 11.231  -23.120 1.943   1.00 26.73 ? 42   TRP A N   1 
ATOM   323  C CA  . TRP A 1 42 ? 11.024  -21.701 2.137   1.00 27.46 ? 42   TRP A CA  1 
ATOM   324  C C   . TRP A 1 42 ? 11.962  -21.200 3.229   1.00 27.74 ? 42   TRP A C   1 
ATOM   325  O O   . TRP A 1 42 ? 12.555  -21.989 3.966   1.00 25.02 ? 42   TRP A O   1 
ATOM   326  C CB  . TRP A 1 42 ? 9.574   -21.431 2.541   1.00 28.45 ? 42   TRP A CB  1 
ATOM   327  C CG  . TRP A 1 42 ? 9.072   -22.331 3.630   1.00 28.79 ? 42   TRP A CG  1 
ATOM   328  C CD1 . TRP A 1 42 ? 8.447   -23.540 3.473   1.00 30.32 ? 42   TRP A CD1 1 
ATOM   329  C CD2 . TRP A 1 42 ? 9.169   -22.112 5.039   1.00 30.08 ? 42   TRP A CD2 1 
ATOM   330  N NE1 . TRP A 1 42 ? 8.148   -24.082 4.696   1.00 29.80 ? 42   TRP A NE1 1 
ATOM   331  C CE2 . TRP A 1 42 ? 8.581   -23.227 5.677   1.00 30.27 ? 42   TRP A CE2 1 
ATOM   332  C CE3 . TRP A 1 42 ? 9.694   -21.080 5.829   1.00 29.69 ? 42   TRP A CE3 1 
ATOM   333  C CZ2 . TRP A 1 42 ? 8.505   -23.342 7.069   1.00 31.10 ? 42   TRP A CZ2 1 
ATOM   334  C CZ3 . TRP A 1 42 ? 9.617   -21.193 7.214   1.00 32.14 ? 42   TRP A CZ3 1 
ATOM   335  C CH2 . TRP A 1 42 ? 9.026   -22.319 7.820   1.00 31.68 ? 42   TRP A CH2 1 
ATOM   336  N N   . LYS A 1 43 ? 12.079  -19.883 3.333   1.00 29.13 ? 43   LYS A N   1 
ATOM   337  C CA  . LYS A 1 43 ? 12.941  -19.270 4.335   1.00 32.33 ? 43   LYS A CA  1 
ATOM   338  C C   . LYS A 1 43 ? 12.137  -18.382 5.292   1.00 33.09 ? 43   LYS A C   1 
ATOM   339  O O   . LYS A 1 43 ? 11.292  -17.603 4.863   1.00 32.98 ? 43   LYS A O   1 
ATOM   340  C CB  . LYS A 1 43 ? 14.010  -18.439 3.631   1.00 32.37 ? 43   LYS A CB  1 
ATOM   341  C CG  . LYS A 1 43 ? 14.742  -19.203 2.531   1.00 35.67 ? 43   LYS A CG  1 
ATOM   342  C CD  . LYS A 1 43 ? 15.631  -18.288 1.695   1.00 37.53 ? 43   LYS A CD  1 
ATOM   343  C CE  . LYS A 1 43 ? 14.811  -17.211 0.999   1.00 39.71 ? 43   LYS A CE  1 
ATOM   344  N NZ  . LYS A 1 43 ? 13.668  -17.790 0.225   1.00 40.70 ? 43   LYS A NZ  1 
ATOM   345  N N   . PRO A 1 44 ? 12.366  -18.519 6.609   1.00 35.14 ? 44   PRO A N   1 
ATOM   346  C CA  . PRO A 1 44 ? 11.626  -17.680 7.554   1.00 34.16 ? 44   PRO A CA  1 
ATOM   347  C C   . PRO A 1 44 ? 11.951  -16.222 7.262   1.00 34.52 ? 44   PRO A C   1 
ATOM   348  O O   . PRO A 1 44 ? 13.037  -15.905 6.770   1.00 33.74 ? 44   PRO A O   1 
ATOM   349  C CB  . PRO A 1 44 ? 12.160  -18.132 8.905   1.00 35.23 ? 44   PRO A CB  1 
ATOM   350  C CG  . PRO A 1 44 ? 12.425  -19.584 8.670   1.00 34.87 ? 44   PRO A CG  1 
ATOM   351  C CD  . PRO A 1 44 ? 13.100  -19.583 7.320   1.00 35.61 ? 44   PRO A CD  1 
ATOM   352  N N   . LYS A 1 45 ? 11.008  -15.336 7.547   1.00 33.54 ? 45   LYS A N   1 
ATOM   353  C CA  . LYS A 1 45 ? 11.233  -13.929 7.288   1.00 33.14 ? 45   LYS A CA  1 
ATOM   354  C C   . LYS A 1 45 ? 10.265  -13.080 8.075   1.00 32.89 ? 45   LYS A C   1 
ATOM   355  O O   . LYS A 1 45 ? 9.117   -13.465 8.284   1.00 31.67 ? 45   LYS A O   1 
ATOM   356  C CB  . LYS A 1 45 ? 11.070  -13.635 5.795   1.00 31.67 ? 45   LYS A CB  1 
ATOM   357  C CG  . LYS A 1 45 ? 11.296  -12.181 5.430   1.00 33.04 ? 45   LYS A CG  1 
ATOM   358  C CD  . LYS A 1 45 ? 11.104  -11.944 3.941   1.00 35.04 ? 45   LYS A CD  1 
ATOM   359  C CE  . LYS A 1 45 ? 11.488  -10.522 3.563   1.00 36.17 ? 45   LYS A CE  1 
ATOM   360  N NZ  . LYS A 1 45 ? 11.406  -10.283 2.093   1.00 38.05 ? 45   LYS A NZ  1 
ATOM   361  N N   . MET A 1 46 ? 10.736  -11.920 8.512   1.00 34.16 ? 46   MET A N   1 
ATOM   362  C CA  . MET A 1 46 ? 9.892   -11.007 9.256   1.00 35.16 ? 46   MET A CA  1 
ATOM   363  C C   . MET A 1 46 ? 9.778   -9.713  8.479   1.00 35.03 ? 46   MET A C   1 
ATOM   364  O O   . MET A 1 46 ? 10.783  -9.081  8.161   1.00 35.91 ? 46   MET A O   1 
ATOM   365  C CB  . MET A 1 46 ? 10.475  -10.747 10.642  1.00 37.62 ? 46   MET A CB  1 
ATOM   366  C CG  . MET A 1 46 ? 10.368  -11.943 11.564  1.00 39.53 ? 46   MET A CG  1 
ATOM   367  S SD  . MET A 1 46 ? 11.266  -11.683 13.087  1.00 47.61 ? 46   MET A SD  1 
ATOM   368  C CE  . MET A 1 46 ? 12.822  -12.490 12.670  1.00 44.02 ? 46   MET A CE  1 
ATOM   369  N N   . ILE A 1 47 ? 8.546   -9.343  8.151   1.00 32.91 ? 47   ILE A N   1 
ATOM   370  C CA  . ILE A 1 47 ? 8.283   -8.121  7.415   1.00 31.09 ? 47   ILE A CA  1 
ATOM   371  C C   . ILE A 1 47 ? 7.624   -7.114  8.346   1.00 29.25 ? 47   ILE A C   1 
ATOM   372  O O   . ILE A 1 47 ? 6.860   -7.481  9.243   1.00 28.40 ? 47   ILE A O   1 
ATOM   373  C CB  . ILE A 1 47 ? 7.356   -8.379  6.197   1.00 31.82 ? 47   ILE A CB  1 
ATOM   374  C CG1 . ILE A 1 47 ? 6.083   -9.093  6.652   1.00 32.33 ? 47   ILE A CG1 1 
ATOM   375  C CG2 . ILE A 1 47 ? 8.083   -9.206  5.158   1.00 33.42 ? 47   ILE A CG2 1 
ATOM   376  C CD1 . ILE A 1 47 ? 5.155   -9.497  5.520   1.00 34.80 ? 47   ILE A CD1 1 
ATOM   377  N N   . GLY A 1 48 ? 7.940   -5.843  8.140   1.00 28.00 ? 48   GLY A N   1 
ATOM   378  C CA  . GLY A 1 48 ? 7.360   -4.808  8.968   1.00 26.02 ? 48   GLY A CA  1 
ATOM   379  C C   . GLY A 1 48 ? 6.330   -4.025  8.181   1.00 26.09 ? 48   GLY A C   1 
ATOM   380  O O   . GLY A 1 48 ? 6.456   -3.834  6.972   1.00 24.62 ? 48   GLY A O   1 
ATOM   381  N N   . GLY A 1 49 ? 5.296   -3.578  8.875   1.00 25.67 ? 49   GLY A N   1 
ATOM   382  C CA  . GLY A 1 49 ? 4.262   -2.797  8.235   1.00 25.71 ? 49   GLY A CA  1 
ATOM   383  C C   . GLY A 1 49 ? 3.724   -1.881  9.300   1.00 24.57 ? 49   GLY A C   1 
ATOM   384  O O   . GLY A 1 49 ? 4.330   -1.732  10.360  1.00 24.62 ? 49   GLY A O   1 
ATOM   385  N N   . ILE A 1 50 ? 2.596   -1.249  9.030   1.00 25.40 ? 50   ILE A N   1 
ATOM   386  C CA  . ILE A 1 50 ? 1.991   -0.382  10.019  1.00 25.28 ? 50   ILE A CA  1 
ATOM   387  C C   . ILE A 1 50 ? 1.472   -1.297  11.127  1.00 25.19 ? 50   ILE A C   1 
ATOM   388  O O   . ILE A 1 50 ? 0.875   -2.330  10.851  1.00 27.66 ? 50   ILE A O   1 
ATOM   389  C CB  . ILE A 1 50 ? 0.829   0.426   9.390   1.00 24.92 ? 50   ILE A CB  1 
ATOM   390  C CG1 . ILE A 1 50 ? 1.373   1.748   8.845   1.00 27.29 ? 50   ILE A CG1 1 
ATOM   391  C CG2 . ILE A 1 50 ? -0.280  0.653   10.401  1.00 27.53 ? 50   ILE A CG2 1 
ATOM   392  C CD1 . ILE A 1 50 ? 0.307   2.790   8.561   1.00 28.70 ? 50   ILE A CD1 1 
ATOM   393  N N   . GLY A 1 51 ? 1.721   -0.943  12.377  1.00 25.92 ? 51   GLY A N   1 
ATOM   394  C CA  . GLY A 1 51 ? 1.231   -1.771  13.464  1.00 25.02 ? 51   GLY A CA  1 
ATOM   395  C C   . GLY A 1 51 ? 2.194   -2.806  14.011  1.00 25.17 ? 51   GLY A C   1 
ATOM   396  O O   . GLY A 1 51 ? 1.929   -3.392  15.057  1.00 26.20 ? 51   GLY A O   1 
ATOM   397  N N   . GLY A 1 52 ? 3.301   -3.050  13.317  1.00 23.97 ? 52   GLY A N   1 
ATOM   398  C CA  . GLY A 1 52 ? 4.247   -4.024  13.817  1.00 24.19 ? 52   GLY A CA  1 
ATOM   399  C C   . GLY A 1 52 ? 4.825   -4.967  12.779  1.00 23.58 ? 52   GLY A C   1 
ATOM   400  O O   . GLY A 1 52 ? 4.743   -4.723  11.571  1.00 22.82 ? 52   GLY A O   1 
ATOM   401  N N   . PHE A 1 53 ? 5.405   -6.061  13.262  1.00 23.58 ? 53   PHE A N   1 
ATOM   402  C CA  . PHE A 1 53 ? 6.037   -7.040  12.388  1.00 25.10 ? 53   PHE A CA  1 
ATOM   403  C C   . PHE A 1 53 ? 5.340   -8.385  12.424  1.00 24.87 ? 53   PHE A C   1 
ATOM   404  O O   . PHE A 1 53 ? 4.668   -8.726  13.396  1.00 24.73 ? 53   PHE A O   1 
ATOM   405  C CB  . PHE A 1 53 ? 7.498   -7.216  12.790  1.00 28.20 ? 53   PHE A CB  1 
ATOM   406  C CG  . PHE A 1 53 ? 7.682   -7.907  14.115  1.00 30.63 ? 53   PHE A CG  1 
ATOM   407  C CD1 . PHE A 1 53 ? 7.670   -9.298  14.200  1.00 32.43 ? 53   PHE A CD1 1 
ATOM   408  C CD2 . PHE A 1 53 ? 7.883   -7.170  15.278  1.00 32.40 ? 53   PHE A CD2 1 
ATOM   409  C CE1 . PHE A 1 53 ? 7.861   -9.943  15.423  1.00 33.18 ? 53   PHE A CE1 1 
ATOM   410  C CE2 . PHE A 1 53 ? 8.074   -7.813  16.510  1.00 32.85 ? 53   PHE A CE2 1 
ATOM   411  C CZ  . PHE A 1 53 ? 8.064   -9.197  16.578  1.00 32.21 ? 53   PHE A CZ  1 
ATOM   412  N N   . VAL A 1 54 ? 5.515   -9.156  11.359  1.00 24.84 ? 54   VAL A N   1 
ATOM   413  C CA  . VAL A 1 54 ? 4.910   -10.471 11.278  1.00 25.98 ? 54   VAL A CA  1 
ATOM   414  C C   . VAL A 1 54 ? 5.918   -11.462 10.718  1.00 27.03 ? 54   VAL A C   1 
ATOM   415  O O   . VAL A 1 54 ? 6.691   -11.139 9.809   1.00 26.12 ? 54   VAL A O   1 
ATOM   416  C CB  . VAL A 1 54 ? 3.646   -10.463 10.385  1.00 27.23 ? 54   VAL A CB  1 
ATOM   417  C CG1 . VAL A 1 54 ? 2.587   -9.537  10.995  1.00 27.59 ? 54   VAL A CG1 1 
ATOM   418  C CG2 . VAL A 1 54 ? 3.995   -10.018 8.987   1.00 25.62 ? 54   VAL A CG2 1 
ATOM   419  N N   . LYS A 1 55 ? 5.905   -12.665 11.278  1.00 26.66 ? 55   LYS A N   1 
ATOM   420  C CA  . LYS A 1 55 ? 6.807   -13.726 10.857  1.00 27.44 ? 55   LYS A CA  1 
ATOM   421  C C   . LYS A 1 55 ? 6.112   -14.464 9.713   1.00 25.51 ? 55   LYS A C   1 
ATOM   422  O O   . LYS A 1 55 ? 4.980   -14.915 9.857   1.00 26.68 ? 55   LYS A O   1 
ATOM   423  C CB  . LYS A 1 55 ? 7.060   -14.664 12.037  1.00 29.42 ? 55   LYS A CB  1 
ATOM   424  C CG  . LYS A 1 55 ? 8.259   -15.582 11.885  1.00 33.05 ? 55   LYS A CG  1 
ATOM   425  C CD  . LYS A 1 55 ? 8.531   -16.304 13.203  1.00 36.63 ? 55   LYS A CD  1 
ATOM   426  C CE  . LYS A 1 55 ? 9.899   -16.978 13.211  1.00 38.10 ? 55   LYS A CE  1 
ATOM   427  N NZ  . LYS A 1 55 ? 11.016  -15.994 13.086  1.00 41.09 ? 55   LYS A NZ  1 
ATOM   428  N N   . VAL A 1 56 ? 6.787   -14.580 8.579   1.00 23.60 ? 56   VAL A N   1 
ATOM   429  C CA  . VAL A 1 56 ? 6.202   -15.240 7.419   1.00 21.42 ? 56   VAL A CA  1 
ATOM   430  C C   . VAL A 1 56 ? 7.156   -16.249 6.783   1.00 22.25 ? 56   VAL A C   1 
ATOM   431  O O   . VAL A 1 56 ? 8.333   -16.323 7.145   1.00 23.17 ? 56   VAL A O   1 
ATOM   432  C CB  . VAL A 1 56 ? 5.843   -14.202 6.336   1.00 20.27 ? 56   VAL A CB  1 
ATOM   433  C CG1 . VAL A 1 56 ? 4.888   -13.140 6.894   1.00 16.86 ? 56   VAL A CG1 1 
ATOM   434  C CG2 . VAL A 1 56 ? 7.114   -13.550 5.827   1.00 16.94 ? 56   VAL A CG2 1 
ATOM   435  N N   . ARG A 1 57 ? 6.632   -17.021 5.836   1.00 22.14 ? 57   ARG A N   1 
ATOM   436  C CA  . ARG A 1 57 ? 7.425   -17.987 5.087   1.00 20.16 ? 57   ARG A CA  1 
ATOM   437  C C   . ARG A 1 57 ? 7.702   -17.327 3.746   1.00 19.99 ? 57   ARG A C   1 
ATOM   438  O O   . ARG A 1 57 ? 6.803   -16.736 3.146   1.00 19.83 ? 57   ARG A O   1 
ATOM   439  C CB  . ARG A 1 57 ? 6.637   -19.267 4.803   1.00 20.66 ? 57   ARG A CB  1 
ATOM   440  C CG  . ARG A 1 57 ? 6.205   -20.060 6.006   1.00 22.22 ? 57   ARG A CG  1 
ATOM   441  C CD  . ARG A 1 57 ? 5.575   -21.349 5.528   1.00 25.45 ? 57   ARG A CD  1 
ATOM   442  N NE  . ARG A 1 57 ? 5.235   -22.252 6.620   1.00 27.63 ? 57   ARG A NE  1 
ATOM   443  C CZ  . ARG A 1 57 ? 4.734   -23.470 6.445   1.00 29.12 ? 57   ARG A CZ  1 
ATOM   444  N NH1 . ARG A 1 57 ? 4.519   -23.925 5.217   1.00 26.73 ? 57   ARG A NH1 1 
ATOM   445  N NH2 . ARG A 1 57 ? 4.442   -24.230 7.496   1.00 29.57 ? 57   ARG A NH2 1 
ATOM   446  N N   . GLN A 1 58 ? 8.931   -17.430 3.261   1.00 18.04 ? 58   GLN A N   1 
ATOM   447  C CA  . GLN A 1 58 ? 9.243   -16.845 1.979   1.00 17.82 ? 58   GLN A CA  1 
ATOM   448  C C   . GLN A 1 58 ? 9.432   -17.932 0.936   1.00 17.33 ? 58   GLN A C   1 
ATOM   449  O O   . GLN A 1 58 ? 10.304  -18.790 1.071   1.00 18.73 ? 58   GLN A O   1 
ATOM   450  C CB  . GLN A 1 58 ? 10.504  -15.985 2.059   1.00 20.22 ? 58   GLN A CB  1 
ATOM   451  C CG  . GLN A 1 58 ? 10.952  -15.444 0.707   1.00 22.58 ? 58   GLN A CG  1 
ATOM   452  C CD  . GLN A 1 58 ? 12.267  -14.686 0.782   1.00 26.11 ? 58   GLN A CD  1 
ATOM   453  O OE1 . GLN A 1 58 ? 12.853  -14.327 -0.243  1.00 28.46 ? 58   GLN A OE1 1 
ATOM   454  N NE2 . GLN A 1 58 ? 12.735  -14.436 1.996   1.00 27.83 ? 58   GLN A NE2 1 
ATOM   455  N N   . TYR A 1 59 ? 8.596   -17.901 -0.094  1.00 16.30 ? 59   TYR A N   1 
ATOM   456  C CA  . TYR A 1 59 ? 8.680   -18.856 -1.191  1.00 17.69 ? 59   TYR A CA  1 
ATOM   457  C C   . TYR A 1 59 ? 9.177   -18.135 -2.442  1.00 17.61 ? 59   TYR A C   1 
ATOM   458  O O   . TYR A 1 59 ? 8.605   -17.128 -2.857  1.00 17.73 ? 59   TYR A O   1 
ATOM   459  C CB  . TYR A 1 59 ? 7.313   -19.471 -1.501  1.00 16.46 ? 59   TYR A CB  1 
ATOM   460  C CG  . TYR A 1 59 ? 6.804   -20.453 -0.479  1.00 18.55 ? 59   TYR A CG  1 
ATOM   461  C CD1 . TYR A 1 59 ? 6.052   -20.030 0.611   1.00 18.30 ? 59   TYR A CD1 1 
ATOM   462  C CD2 . TYR A 1 59 ? 7.049   -21.814 -0.624  1.00 19.17 ? 59   TYR A CD2 1 
ATOM   463  C CE1 . TYR A 1 59 ? 5.543   -20.943 1.529   1.00 18.27 ? 59   TYR A CE1 1 
ATOM   464  C CE2 . TYR A 1 59 ? 6.554   -22.737 0.291   1.00 19.47 ? 59   TYR A CE2 1 
ATOM   465  C CZ  . TYR A 1 59 ? 5.800   -22.297 1.357   1.00 19.38 ? 59   TYR A CZ  1 
ATOM   466  O OH  . TYR A 1 59 ? 5.275   -23.207 2.240   1.00 18.90 ? 59   TYR A OH  1 
ATOM   467  N N   . ASP A 1 60 ? 10.244  -18.641 -3.045  1.00 18.83 ? 60   ASP A N   1 
ATOM   468  C CA  . ASP A 1 60 ? 10.762  -18.013 -4.254  1.00 20.82 ? 60   ASP A CA  1 
ATOM   469  C C   . ASP A 1 60 ? 10.273  -18.707 -5.514  1.00 21.43 ? 60   ASP A C   1 
ATOM   470  O O   . ASP A 1 60 ? 9.832   -19.861 -5.478  1.00 22.04 ? 60   ASP A O   1 
ATOM   471  C CB  . ASP A 1 60 ? 12.296  -18.014 -4.263  1.00 22.26 ? 60   ASP A CB  1 
ATOM   472  C CG  . ASP A 1 60 ? 12.886  -17.240 -3.103  1.00 25.07 ? 60   ASP A CG  1 
ATOM   473  O OD1 . ASP A 1 60 ? 12.265  -16.250 -2.663  1.00 23.75 ? 60   ASP A OD1 1 
ATOM   474  O OD2 . ASP A 1 60 ? 13.980  -17.616 -2.643  1.00 27.23 ? 60   ASP A OD2 1 
ATOM   475  N N   . GLN A 1 61 ? 10.368  -17.983 -6.624  1.00 21.01 ? 61   GLN A N   1 
ATOM   476  C CA  . GLN A 1 61 ? 9.985   -18.462 -7.945  1.00 19.87 ? 61   GLN A CA  1 
ATOM   477  C C   . GLN A 1 61 ? 8.614   -19.116 -8.034  1.00 19.72 ? 61   GLN A C   1 
ATOM   478  O O   . GLN A 1 61 ? 8.451   -20.177 -8.639  1.00 17.43 ? 61   GLN A O   1 
ATOM   479  C CB  . GLN A 1 61 ? 11.070  -19.402 -8.485  1.00 21.98 ? 61   GLN A CB  1 
ATOM   480  C CG  . GLN A 1 61 ? 12.348  -18.656 -8.897  1.00 24.77 ? 61   GLN A CG  1 
ATOM   481  C CD  . GLN A 1 61 ? 13.455  -19.583 -9.377  1.00 26.66 ? 61   GLN A CD  1 
ATOM   482  O OE1 . GLN A 1 61 ? 14.141  -19.291 -10.362 1.00 27.90 ? 61   GLN A OE1 1 
ATOM   483  N NE2 . GLN A 1 61 ? 13.642  -20.698 -8.676  1.00 25.33 ? 61   GLN A NE2 1 
ATOM   484  N N   . ILE A 1 62 ? 7.619   -18.452 -7.454  1.00 18.87 ? 62   ILE A N   1 
ATOM   485  C CA  . ILE A 1 62 ? 6.250   -18.953 -7.465  1.00 17.64 ? 62   ILE A CA  1 
ATOM   486  C C   . ILE A 1 62 ? 5.427   -18.380 -8.623  1.00 18.33 ? 62   ILE A C   1 
ATOM   487  O O   . ILE A 1 62 ? 5.318   -17.153 -8.791  1.00 15.45 ? 62   ILE A O   1 
ATOM   488  C CB  . ILE A 1 62 ? 5.521   -18.600 -6.152  1.00 18.30 ? 62   ILE A CB  1 
ATOM   489  C CG1 . ILE A 1 62 ? 6.265   -19.213 -4.953  1.00 17.38 ? 62   ILE A CG1 1 
ATOM   490  C CG2 . ILE A 1 62 ? 4.070   -19.076 -6.221  1.00 16.44 ? 62   ILE A CG2 1 
ATOM   491  C CD1 . ILE A 1 62 ? 6.268   -20.747 -4.921  1.00 19.71 ? 62   ILE A CD1 1 
ATOM   492  N N   . PRO A 1 63 ? 4.850   -19.263 -9.453  1.00 17.83 ? 63   PRO A N   1 
ATOM   493  C CA  . PRO A 1 63 ? 4.033   -18.801 -10.581 1.00 16.33 ? 63   PRO A CA  1 
ATOM   494  C C   . PRO A 1 63 ? 2.739   -18.217 -10.019 1.00 16.71 ? 63   PRO A C   1 
ATOM   495  O O   . PRO A 1 63 ? 2.121   -18.797 -9.116  1.00 14.11 ? 63   PRO A O   1 
ATOM   496  C CB  . PRO A 1 63 ? 3.767   -20.082 -11.374 1.00 17.53 ? 63   PRO A CB  1 
ATOM   497  C CG  . PRO A 1 63 ? 4.977   -20.946 -11.057 1.00 20.45 ? 63   PRO A CG  1 
ATOM   498  C CD  . PRO A 1 63 ? 5.149   -20.705 -9.570  1.00 18.00 ? 63   PRO A CD  1 
ATOM   499  N N   . ILE A 1 64 ? 2.323   -17.079 -10.557 1.00 14.08 ? 64   ILE A N   1 
ATOM   500  C CA  . ILE A 1 64 ? 1.096   -16.453 -10.090 1.00 16.67 ? 64   ILE A CA  1 
ATOM   501  C C   . ILE A 1 64 ? 0.426   -15.731 -11.247 1.00 16.62 ? 64   ILE A C   1 
ATOM   502  O O   . ILE A 1 64 ? 1.089   -15.051 -12.038 1.00 16.95 ? 64   ILE A O   1 
ATOM   503  C CB  . ILE A 1 64 ? 1.395   -15.478 -8.932  1.00 15.53 ? 64   ILE A CB  1 
ATOM   504  C CG1 . ILE A 1 64 ? 0.099   -14.860 -8.407  1.00 16.65 ? 64   ILE A CG1 1 
ATOM   505  C CG2 . ILE A 1 64 ? 2.359   -14.407 -9.398  1.00 18.56 ? 64   ILE A CG2 1 
ATOM   506  C CD1 . ILE A 1 64 ? 0.325   -13.988 -7.173  1.00 19.51 ? 64   ILE A CD1 1 
ATOM   507  N N   . GLU A 1 65 ? -0.884  -15.919 -11.369 1.00 17.75 ? 65   GLU A N   1 
ATOM   508  C CA  . GLU A 1 65 ? -1.649  -15.281 -12.432 1.00 20.38 ? 65   GLU A CA  1 
ATOM   509  C C   . GLU A 1 65 ? -2.383  -14.104 -11.843 1.00 21.57 ? 65   GLU A C   1 
ATOM   510  O O   . GLU A 1 65 ? -3.250  -14.268 -10.990 1.00 20.74 ? 65   GLU A O   1 
ATOM   511  C CB  . GLU A 1 65 ? -2.648  -16.265 -13.040 1.00 20.28 ? 65   GLU A CB  1 
ATOM   512  C CG  . GLU A 1 65 ? -1.996  -17.438 -13.698 1.00 23.24 ? 65   GLU A CG  1 
ATOM   513  C CD  . GLU A 1 65 ? -2.993  -18.347 -14.392 1.00 27.60 ? 65   GLU A CD  1 
ATOM   514  O OE1 . GLU A 1 65 ? -2.619  -19.506 -14.667 1.00 28.48 ? 65   GLU A OE1 1 
ATOM   515  O OE2 . GLU A 1 65 ? -4.138  -17.903 -14.660 1.00 28.02 ? 65   GLU A OE2 1 
ATOM   516  N N   . ILE A 1 66 ? -2.026  -12.914 -12.303 1.00 23.73 ? 66   ILE A N   1 
ATOM   517  C CA  . ILE A 1 66 ? -2.633  -11.693 -11.797 1.00 25.33 ? 66   ILE A CA  1 
ATOM   518  C C   . ILE A 1 66 ? -3.521  -11.087 -12.864 1.00 27.18 ? 66   ILE A C   1 
ATOM   519  O O   . ILE A 1 66 ? -3.039  -10.653 -13.905 1.00 26.08 ? 66   ILE A O   1 
ATOM   520  C CB  . ILE A 1 66 ? -1.542  -10.685 -11.384 1.00 25.22 ? 66   ILE A CB  1 
ATOM   521  C CG1 . ILE A 1 66 ? -0.651  -11.317 -10.314 1.00 25.11 ? 66   ILE A CG1 1 
ATOM   522  C CG2 . ILE A 1 66 ? -2.180  -9.390  -10.878 1.00 26.68 ? 66   ILE A CG2 1 
ATOM   523  C CD1 . ILE A 1 66 ? 0.582   -10.503 -9.962  1.00 26.67 ? 66   ILE A CD1 1 
ATOM   524  N N   . CYS A 1 67 ? -4.826  -11.075 -12.596 1.00 29.61 ? 67   CYS A N   1 
ATOM   525  C CA  . CYS A 1 67 ? -5.805  -10.537 -13.531 1.00 33.98 ? 67   CYS A CA  1 
ATOM   526  C C   . CYS A 1 67 ? -5.508  -11.001 -14.958 1.00 34.91 ? 67   CYS A C   1 
ATOM   527  O O   . CYS A 1 67 ? -5.553  -10.210 -15.902 1.00 37.53 ? 67   CYS A O   1 
ATOM   528  C CB  . CYS A 1 67 ? -5.808  -9.004  -13.467 1.00 35.06 ? 67   CYS A CB  1 
ATOM   529  S SG  . CYS A 1 67 ? -7.151  -8.222  -14.377 1.00 39.19 ? 67   CYS A SG  1 
ATOM   530  N N   . GLY A 1 68 ? -5.183  -12.283 -15.109 1.00 35.33 ? 68   GLY A N   1 
ATOM   531  C CA  . GLY A 1 68 ? -4.902  -12.819 -16.430 1.00 33.24 ? 68   GLY A CA  1 
ATOM   532  C C   . GLY A 1 68 ? -3.444  -12.877 -16.843 1.00 32.64 ? 68   GLY A C   1 
ATOM   533  O O   . GLY A 1 68 ? -3.087  -13.645 -17.737 1.00 31.91 ? 68   GLY A O   1 
ATOM   534  N N   . HIS A 1 69 ? -2.589  -12.079 -16.210 1.00 30.75 ? 69   HIS A N   1 
ATOM   535  C CA  . HIS A 1 69 ? -1.175  -12.077 -16.568 1.00 29.56 ? 69   HIS A CA  1 
ATOM   536  C C   . HIS A 1 69 ? -0.385  -13.116 -15.778 1.00 27.57 ? 69   HIS A C   1 
ATOM   537  O O   . HIS A 1 69 ? -0.403  -13.124 -14.551 1.00 25.55 ? 69   HIS A O   1 
ATOM   538  C CB  . HIS A 1 69 ? -0.569  -10.690 -16.338 1.00 30.72 ? 69   HIS A CB  1 
ATOM   539  C CG  . HIS A 1 69 ? -1.222  -9.607  -17.138 1.00 32.39 ? 69   HIS A CG  1 
ATOM   540  N ND1 . HIS A 1 69 ? -2.536  -9.234  -16.950 1.00 30.85 ? 69   HIS A ND1 1 
ATOM   541  C CD2 . HIS A 1 69 ? -0.746  -8.822  -18.133 1.00 33.04 ? 69   HIS A CD2 1 
ATOM   542  C CE1 . HIS A 1 69 ? -2.840  -8.266  -17.794 1.00 31.66 ? 69   HIS A CE1 1 
ATOM   543  N NE2 . HIS A 1 69 ? -1.772  -7.997  -18.523 1.00 31.90 ? 69   HIS A NE2 1 
ATOM   544  N N   . LYS A 1 70 ? 0.312   -13.987 -16.492 1.00 26.44 ? 70   LYS A N   1 
ATOM   545  C CA  . LYS A 1 70 ? 1.104   -15.016 -15.843 1.00 26.92 ? 70   LYS A CA  1 
ATOM   546  C C   . LYS A 1 70 ? 2.528   -14.532 -15.595 1.00 25.68 ? 70   LYS A C   1 
ATOM   547  O O   . LYS A 1 70 ? 3.246   -14.196 -16.528 1.00 26.25 ? 70   LYS A O   1 
ATOM   548  C CB  . LYS A 1 70 ? 1.123   -16.294 -16.692 1.00 27.21 ? 70   LYS A CB  1 
ATOM   549  C CG  . LYS A 1 70 ? -0.243  -16.946 -16.860 1.00 30.06 ? 70   LYS A CG  1 
ATOM   550  C CD  . LYS A 1 70 ? -0.150  -18.248 -17.647 1.00 34.18 ? 70   LYS A CD  1 
ATOM   551  C CE  . LYS A 1 70 ? 0.360   -18.016 -19.067 1.00 36.00 ? 70   LYS A CE  1 
ATOM   552  N NZ  . LYS A 1 70 ? -0.583  -17.177 -19.874 1.00 38.05 ? 70   LYS A NZ  1 
ATOM   553  N N   . VAL A 1 71 ? 2.917   -14.480 -14.325 1.00 23.66 ? 71   VAL A N   1 
ATOM   554  C CA  . VAL A 1 71 ? 4.261   -14.070 -13.947 1.00 22.49 ? 71   VAL A CA  1 
ATOM   555  C C   . VAL A 1 71 ? 4.790   -14.966 -12.831 1.00 21.86 ? 71   VAL A C   1 
ATOM   556  O O   . VAL A 1 71 ? 4.080   -15.837 -12.321 1.00 20.86 ? 71   VAL A O   1 
ATOM   557  C CB  . VAL A 1 71 ? 4.305   -12.590 -13.498 1.00 23.13 ? 71   VAL A CB  1 
ATOM   558  C CG1 . VAL A 1 71 ? 3.878   -11.700 -14.655 1.00 25.09 ? 71   VAL A CG1 1 
ATOM   559  C CG2 . VAL A 1 71 ? 3.402   -12.367 -12.294 1.00 23.41 ? 71   VAL A CG2 1 
ATOM   560  N N   . ILE A 1 72 ? 6.046   -14.764 -12.458 1.00 20.87 ? 72   ILE A N   1 
ATOM   561  C CA  . ILE A 1 72 ? 6.646   -15.572 -11.411 1.00 22.67 ? 72   ILE A CA  1 
ATOM   562  C C   . ILE A 1 72 ? 7.475   -14.706 -10.473 1.00 22.94 ? 72   ILE A C   1 
ATOM   563  O O   . ILE A 1 72 ? 8.213   -13.826 -10.906 1.00 23.76 ? 72   ILE A O   1 
ATOM   564  C CB  . ILE A 1 72 ? 7.538   -16.667 -12.021 1.00 24.24 ? 72   ILE A CB  1 
ATOM   565  C CG1 . ILE A 1 72 ? 8.178   -17.503 -10.912 1.00 23.98 ? 72   ILE A CG1 1 
ATOM   566  C CG2 . ILE A 1 72 ? 8.616   -16.028 -12.879 1.00 26.52 ? 72   ILE A CG2 1 
ATOM   567  C CD1 . ILE A 1 72 ? 8.994   -18.664 -11.433 1.00 25.92 ? 72   ILE A CD1 1 
ATOM   568  N N   . GLY A 1 73 ? 7.355   -14.961 -9.182  1.00 22.04 ? 73   GLY A N   1 
ATOM   569  C CA  . GLY A 1 73 ? 8.105   -14.174 -8.236  1.00 20.92 ? 73   GLY A CA  1 
ATOM   570  C C   . GLY A 1 73 ? 8.052   -14.726 -6.836  1.00 20.99 ? 73   GLY A C   1 
ATOM   571  O O   . GLY A 1 73 ? 7.524   -15.810 -6.583  1.00 20.10 ? 73   GLY A O   1 
ATOM   572  N N   . THR A 1 74 ? 8.626   -13.953 -5.929  1.00 20.75 ? 74   THR A N   1 
ATOM   573  C CA  . THR A 1 74 ? 8.686   -14.291 -4.526  1.00 19.53 ? 74   THR A CA  1 
ATOM   574  C C   . THR A 1 74 ? 7.351   -13.973 -3.897  1.00 18.42 ? 74   THR A C   1 
ATOM   575  O O   . THR A 1 74 ? 6.789   -12.903 -4.124  1.00 18.32 ? 74   THR A O   1 
ATOM   576  C CB  . THR A 1 74 ? 9.785   -13.476 -3.824  1.00 20.18 ? 74   THR A CB  1 
ATOM   577  O OG1 . THR A 1 74 ? 11.064  -13.864 -4.344  1.00 21.48 ? 74   THR A OG1 1 
ATOM   578  C CG2 . THR A 1 74 ? 9.753   -13.712 -2.329  1.00 20.10 ? 74   THR A CG2 1 
ATOM   579  N N   . VAL A 1 75 ? 6.841   -14.912 -3.112  1.00 15.86 ? 75   VAL A N   1 
ATOM   580  C CA  . VAL A 1 75 ? 5.571   -14.720 -2.448  1.00 15.74 ? 75   VAL A CA  1 
ATOM   581  C C   . VAL A 1 75 ? 5.720   -15.094 -0.993  1.00 15.19 ? 75   VAL A C   1 
ATOM   582  O O   . VAL A 1 75 ? 6.324   -16.119 -0.668  1.00 18.71 ? 75   VAL A O   1 
ATOM   583  C CB  . VAL A 1 75 ? 4.474   -15.596 -3.089  1.00 15.79 ? 75   VAL A CB  1 
ATOM   584  C CG1 . VAL A 1 75 ? 3.159   -15.425 -2.339  1.00 15.81 ? 75   VAL A CG1 1 
ATOM   585  C CG2 . VAL A 1 75 ? 4.311   -15.214 -4.554  1.00 16.82 ? 75   VAL A CG2 1 
ATOM   586  N N   . LEU A 1 76 ? 5.187   -14.255 -0.115  1.00 15.31 ? 76   LEU A N   1 
ATOM   587  C CA  . LEU A 1 76 ? 5.253   -14.525 1.313   1.00 14.03 ? 76   LEU A CA  1 
ATOM   588  C C   . LEU A 1 76 ? 3.908   -15.068 1.788   1.00 14.54 ? 76   LEU A C   1 
ATOM   589  O O   . LEU A 1 76 ? 2.847   -14.662 1.304   1.00 14.41 ? 76   LEU A O   1 
ATOM   590  C CB  . LEU A 1 76 ? 5.596   -13.240 2.080   1.00 14.72 ? 76   LEU A CB  1 
ATOM   591  C CG  . LEU A 1 76 ? 6.795   -12.439 1.570   1.00 15.72 ? 76   LEU A CG  1 
ATOM   592  C CD1 . LEU A 1 76 ? 6.981   -11.170 2.408   1.00 16.58 ? 76   LEU A CD1 1 
ATOM   593  C CD2 . LEU A 1 76 ? 8.041   -13.311 1.609   1.00 13.70 ? 76   LEU A CD2 1 
ATOM   594  N N   . VAL A 1 77 ? 3.949   -15.998 2.732   1.00 14.07 ? 77   VAL A N   1 
ATOM   595  C CA  . VAL A 1 77 ? 2.725   -16.553 3.286   1.00 16.36 ? 77   VAL A CA  1 
ATOM   596  C C   . VAL A 1 77 ? 2.843   -16.376 4.794   1.00 17.43 ? 77   VAL A C   1 
ATOM   597  O O   . VAL A 1 77 ? 3.810   -16.806 5.416   1.00 19.18 ? 77   VAL A O   1 
ATOM   598  C CB  . VAL A 1 77 ? 2.558   -18.060 2.935   1.00 15.85 ? 77   VAL A CB  1 
ATOM   599  C CG1 . VAL A 1 77 ? 1.286   -18.600 3.556   1.00 17.98 ? 77   VAL A CG1 1 
ATOM   600  C CG2 . VAL A 1 77 ? 2.498   -18.241 1.420   1.00 15.08 ? 77   VAL A CG2 1 
ATOM   601  N N   . GLY A 1 78 ? 1.863   -15.705 5.369   1.00 18.10 ? 78   GLY A N   1 
ATOM   602  C CA  . GLY A 1 78 ? 1.878   -15.462 6.792   1.00 19.91 ? 78   GLY A CA  1 
ATOM   603  C C   . GLY A 1 78 ? 0.663   -14.643 7.145   1.00 19.53 ? 78   GLY A C   1 
ATOM   604  O O   . GLY A 1 78 ? -0.094  -14.249 6.265   1.00 18.90 ? 78   GLY A O   1 
ATOM   605  N N   . PRO A 1 79 ? 0.455   -14.363 8.432   1.00 21.36 ? 79   PRO A N   1 
ATOM   606  C CA  . PRO A 1 79 ? -0.691  -13.580 8.891   1.00 21.14 ? 79   PRO A CA  1 
ATOM   607  C C   . PRO A 1 79 ? -0.781  -12.186 8.271   1.00 22.20 ? 79   PRO A C   1 
ATOM   608  O O   . PRO A 1 79 ? 0.184   -11.433 8.269   1.00 22.12 ? 79   PRO A O   1 
ATOM   609  C CB  . PRO A 1 79 ? -0.480  -13.516 10.401  1.00 23.31 ? 79   PRO A CB  1 
ATOM   610  C CG  . PRO A 1 79 ? 0.257   -14.795 10.697  1.00 23.45 ? 79   PRO A CG  1 
ATOM   611  C CD  . PRO A 1 79 ? 1.256   -14.847 9.569   1.00 21.84 ? 79   PRO A CD  1 
ATOM   612  N N   . THR A 1 80 ? -1.947  -11.861 7.732   1.00 21.60 ? 80   THR A N   1 
ATOM   613  C CA  . THR A 1 80 ? -2.189  -10.548 7.153   1.00 22.54 ? 80   THR A CA  1 
ATOM   614  C C   . THR A 1 80 ? -3.685  -10.398 7.007   1.00 23.35 ? 80   THR A C   1 
ATOM   615  O O   . THR A 1 80 ? -4.373  -11.331 6.605   1.00 25.20 ? 80   THR A O   1 
ATOM   616  C CB  . THR A 1 80 ? -1.509  -10.347 5.759   1.00 21.29 ? 80   THR A CB  1 
ATOM   617  O OG1 . THR A 1 80 ? -1.916  -9.080  5.218   1.00 20.31 ? 80   THR A OG1 1 
ATOM   618  C CG2 . THR A 1 80 ? -1.904  -11.451 4.781   1.00 19.31 ? 80   THR A CG2 1 
ATOM   619  N N   . PRO A 1 81 ? -4.215  -9.223  7.344   1.00 24.10 ? 81   PRO A N   1 
ATOM   620  C CA  . PRO A 1 81 ? -5.652  -9.008  7.232   1.00 24.57 ? 81   PRO A CA  1 
ATOM   621  C C   . PRO A 1 81 ? -6.133  -8.866  5.787   1.00 24.02 ? 81   PRO A C   1 
ATOM   622  O O   . PRO A 1 81 ? -7.333  -8.842  5.533   1.00 23.78 ? 81   PRO A O   1 
ATOM   623  C CB  . PRO A 1 81 ? -5.870  -7.749  8.065   1.00 26.05 ? 81   PRO A CB  1 
ATOM   624  C CG  . PRO A 1 81 ? -4.608  -7.003  7.854   1.00 26.72 ? 81   PRO A CG  1 
ATOM   625  C CD  . PRO A 1 81 ? -3.554  -8.062  7.961   1.00 26.00 ? 81   PRO A CD  1 
ATOM   626  N N   . ALA A 1 82 ? -5.196  -8.767  4.847   1.00 22.73 ? 82   ALA A N   1 
ATOM   627  C CA  . ALA A 1 82 ? -5.542  -8.648  3.431   1.00 19.53 ? 82   ALA A CA  1 
ATOM   628  C C   . ALA A 1 82 ? -4.421  -9.158  2.539   1.00 18.68 ? 82   ALA A C   1 
ATOM   629  O O   . ALA A 1 82 ? -3.246  -8.892  2.793   1.00 17.33 ? 82   ALA A O   1 
ATOM   630  C CB  . ALA A 1 82 ? -5.853  -7.193  3.082   1.00 22.50 ? 82   ALA A CB  1 
ATOM   631  N N   . ASN A 1 83 ? -4.776  -9.905  1.498   1.00 16.05 ? 83   ASN A N   1 
ATOM   632  C CA  . ASN A 1 83 ? -3.769  -10.417 0.573   1.00 15.40 ? 83   ASN A CA  1 
ATOM   633  C C   . ASN A 1 83 ? -3.308  -9.228  -0.249  1.00 14.79 ? 83   ASN A C   1 
ATOM   634  O O   . ASN A 1 83 ? -4.132  -8.459  -0.724  1.00 14.12 ? 83   ASN A O   1 
ATOM   635  C CB  . ASN A 1 83 ? -4.359  -11.466 -0.369  1.00 14.11 ? 83   ASN A CB  1 
ATOM   636  C CG  . ASN A 1 83 ? -4.806  -12.715 0.356   1.00 15.11 ? 83   ASN A CG  1 
ATOM   637  O OD1 . ASN A 1 83 ? -4.162  -13.157 1.311   1.00 16.68 ? 83   ASN A OD1 1 
ATOM   638  N ND2 . ASN A 1 83 ? -5.895  -13.314 -0.114  1.00 13.76 ? 83   ASN A ND2 1 
ATOM   639  N N   . VAL A 1 84 ? -1.997  -9.097  -0.423  1.00 14.32 ? 84   VAL A N   1 
ATOM   640  C CA  . VAL A 1 84 ? -1.430  -7.983  -1.161  1.00 16.08 ? 84   VAL A CA  1 
ATOM   641  C C   . VAL A 1 84 ? -0.441  -8.342  -2.271  1.00 14.91 ? 84   VAL A C   1 
ATOM   642  O O   . VAL A 1 84 ? 0.442   -9.178  -2.082  1.00 14.87 ? 84   VAL A O   1 
ATOM   643  C CB  . VAL A 1 84 ? -0.712  -7.015  -0.180  1.00 17.67 ? 84   VAL A CB  1 
ATOM   644  C CG1 . VAL A 1 84 ? 0.304   -6.155  -0.921  1.00 20.00 ? 84   VAL A CG1 1 
ATOM   645  C CG2 . VAL A 1 84 ? -1.737  -6.155  0.520   1.00 17.10 ? 84   VAL A CG2 1 
ATOM   646  N N   . ILE A 1 85 ? -0.590  -7.700  -3.429  1.00 15.73 ? 85   ILE A N   1 
ATOM   647  C CA  . ILE A 1 85 ? 0.360   -7.898  -4.529  1.00 13.18 ? 85   ILE A CA  1 
ATOM   648  C C   . ILE A 1 85 ? 1.262   -6.659  -4.449  1.00 11.95 ? 85   ILE A C   1 
ATOM   649  O O   . ILE A 1 85 ? 0.789   -5.538  -4.644  1.00 10.77 ? 85   ILE A O   1 
ATOM   650  C CB  . ILE A 1 85 ? -0.313  -7.897  -5.915  1.00 15.21 ? 85   ILE A CB  1 
ATOM   651  C CG1 . ILE A 1 85 ? -1.422  -8.958  -5.975  1.00 16.35 ? 85   ILE A CG1 1 
ATOM   652  C CG2 . ILE A 1 85 ? 0.753   -8.133  -6.997  1.00 16.91 ? 85   ILE A CG2 1 
ATOM   653  C CD1 . ILE A 1 85 ? -0.949  -10.371 -5.749  1.00 15.63 ? 85   ILE A CD1 1 
ATOM   654  N N   . GLY A 1 86 ? 2.543   -6.865  -4.156  1.00 12.05 ? 86   GLY A N   1 
ATOM   655  C CA  . GLY A 1 86 ? 3.481   -5.756  -4.029  1.00 12.34 ? 86   GLY A CA  1 
ATOM   656  C C   . GLY A 1 86 ? 4.167   -5.353  -5.320  1.00 14.11 ? 86   GLY A C   1 
ATOM   657  O O   . GLY A 1 86 ? 3.864   -5.892  -6.387  1.00 13.01 ? 86   GLY A O   1 
ATOM   658  N N   . ARG A 1 87 ? 5.096   -4.406  -5.218  1.00 13.38 ? 87   ARG A N   1 
ATOM   659  C CA  . ARG A 1 87 ? 5.830   -3.901  -6.375  1.00 13.49 ? 87   ARG A CA  1 
ATOM   660  C C   . ARG A 1 87 ? 6.679   -4.973  -7.062  1.00 13.98 ? 87   ARG A C   1 
ATOM   661  O O   . ARG A 1 87 ? 6.907   -4.885  -8.264  1.00 11.94 ? 87   ARG A O   1 
ATOM   662  C CB  . ARG A 1 87 ? 6.740   -2.725  -5.969  1.00 14.01 ? 87   ARG A CB  1 
ATOM   663  C CG  . ARG A 1 87 ? 5.982   -1.467  -5.502  1.00 14.70 ? 87   ARG A CG  1 
ATOM   664  C CD  . ARG A 1 87 ? 6.891   -0.235  -5.337  1.00 14.70 ? 87   ARG A CD  1 
ATOM   665  N NE  . ARG A 1 87 ? 7.866   -0.406  -4.260  1.00 16.37 ? 87   ARG A NE  1 
ATOM   666  C CZ  . ARG A 1 87 ? 9.121   -0.811  -4.431  1.00 17.84 ? 87   ARG A CZ  1 
ATOM   667  N NH1 . ARG A 1 87 ? 9.588   -1.081  -5.648  1.00 19.30 ? 87   ARG A NH1 1 
ATOM   668  N NH2 . ARG A 1 87 ? 9.901   -0.985  -3.377  1.00 16.56 ? 87   ARG A NH2 1 
ATOM   669  N N   . ASN A 1 88 ? 7.144   -5.974  -6.304  1.00 14.81 ? 88   ASN A N   1 
ATOM   670  C CA  . ASN A 1 88 ? 7.974   -7.046  -6.866  1.00 14.29 ? 88   ASN A CA  1 
ATOM   671  C C   . ASN A 1 88 ? 7.256   -7.772  -8.003  1.00 14.51 ? 88   ASN A C   1 
ATOM   672  O O   . ASN A 1 88 ? 7.891   -8.268  -8.930  1.00 14.54 ? 88   ASN A O   1 
ATOM   673  C CB  . ASN A 1 88 ? 8.371   -8.062  -5.779  1.00 15.62 ? 88   ASN A CB  1 
ATOM   674  C CG  . ASN A 1 88 ? 7.211   -8.946  -5.355  1.00 15.83 ? 88   ASN A CG  1 
ATOM   675  O OD1 . ASN A 1 88 ? 6.160   -8.455  -4.946  1.00 14.10 ? 88   ASN A OD1 1 
ATOM   676  N ND2 . ASN A 1 88 ? 7.398   -10.263 -5.456  1.00 14.22 ? 88   ASN A ND2 1 
ATOM   677  N N   . LEU A 1 89 ? 5.930   -7.826  -7.936  1.00 15.29 ? 89   LEU A N   1 
ATOM   678  C CA  . LEU A 1 89 ? 5.132   -8.481  -8.972  1.00 15.48 ? 89   LEU A CA  1 
ATOM   679  C C   . LEU A 1 89 ? 4.397   -7.475  -9.869  1.00 15.17 ? 89   LEU A C   1 
ATOM   680  O O   . LEU A 1 89 ? 4.082   -7.781  -11.025 1.00 14.64 ? 89   LEU A O   1 
ATOM   681  C CB  . LEU A 1 89 ? 4.116   -9.440  -8.335  1.00 16.12 ? 89   LEU A CB  1 
ATOM   682  C CG  . LEU A 1 89 ? 4.448   -10.939 -8.301  1.00 23.20 ? 89   LEU A CG  1 
ATOM   683  C CD1 . LEU A 1 89 ? 5.944   -11.194 -8.290  1.00 22.87 ? 89   LEU A CD1 1 
ATOM   684  C CD2 . LEU A 1 89 ? 3.777   -11.542 -7.081  1.00 22.23 ? 89   LEU A CD2 1 
ATOM   685  N N   . MET A 1 90 ? 4.112   -6.285  -9.349  1.00 13.72 ? 90   MET A N   1 
ATOM   686  C CA  . MET A 1 90 ? 3.437   -5.287  -10.170 1.00 16.44 ? 90   MET A CA  1 
ATOM   687  C C   . MET A 1 90 ? 4.303   -4.784  -11.314 1.00 16.21 ? 90   MET A C   1 
ATOM   688  O O   . MET A 1 90 ? 3.777   -4.361  -12.340 1.00 18.77 ? 90   MET A O   1 
ATOM   689  C CB  . MET A 1 90 ? 2.965   -4.150  -9.283  1.00 17.31 ? 90   MET A CB  1 
ATOM   690  C CG  . MET A 1 90 ? 1.603   -4.397  -8.660  1.00 17.59 ? 90   MET A CG  1 
ATOM   691  S SD  . MET A 1 90 ? 0.924   -2.948  -7.854  1.00 19.15 ? 90   MET A SD  1 
ATOM   692  C CE  . MET A 1 90 ? 2.353   -2.326  -6.970  1.00 16.69 ? 90   MET A CE  1 
ATOM   693  N N   . THR A 1 91 ? 5.623   -4.823  -11.148 1.00 15.65 ? 91   THR A N   1 
ATOM   694  C CA  . THR A 1 91 ? 6.506   -4.386  -12.223 1.00 15.02 ? 91   THR A CA  1 
ATOM   695  C C   . THR A 1 91 ? 6.466   -5.422  -13.347 1.00 16.70 ? 91   THR A C   1 
ATOM   696  O O   . THR A 1 91 ? 6.688   -5.094  -14.509 1.00 16.77 ? 91   THR A O   1 
ATOM   697  C CB  . THR A 1 91 ? 7.975   -4.264  -11.757 1.00 15.45 ? 91   THR A CB  1 
ATOM   698  O OG1 . THR A 1 91 ? 8.380   -5.495  -11.143 1.00 15.73 ? 91   THR A OG1 1 
ATOM   699  C CG2 . THR A 1 91 ? 8.137   -3.119  -10.768 1.00 11.94 ? 91   THR A CG2 1 
ATOM   700  N N   . GLN A 1 92 ? 6.176   -6.673  -12.993 1.00 17.93 ? 92   GLN A N   1 
ATOM   701  C CA  . GLN A 1 92 ? 6.136   -7.754  -13.974 1.00 19.90 ? 92   GLN A CA  1 
ATOM   702  C C   . GLN A 1 92 ? 4.924   -7.683  -14.899 1.00 20.02 ? 92   GLN A C   1 
ATOM   703  O O   . GLN A 1 92 ? 4.982   -8.162  -16.029 1.00 20.07 ? 92   GLN A O   1 
ATOM   704  C CB  . GLN A 1 92 ? 6.179   -9.105  -13.260 1.00 21.62 ? 92   GLN A CB  1 
ATOM   705  C CG  . GLN A 1 92 ? 7.300   -9.196  -12.239 1.00 26.39 ? 92   GLN A CG  1 
ATOM   706  C CD  . GLN A 1 92 ? 8.665   -9.008  -12.859 1.00 27.30 ? 92   GLN A CD  1 
ATOM   707  O OE1 . GLN A 1 92 ? 9.479   -8.219  -12.373 1.00 30.78 ? 92   GLN A OE1 1 
ATOM   708  N NE2 . GLN A 1 92 ? 8.929   -9.733  -13.936 1.00 29.49 ? 92   GLN A NE2 1 
ATOM   709  N N   . ILE A 1 93 ? 3.819   -7.110  -14.435 1.00 19.18 ? 93   ILE A N   1 
ATOM   710  C CA  . ILE A 1 93 ? 2.677   -6.993  -15.331 1.00 20.93 ? 93   ILE A CA  1 
ATOM   711  C C   . ILE A 1 93 ? 2.648   -5.577  -15.919 1.00 20.11 ? 93   ILE A C   1 
ATOM   712  O O   . ILE A 1 93 ? 1.700   -5.191  -16.586 1.00 20.66 ? 93   ILE A O   1 
ATOM   713  C CB  . ILE A 1 93 ? 1.320   -7.358  -14.645 1.00 21.41 ? 93   ILE A CB  1 
ATOM   714  C CG1 . ILE A 1 93 ? 0.819   -6.231  -13.741 1.00 22.08 ? 93   ILE A CG1 1 
ATOM   715  C CG2 . ILE A 1 93 ? 1.482   -8.651  -13.878 1.00 21.40 ? 93   ILE A CG2 1 
ATOM   716  C CD1 . ILE A 1 93 ? 1.546   -6.102  -12.454 1.00 26.98 ? 93   ILE A CD1 1 
ATOM   717  N N   . GLY A 1 94 ? 3.719   -4.826  -15.668 1.00 19.69 ? 94   GLY A N   1 
ATOM   718  C CA  . GLY A 1 94 ? 3.861   -3.476  -16.195 1.00 19.70 ? 94   GLY A CA  1 
ATOM   719  C C   . GLY A 1 94 ? 2.945   -2.408  -15.631 1.00 20.62 ? 94   GLY A C   1 
ATOM   720  O O   . GLY A 1 94 ? 2.605   -1.456  -16.330 1.00 20.46 ? 94   GLY A O   1 
ATOM   721  N N   . CYS A 1 95 ? 2.577   -2.554  -14.361 1.00 20.37 ? 95   CYS A N   1 
ATOM   722  C CA  . CYS A 1 95 ? 1.679   -1.623  -13.681 1.00 19.81 ? 95   CYS A CA  1 
ATOM   723  C C   . CYS A 1 95 ? 2.347   -0.304  -13.303 1.00 19.38 ? 95   CYS A C   1 
ATOM   724  O O   . CYS A 1 95 ? 3.445   -0.285  -12.727 1.00 20.32 ? 95   CYS A O   1 
ATOM   725  C CB  . CYS A 1 95 ? 1.114   -2.297  -12.425 1.00 22.91 ? 95   CYS A CB  1 
ATOM   726  S SG  . CYS A 1 95 ? -0.310  -1.484  -11.674 1.00 25.84 ? 95   CYS A SG  1 
ATOM   727  N N   . THR A 1 96 ? 1.667   0.801   -13.610 1.00 17.43 ? 96   THR A N   1 
ATOM   728  C CA  . THR A 1 96 ? 2.169   2.138   -13.307 1.00 16.99 ? 96   THR A CA  1 
ATOM   729  C C   . THR A 1 96 ? 1.106   3.002   -12.616 1.00 16.44 ? 96   THR A C   1 
ATOM   730  O O   . THR A 1 96 ? -0.097  2.746   -12.735 1.00 14.05 ? 96   THR A O   1 
ATOM   731  C CB  . THR A 1 96 ? 2.609   2.883   -14.599 1.00 18.24 ? 96   THR A CB  1 
ATOM   732  O OG1 . THR A 1 96 ? 1.469   3.100   -15.445 1.00 19.57 ? 96   THR A OG1 1 
ATOM   733  C CG2 . THR A 1 96 ? 3.639   2.074   -15.359 1.00 18.98 ? 96   THR A CG2 1 
ATOM   734  N N   . LEU A 1 97 ? 1.569   4.015   -11.892 1.00 16.80 ? 97   LEU A N   1 
ATOM   735  C CA  . LEU A 1 97 ? 0.701   4.959   -11.199 1.00 18.90 ? 97   LEU A CA  1 
ATOM   736  C C   . LEU A 1 97 ? 0.702   6.184   -12.109 1.00 18.96 ? 97   LEU A C   1 
ATOM   737  O O   . LEU A 1 97 ? 1.744   6.542   -12.639 1.00 17.98 ? 97   LEU A O   1 
ATOM   738  C CB  . LEU A 1 97 ? 1.303   5.295   -9.832  1.00 21.65 ? 97   LEU A CB  1 
ATOM   739  C CG  . LEU A 1 97 ? 0.438   5.333   -8.577  1.00 24.69 ? 97   LEU A CG  1 
ATOM   740  C CD1 . LEU A 1 97 ? -0.566  4.205   -8.583  1.00 25.02 ? 97   LEU A CD1 1 
ATOM   741  C CD2 . LEU A 1 97 ? 1.360   5.240   -7.359  1.00 23.60 ? 97   LEU A CD2 1 
ATOM   742  N N   . ASN A 1 98 ? -0.450  6.828   -12.280 1.00 20.00 ? 98   ASN A N   1 
ATOM   743  C CA  . ASN A 1 98 ? -0.551  7.978   -13.179 1.00 20.60 ? 98   ASN A CA  1 
ATOM   744  C C   . ASN A 1 98 ? -1.448  9.084   -12.641 1.00 20.39 ? 98   ASN A C   1 
ATOM   745  O O   . ASN A 1 98 ? -2.488  8.804   -12.054 1.00 19.82 ? 98   ASN A O   1 
ATOM   746  C CB  . ASN A 1 98 ? -1.123  7.510   -14.515 1.00 20.84 ? 98   ASN A CB  1 
ATOM   747  C CG  . ASN A 1 98 ? -0.611  6.145   -14.914 1.00 23.67 ? 98   ASN A CG  1 
ATOM   748  O OD1 . ASN A 1 98 ? 0.343   6.021   -15.672 1.00 24.14 ? 98   ASN A OD1 1 
ATOM   749  N ND2 . ASN A 1 98 ? -1.231  5.108   -14.375 1.00 25.88 ? 98   ASN A ND2 1 
ATOM   750  N N   . PHE A 1 99 ? -1.035  10.335  -12.831 1.00 20.20 ? 99   PHE A N   1 
ATOM   751  C CA  . PHE A 1 99 ? -1.850  11.477  -12.413 1.00 22.03 ? 99   PHE A CA  1 
ATOM   752  C C   . PHE A 1 99 ? -1.435  12.771  -13.114 1.00 23.48 ? 99   PHE A C   1 
ATOM   753  O O   . PHE A 1 99 ? -0.616  12.686  -14.058 1.00 25.48 ? 99   PHE A O   1 
ATOM   754  C CB  . PHE A 1 99 ? -1.863  11.650  -10.874 1.00 20.30 ? 99   PHE A CB  1 
ATOM   755  C CG  . PHE A 1 99 ? -0.534  12.007  -10.258 1.00 21.17 ? 99   PHE A CG  1 
ATOM   756  C CD1 . PHE A 1 99 ? 0.417   11.031  -9.998  1.00 19.39 ? 99   PHE A CD1 1 
ATOM   757  C CD2 . PHE A 1 99 ? -0.255  13.327  -9.894  1.00 22.29 ? 99   PHE A CD2 1 
ATOM   758  C CE1 . PHE A 1 99 ? 1.625   11.357  -9.384  1.00 21.70 ? 99   PHE A CE1 1 
ATOM   759  C CE2 . PHE A 1 99 ? 0.958   13.662  -9.276  1.00 21.75 ? 99   PHE A CE2 1 
ATOM   760  C CZ  . PHE A 1 99 ? 1.897   12.674  -9.022  1.00 21.86 ? 99   PHE A CZ  1 
ATOM   761  O OXT . PHE A 1 99 ? -1.946  13.848  -12.740 1.00 24.53 ? 99   PHE A OXT 1 
ATOM   762  N N   . PRO B 1 1  ? 2.205   13.012  -14.143 1.00 27.31 ? 1    PRO B N   1 
ATOM   763  C CA  . PRO B 1 1  ? 3.303   12.058  -14.036 1.00 26.80 ? 1    PRO B CA  1 
ATOM   764  C C   . PRO B 1 1  ? 3.014   10.600  -14.159 1.00 24.87 ? 1    PRO B C   1 
ATOM   765  O O   . PRO B 1 1  ? 2.131   10.079  -13.466 1.00 24.87 ? 1    PRO B O   1 
ATOM   766  C CB  . PRO B 1 1  ? 3.925   12.470  -12.728 1.00 28.39 ? 1    PRO B CB  1 
ATOM   767  C CG  . PRO B 1 1  ? 3.817   13.951  -12.795 1.00 28.40 ? 1    PRO B CG  1 
ATOM   768  C CD  . PRO B 1 1  ? 2.704   14.326  -13.728 1.00 28.92 ? 1    PRO B CD  1 
ATOM   769  N N   . GLN B 1 2  ? 3.734   9.893   -15.004 1.00 23.12 ? 2    GLN B N   1 
ATOM   770  C CA  . GLN B 1 2  ? 3.550   8.460   -14.859 1.00 22.02 ? 2    GLN B CA  1 
ATOM   771  C C   . GLN B 1 2  ? 4.693   7.975   -13.976 1.00 22.45 ? 2    GLN B C   1 
ATOM   772  O O   . GLN B 1 2  ? 5.815   8.486   -14.069 1.00 22.61 ? 2    GLN B O   1 
ATOM   773  C CB  . GLN B 1 2  ? 3.619   7.772   -16.220 1.00 23.71 ? 2    GLN B CB  1 
ATOM   774  C CG  . GLN B 1 2  ? 3.435   6.265   -16.164 1.00 25.12 ? 2    GLN B CG  1 
ATOM   775  C CD  . GLN B 1 2  ? 3.286   5.650   -17.542 1.00 26.96 ? 2    GLN B CD  1 
ATOM   776  O OE1 . GLN B 1 2  ? 4.240   5.584   -18.315 1.00 26.47 ? 2    GLN B OE1 1 
ATOM   777  N NE2 . GLN B 1 2  ? 2.073   5.210   -17.864 1.00 28.94 ? 2    GLN B NE2 1 
ATOM   778  N N   . ILE B 1 3  ? 4.412   6.997   -13.123 1.00 18.70 ? 3    ILE B N   1 
ATOM   779  C CA  . ILE B 1 3  ? 5.430   6.473   -12.231 1.00 19.75 ? 3    ILE B CA  1 
ATOM   780  C C   . ILE B 1 3  ? 5.489   4.951   -12.314 1.00 18.92 ? 3    ILE B C   1 
ATOM   781  O O   . ILE B 1 3  ? 4.473   4.278   -12.129 1.00 21.40 ? 3    ILE B O   1 
ATOM   782  C CB  . ILE B 1 3  ? 5.131   6.887   -10.766 1.00 20.73 ? 3    ILE B CB  1 
ATOM   783  C CG1 . ILE B 1 3  ? 4.983   8.411   -10.686 1.00 22.10 ? 3    ILE B CG1 1 
ATOM   784  C CG2 . ILE B 1 3  ? 6.246   6.399   -9.833  1.00 20.17 ? 3    ILE B CG2 1 
ATOM   785  C CD1 . ILE B 1 3  ? 4.497   8.924   -9.346  1.00 23.13 ? 3    ILE B CD1 1 
ATOM   786  N N   . THR B 1 4  ? 6.666   4.408   -12.614 1.00 16.33 ? 4    THR B N   1 
ATOM   787  C CA  . THR B 1 4  ? 6.826   2.958   -12.659 1.00 14.48 ? 4    THR B CA  1 
ATOM   788  C C   . THR B 1 4  ? 7.079   2.501   -11.227 1.00 14.79 ? 4    THR B C   1 
ATOM   789  O O   . THR B 1 4  ? 7.321   3.315   -10.339 1.00 15.95 ? 4    THR B O   1 
ATOM   790  C CB  . THR B 1 4  ? 7.989   2.516   -13.569 1.00 13.35 ? 4    THR B CB  1 
ATOM   791  O OG1 . THR B 1 4  ? 9.226   3.017   -13.059 1.00 15.12 ? 4    THR B OG1 1 
ATOM   792  C CG2 . THR B 1 4  ? 7.776   3.063   -14.974 1.00 13.91 ? 4    THR B CG2 1 
ATOM   793  N N   . LEU B 1 5  ? 7.044   1.201   -10.996 1.00 12.78 ? 5    LEU B N   1 
ATOM   794  C CA  . LEU B 1 5  ? 7.175   0.712   -9.647  1.00 13.49 ? 5    LEU B CA  1 
ATOM   795  C C   . LEU B 1 5  ? 8.437   -0.050  -9.283  1.00 12.85 ? 5    LEU B C   1 
ATOM   796  O O   . LEU B 1 5  ? 8.429   -0.848  -8.345  1.00 12.42 ? 5    LEU B O   1 
ATOM   797  C CB  . LEU B 1 5  ? 5.918   -0.108  -9.322  1.00 12.05 ? 5    LEU B CB  1 
ATOM   798  C CG  . LEU B 1 5  ? 4.610   0.700   -9.232  1.00 12.62 ? 5    LEU B CG  1 
ATOM   799  C CD1 . LEU B 1 5  ? 3.398   -0.243  -9.230  1.00 10.85 ? 5    LEU B CD1 1 
ATOM   800  C CD2 . LEU B 1 5  ? 4.621   1.555   -7.969  1.00 10.00 ? 5    LEU B CD2 1 
ATOM   801  N N   . TRP B 1 6  ? 9.529   0.195   -10.008 1.00 14.02 ? 6    TRP B N   1 
ATOM   802  C CA  . TRP B 1 6  ? 10.778  -0.485  -9.691  1.00 13.64 ? 6    TRP B CA  1 
ATOM   803  C C   . TRP B 1 6  ? 11.357  0.085   -8.397  1.00 15.31 ? 6    TRP B C   1 
ATOM   804  O O   . TRP B 1 6  ? 12.191  -0.531  -7.744  1.00 13.57 ? 6    TRP B O   1 
ATOM   805  C CB  . TRP B 1 6  ? 11.767  -0.347  -10.852 1.00 15.39 ? 6    TRP B CB  1 
ATOM   806  C CG  . TRP B 1 6  ? 11.213  -0.936  -12.100 1.00 18.28 ? 6    TRP B CG  1 
ATOM   807  C CD1 . TRP B 1 6  ? 10.401  -0.321  -13.006 1.00 19.25 ? 6    TRP B CD1 1 
ATOM   808  C CD2 . TRP B 1 6  ? 11.334  -2.296  -12.524 1.00 19.18 ? 6    TRP B CD2 1 
ATOM   809  N NE1 . TRP B 1 6  ? 10.000  -1.218  -13.970 1.00 20.55 ? 6    TRP B NE1 1 
ATOM   810  C CE2 . TRP B 1 6  ? 10.562  -2.439  -13.697 1.00 20.48 ? 6    TRP B CE2 1 
ATOM   811  C CE3 . TRP B 1 6  ? 12.020  -3.410  -12.023 1.00 20.15 ? 6    TRP B CE3 1 
ATOM   812  C CZ2 . TRP B 1 6  ? 10.458  -3.648  -14.380 1.00 21.52 ? 6    TRP B CZ2 1 
ATOM   813  C CZ3 . TRP B 1 6  ? 11.918  -4.619  -12.704 1.00 22.05 ? 6    TRP B CZ3 1 
ATOM   814  C CH2 . TRP B 1 6  ? 11.142  -4.725  -13.871 1.00 22.36 ? 6    TRP B CH2 1 
ATOM   815  N N   . GLN B 1 7  ? 10.896  1.272   -8.026  1.00 17.76 ? 7    GLN B N   1 
ATOM   816  C CA  . GLN B 1 7  ? 11.332  1.910   -6.796  1.00 20.04 ? 7    GLN B CA  1 
ATOM   817  C C   . GLN B 1 7  ? 10.090  2.402   -6.066  1.00 18.46 ? 7    GLN B C   1 
ATOM   818  O O   . GLN B 1 7  ? 9.034   2.546   -6.672  1.00 17.92 ? 7    GLN B O   1 
ATOM   819  C CB  . GLN B 1 7  ? 12.267  3.082   -7.102  1.00 24.52 ? 7    GLN B CB  1 
ATOM   820  C CG  . GLN B 1 7  ? 13.567  2.645   -7.771  1.00 31.74 ? 7    GLN B CG  1 
ATOM   821  C CD  . GLN B 1 7  ? 14.547  3.784   -7.961  1.00 33.50 ? 7    GLN B CD  1 
ATOM   822  O OE1 . GLN B 1 7  ? 14.285  4.729   -8.705  1.00 38.67 ? 7    GLN B OE1 1 
ATOM   823  N NE2 . GLN B 1 7  ? 15.689  3.699   -7.282  1.00 36.77 ? 7    GLN B NE2 1 
ATOM   824  N N   . ARG B 1 8  ? 10.209  2.635   -4.768  1.00 18.17 ? 8    ARG B N   1 
ATOM   825  C CA  . ARG B 1 8  ? 9.075   3.115   -3.989  1.00 20.00 ? 8    ARG B CA  1 
ATOM   826  C C   . ARG B 1 8  ? 8.537   4.388   -4.617  1.00 18.16 ? 8    ARG B C   1 
ATOM   827  O O   . ARG B 1 8  ? 9.302   5.280   -4.995  1.00 17.72 ? 8    ARG B O   1 
ATOM   828  C CB  . ARG B 1 8  ? 9.492   3.398   -2.544  1.00 23.93 ? 8    ARG B CB  1 
ATOM   829  C CG  . ARG B 1 8  ? 9.934   2.165   -1.775  1.00 26.45 ? 8    ARG B CG  1 
ATOM   830  C CD  . ARG B 1 8  ? 10.180  2.498   -0.314  1.00 31.30 ? 8    ARG B CD  1 
ATOM   831  N NE  . ARG B 1 8  ? 10.224  1.289   0.503   1.00 36.02 ? 8    ARG B NE  1 
ATOM   832  C CZ  . ARG B 1 8  ? 10.389  1.280   1.822   1.00 38.31 ? 8    ARG B CZ  1 
ATOM   833  N NH1 . ARG B 1 8  ? 10.524  2.423   2.488   1.00 39.27 ? 8    ARG B NH1 1 
ATOM   834  N NH2 . ARG B 1 8  ? 10.418  0.122   2.477   1.00 38.47 ? 8    ARG B NH2 1 
ATOM   835  N N   . PRO B 1 9  ? 7.206   4.489   -4.749  1.00 17.59 ? 9    PRO B N   1 
ATOM   836  C CA  . PRO B 1 9  ? 6.635   5.696   -5.352  1.00 14.96 ? 9    PRO B CA  1 
ATOM   837  C C   . PRO B 1 9  ? 6.530   6.873   -4.369  1.00 15.83 ? 9    PRO B C   1 
ATOM   838  O O   . PRO B 1 9  ? 5.449   7.225   -3.906  1.00 14.15 ? 9    PRO B O   1 
ATOM   839  C CB  . PRO B 1 9  ? 5.287   5.203   -5.851  1.00 15.06 ? 9    PRO B CB  1 
ATOM   840  C CG  . PRO B 1 9  ? 4.888   4.236   -4.784  1.00 15.50 ? 9    PRO B CG  1 
ATOM   841  C CD  . PRO B 1 9  ? 6.166   3.478   -4.487  1.00 14.73 ? 9    PRO B CD  1 
ATOM   842  N N   . LEU B 1 10 ? 7.665   7.492   -4.066  1.00 14.74 ? 10   LEU B N   1 
ATOM   843  C CA  . LEU B 1 10 ? 7.697   8.625   -3.142  1.00 15.56 ? 10   LEU B CA  1 
ATOM   844  C C   . LEU B 1 10 ? 7.389   9.951   -3.825  1.00 14.81 ? 10   LEU B C   1 
ATOM   845  O O   . LEU B 1 10 ? 7.783   10.185  -4.976  1.00 13.86 ? 10   LEU B O   1 
ATOM   846  C CB  . LEU B 1 10 ? 9.072   8.741   -2.480  1.00 15.96 ? 10   LEU B CB  1 
ATOM   847  C CG  . LEU B 1 10 ? 9.579   7.690   -1.496  1.00 18.41 ? 10   LEU B CG  1 
ATOM   848  C CD1 . LEU B 1 10 ? 11.085  7.894   -1.303  1.00 19.62 ? 10   LEU B CD1 1 
ATOM   849  C CD2 . LEU B 1 10 ? 8.843   7.815   -0.158  1.00 20.07 ? 10   LEU B CD2 1 
ATOM   850  N N   . VAL B 1 11 ? 6.677   10.811  -3.104  1.00 13.75 ? 11   VAL B N   1 
ATOM   851  C CA  . VAL B 1 11 ? 6.340   12.142  -3.585  1.00 15.20 ? 11   VAL B CA  1 
ATOM   852  C C   . VAL B 1 11 ? 6.607   13.123  -2.451  1.00 16.20 ? 11   VAL B C   1 
ATOM   853  O O   . VAL B 1 11 ? 6.482   12.781  -1.271  1.00 16.66 ? 11   VAL B O   1 
ATOM   854  C CB  . VAL B 1 11 ? 4.852   12.277  -3.990  1.00 15.20 ? 11   VAL B CB  1 
ATOM   855  C CG1 . VAL B 1 11 ? 4.584   11.487  -5.258  1.00 17.01 ? 11   VAL B CG1 1 
ATOM   856  C CG2 . VAL B 1 11 ? 3.963   11.809  -2.868  1.00 14.57 ? 11   VAL B CG2 1 
ATOM   857  N N   . THR B 1 12 ? 6.983   14.338  -2.813  1.00 17.02 ? 12   THR B N   1 
ATOM   858  C CA  . THR B 1 12 ? 7.259   15.352  -1.821  1.00 18.83 ? 12   THR B CA  1 
ATOM   859  C C   . THR B 1 12 ? 5.955   16.093  -1.588  1.00 19.20 ? 12   THR B C   1 
ATOM   860  O O   . THR B 1 12 ? 5.242   16.423  -2.534  1.00 19.65 ? 12   THR B O   1 
ATOM   861  C CB  . THR B 1 12 ? 8.374   16.304  -2.323  1.00 21.55 ? 12   THR B CB  1 
ATOM   862  O OG1 . THR B 1 12 ? 9.547   15.530  -2.620  1.00 22.21 ? 12   THR B OG1 1 
ATOM   863  C CG2 . THR B 1 12 ? 8.740   17.328  -1.253  1.00 22.05 ? 12   THR B CG2 1 
ATOM   864  N N   . ILE B 1 13 ? 5.618   16.325  -0.329  1.00 17.79 ? 13   ILE B N   1 
ATOM   865  C CA  . ILE B 1 13 ? 4.383   17.032  -0.028  1.00 18.62 ? 13   ILE B CA  1 
ATOM   866  C C   . ILE B 1 13 ? 4.637   18.153  0.979   1.00 17.49 ? 13   ILE B C   1 
ATOM   867  O O   . ILE B 1 13 ? 5.671   18.193  1.639   1.00 16.65 ? 13   ILE B O   1 
ATOM   868  C CB  . ILE B 1 13 ? 3.304   16.074  0.559   1.00 22.18 ? 13   ILE B CB  1 
ATOM   869  C CG1 . ILE B 1 13 ? 3.748   15.578  1.931   1.00 22.41 ? 13   ILE B CG1 1 
ATOM   870  C CG2 . ILE B 1 13 ? 3.066   14.870  -0.367  1.00 22.42 ? 13   ILE B CG2 1 
ATOM   871  C CD1 . ILE B 1 13 ? 3.102   16.332  3.060   1.00 22.64 ? 13   ILE B CD1 1 
ATOM   872  N N   . LYS B 1 14 ? 3.686   19.072  1.066   1.00 15.70 ? 14   LYS B N   1 
ATOM   873  C CA  . LYS B 1 14 ? 3.761   20.167  2.009   1.00 15.96 ? 14   LYS B CA  1 
ATOM   874  C C   . LYS B 1 14 ? 2.424   20.084  2.732   1.00 16.56 ? 14   LYS B C   1 
ATOM   875  O O   . LYS B 1 14 ? 1.370   20.028  2.097   1.00 16.00 ? 14   LYS B O   1 
ATOM   876  C CB  . LYS B 1 14 ? 3.901   21.510  1.279   1.00 17.63 ? 14   LYS B CB  1 
ATOM   877  C CG  . LYS B 1 14 ? 3.947   22.700  2.215   1.00 18.88 ? 14   LYS B CG  1 
ATOM   878  C CD  . LYS B 1 14 ? 4.157   24.005  1.454   1.00 19.76 ? 14   LYS B CD  1 
ATOM   879  C CE  . LYS B 1 14 ? 4.143   25.185  2.413   1.00 22.90 ? 14   LYS B CE  1 
ATOM   880  N NZ  . LYS B 1 14 ? 4.283   26.481  1.701   1.00 22.04 ? 14   LYS B NZ  1 
ATOM   881  N N   . ILE B 1 15 ? 2.476   20.045  4.056   1.00 16.37 ? 15   ILE B N   1 
ATOM   882  C CA  . ILE B 1 15 ? 1.273   19.953  4.874   1.00 15.97 ? 15   ILE B CA  1 
ATOM   883  C C   . ILE B 1 15 ? 1.550   20.721  6.165   1.00 14.89 ? 15   ILE B C   1 
ATOM   884  O O   . ILE B 1 15 ? 2.575   20.509  6.807   1.00 14.54 ? 15   ILE B O   1 
ATOM   885  C CB  . ILE B 1 15 ? 0.956   18.471  5.201   1.00 16.63 ? 15   ILE B CB  1 
ATOM   886  C CG1 . ILE B 1 15 ? -0.298  18.371  6.078   1.00 18.32 ? 15   ILE B CG1 1 
ATOM   887  C CG2 . ILE B 1 15 ? 2.174   17.821  5.879   1.00 15.52 ? 15   ILE B CG2 1 
ATOM   888  C CD1 . ILE B 1 15 ? -0.710  16.921  6.398   1.00 18.21 ? 15   ILE B CD1 1 
ATOM   889  N N   . GLY B 1 16 ? 0.643   21.621  6.529   1.00 16.25 ? 16   GLY B N   1 
ATOM   890  C CA  . GLY B 1 16 ? 0.825   22.410  7.734   1.00 16.60 ? 16   GLY B CA  1 
ATOM   891  C C   . GLY B 1 16 ? 2.113   23.211  7.721   1.00 17.56 ? 16   GLY B C   1 
ATOM   892  O O   . GLY B 1 16 ? 2.701   23.472  8.771   1.00 17.65 ? 16   GLY B O   1 
ATOM   893  N N   . GLY B 1 17 ? 2.565   23.591  6.528   1.00 16.87 ? 17   GLY B N   1 
ATOM   894  C CA  . GLY B 1 17 ? 3.788   24.364  6.416   1.00 16.30 ? 17   GLY B CA  1 
ATOM   895  C C   . GLY B 1 17 ? 5.060   23.546  6.547   1.00 16.76 ? 17   GLY B C   1 
ATOM   896  O O   . GLY B 1 17 ? 6.155   24.102  6.515   1.00 15.16 ? 17   GLY B O   1 
ATOM   897  N N   . GLN B 1 18 ? 4.920   22.227  6.693   1.00 15.42 ? 18   GLN B N   1 
ATOM   898  C CA  . GLN B 1 18 ? 6.068   21.337  6.849   1.00 13.88 ? 18   GLN B CA  1 
ATOM   899  C C   . GLN B 1 18 ? 6.285   20.506  5.586   1.00 14.52 ? 18   GLN B C   1 
ATOM   900  O O   . GLN B 1 18 ? 5.334   20.128  4.902   1.00 15.41 ? 18   GLN B O   1 
ATOM   901  C CB  . GLN B 1 18 ? 5.833   20.408  8.053   1.00 16.41 ? 18   GLN B CB  1 
ATOM   902  C CG  . GLN B 1 18 ? 5.541   21.162  9.361   1.00 17.03 ? 18   GLN B CG  1 
ATOM   903  C CD  . GLN B 1 18 ? 4.661   20.377  10.324  1.00 21.02 ? 18   GLN B CD  1 
ATOM   904  O OE1 . GLN B 1 18 ? 5.144   19.587  11.140  1.00 19.21 ? 18   GLN B OE1 1 
ATOM   905  N NE2 . GLN B 1 18 ? 3.357   20.588  10.223  1.00 22.88 ? 18   GLN B NE2 1 
ATOM   906  N N   . LEU B 1 19 ? 7.538   20.201  5.280   1.00 13.60 ? 19   LEU B N   1 
ATOM   907  C CA  . LEU B 1 19 ? 7.829   19.409  4.098   1.00 16.16 ? 19   LEU B CA  1 
ATOM   908  C C   . LEU B 1 19 ? 8.207   17.986  4.488   1.00 16.36 ? 19   LEU B C   1 
ATOM   909  O O   . LEU B 1 19 ? 8.899   17.762  5.467   1.00 16.35 ? 19   LEU B O   1 
ATOM   910  C CB  . LEU B 1 19 ? 8.972   20.048  3.306   1.00 16.83 ? 19   LEU B CB  1 
ATOM   911  C CG  . LEU B 1 19 ? 8.811   21.559  3.101   1.00 19.42 ? 19   LEU B CG  1 
ATOM   912  C CD1 . LEU B 1 19 ? 10.021  22.102  2.333   1.00 17.67 ? 19   LEU B CD1 1 
ATOM   913  C CD2 . LEU B 1 19 ? 7.514   21.849  2.351   1.00 18.66 ? 19   LEU B CD2 1 
ATOM   914  N N   . ARG B 1 20 ? 7.751   17.021  3.709   1.00 16.51 ? 20   ARG B N   1 
ATOM   915  C CA  . ARG B 1 20 ? 8.088   15.631  3.983   1.00 17.49 ? 20   ARG B CA  1 
ATOM   916  C C   . ARG B 1 20 ? 7.857   14.831  2.737   1.00 15.42 ? 20   ARG B C   1 
ATOM   917  O O   . ARG B 1 20 ? 7.318   15.353  1.769   1.00 14.56 ? 20   ARG B O   1 
ATOM   918  C CB  . ARG B 1 20 ? 7.225   15.084  5.115   1.00 21.27 ? 20   ARG B CB  1 
ATOM   919  C CG  . ARG B 1 20 ? 7.813   15.369  6.491   1.00 24.41 ? 20   ARG B CG  1 
ATOM   920  C CD  . ARG B 1 20 ? 6.736   15.407  7.516   1.00 25.61 ? 20   ARG B CD  1 
ATOM   921  N NE  . ARG B 1 20 ? 7.238   15.679  8.860   1.00 24.81 ? 20   ARG B NE  1 
ATOM   922  C CZ  . ARG B 1 20 ? 8.005   16.711  9.191   1.00 24.13 ? 20   ARG B CZ  1 
ATOM   923  N NH1 . ARG B 1 20 ? 8.397   17.587  8.273   1.00 23.43 ? 20   ARG B NH1 1 
ATOM   924  N NH2 . ARG B 1 20 ? 8.327   16.903  10.461  1.00 25.07 ? 20   ARG B NH2 1 
ATOM   925  N N   . GLU B 1 21 ? 8.288   13.577  2.754   1.00 13.94 ? 21   GLU B N   1 
ATOM   926  C CA  . GLU B 1 21 ? 8.075   12.698  1.610   1.00 15.72 ? 21   GLU B CA  1 
ATOM   927  C C   . GLU B 1 21 ? 7.080   11.644  2.083   1.00 15.54 ? 21   GLU B C   1 
ATOM   928  O O   . GLU B 1 21 ? 7.055   11.289  3.260   1.00 14.87 ? 21   GLU B O   1 
ATOM   929  C CB  . GLU B 1 21 ? 9.373   12.020  1.174   1.00 17.57 ? 21   GLU B CB  1 
ATOM   930  C CG  . GLU B 1 21 ? 10.489  12.977  0.814   1.00 19.48 ? 21   GLU B CG  1 
ATOM   931  C CD  . GLU B 1 21 ? 11.678  12.263  0.193   1.00 24.17 ? 21   GLU B CD  1 
ATOM   932  O OE1 . GLU B 1 21 ? 11.570  11.846  -0.981  1.00 23.28 ? 21   GLU B OE1 1 
ATOM   933  O OE2 . GLU B 1 21 ? 12.708  12.110  0.892   1.00 23.53 ? 21   GLU B OE2 1 
ATOM   934  N N   . ALA B 1 22 ? 6.266   11.149  1.164   1.00 13.15 ? 22   ALA B N   1 
ATOM   935  C CA  . ALA B 1 22 ? 5.269   10.143  1.494   1.00 13.09 ? 22   ALA B CA  1 
ATOM   936  C C   . ALA B 1 22 ? 5.143   9.174   0.330   1.00 13.96 ? 22   ALA B C   1 
ATOM   937  O O   . ALA B 1 22 ? 5.430   9.515   -0.817  1.00 12.85 ? 22   ALA B O   1 
ATOM   938  C CB  . ALA B 1 22 ? 3.921   10.809  1.785   1.00 10.76 ? 22   ALA B CB  1 
ATOM   939  N N   . LEU B 1 23 ? 4.721   7.958   0.638   1.00 13.97 ? 23   LEU B N   1 
ATOM   940  C CA  . LEU B 1 23 ? 4.556   6.919   -0.369  1.00 17.13 ? 23   LEU B CA  1 
ATOM   941  C C   . LEU B 1 23 ? 3.162   6.982   -1.001  1.00 17.06 ? 23   LEU B C   1 
ATOM   942  O O   . LEU B 1 23 ? 2.173   7.058   -0.284  1.00 15.69 ? 23   LEU B O   1 
ATOM   943  C CB  . LEU B 1 23 ? 4.721   5.556   0.305   1.00 19.75 ? 23   LEU B CB  1 
ATOM   944  C CG  . LEU B 1 23 ? 5.713   4.473   -0.137  1.00 25.60 ? 23   LEU B CG  1 
ATOM   945  C CD1 . LEU B 1 23 ? 7.100   5.030   -0.308  1.00 25.04 ? 23   LEU B CD1 1 
ATOM   946  C CD2 . LEU B 1 23 ? 5.705   3.369   0.921   1.00 25.72 ? 23   LEU B CD2 1 
ATOM   947  N N   . LEU B 1 24 ? 3.090   6.947   -2.339  1.00 14.73 ? 24   LEU B N   1 
ATOM   948  C CA  . LEU B 1 24 ? 1.790   6.836   -2.963  1.00 17.19 ? 24   LEU B CA  1 
ATOM   949  C C   . LEU B 1 24 ? 1.412   5.399   -2.703  1.00 16.67 ? 24   LEU B C   1 
ATOM   950  O O   . LEU B 1 24 ? 2.058   4.492   -3.234  1.00 16.95 ? 24   LEU B O   1 
ATOM   951  C CB  . LEU B 1 24 ? 1.820   7.193   -4.451  1.00 17.23 ? 24   LEU B CB  1 
ATOM   952  C CG  . LEU B 1 24 ? 2.105   8.661   -4.777  1.00 18.75 ? 24   LEU B CG  1 
ATOM   953  C CD1 . LEU B 1 24 ? 2.330   8.848   -6.271  1.00 19.87 ? 24   LEU B CD1 1 
ATOM   954  C CD2 . LEU B 1 24 ? 0.956   9.534   -4.306  1.00 17.16 ? 24   LEU B CD2 1 
ATOM   955  N N   . ASP B 1 25 ? 0.384   5.186   -1.896  1.00 16.19 ? 25   ASP B N   1 
ATOM   956  C CA  . ASP B 1 25 ? 0.055   3.819   -1.495  1.00 14.65 ? 25   ASP B CA  1 
ATOM   957  C C   . ASP B 1 25 ? -1.364  3.366   -1.818  1.00 14.88 ? 25   ASP B C   1 
ATOM   958  O O   . ASP B 1 25 ? -2.289  3.622   -1.048  1.00 12.77 ? 25   ASP B O   1 
ATOM   959  C CB  . ASP B 1 25 ? 0.297   3.700   0.016   1.00 15.13 ? 25   ASP B CB  1 
ATOM   960  C CG  . ASP B 1 25 ? 0.145   2.295   0.518   1.00 17.20 ? 25   ASP B CG  1 
ATOM   961  O OD1 . ASP B 1 25 ? -0.253  1.431   -0.281  1.00 16.37 ? 25   ASP B OD1 1 
ATOM   962  O OD2 . ASP B 1 25 ? 0.424   2.058   1.706   1.00 19.30 ? 25   ASP B OD2 1 
ATOM   963  N N   . THR B 1 26 ? -1.528  2.671   -2.942  1.00 12.99 ? 26   THR B N   1 
ATOM   964  C CA  . THR B 1 26 ? -2.845  2.204   -3.352  1.00 14.26 ? 26   THR B CA  1 
ATOM   965  C C   . THR B 1 26 ? -3.472  1.192   -2.392  1.00 14.06 ? 26   THR B C   1 
ATOM   966  O O   . THR B 1 26 ? -4.682  0.982   -2.420  1.00 13.30 ? 26   THR B O   1 
ATOM   967  C CB  . THR B 1 26 ? -2.809  1.602   -4.767  1.00 10.49 ? 26   THR B CB  1 
ATOM   968  O OG1 . THR B 1 26 ? -1.914  0.475   -4.802  1.00 11.71 ? 26   THR B OG1 1 
ATOM   969  C CG2 . THR B 1 26 ? -2.327  2.646   -5.759  1.00 12.93 ? 26   THR B CG2 1 
ATOM   970  N N   . GLY B 1 27 ? -2.649  0.592   -1.534  1.00 14.96 ? 27   GLY B N   1 
ATOM   971  C CA  . GLY B 1 27 ? -3.149  -0.381  -0.582  1.00 14.16 ? 27   GLY B CA  1 
ATOM   972  C C   . GLY B 1 27 ? -3.709  0.247   0.692   1.00 15.48 ? 27   GLY B C   1 
ATOM   973  O O   . GLY B 1 27 ? -4.328  -0.439  1.498   1.00 15.39 ? 27   GLY B O   1 
ATOM   974  N N   . ALA B 1 28 ? -3.502  1.545   0.874   1.00 14.52 ? 28   ALA B N   1 
ATOM   975  C CA  . ALA B 1 28 ? -3.973  2.237   2.070   1.00 15.38 ? 28   ALA B CA  1 
ATOM   976  C C   . ALA B 1 28 ? -5.257  3.015   1.808   1.00 16.05 ? 28   ALA B C   1 
ATOM   977  O O   . ALA B 1 28 ? -5.336  3.762   0.843   1.00 14.38 ? 28   ALA B O   1 
ATOM   978  C CB  . ALA B 1 28 ? -2.884  3.193   2.581   1.00 13.19 ? 28   ALA B CB  1 
ATOM   979  N N   . ASP B 1 29 ? -6.258  2.838   2.668   1.00 15.52 ? 29   ASP B N   1 
ATOM   980  C CA  . ASP B 1 29 ? -7.517  3.563   2.506   1.00 16.84 ? 29   ASP B CA  1 
ATOM   981  C C   . ASP B 1 29 ? -7.343  4.989   3.022   1.00 16.49 ? 29   ASP B C   1 
ATOM   982  O O   . ASP B 1 29 ? -7.991  5.922   2.529   1.00 16.09 ? 29   ASP B O   1 
ATOM   983  C CB  . ASP B 1 29 ? -8.655  2.911   3.305   1.00 19.66 ? 29   ASP B CB  1 
ATOM   984  C CG  . ASP B 1 29 ? -8.803  1.424   3.033   1.00 21.41 ? 29   ASP B CG  1 
ATOM   985  O OD1 . ASP B 1 29 ? -8.792  1.011   1.857   1.00 21.97 ? 29   ASP B OD1 1 
ATOM   986  O OD2 . ASP B 1 29 ? -8.948  0.665   4.010   1.00 26.67 ? 29   ASP B OD2 1 
ATOM   987  N N   . ASP B 1 30 ? -6.482  5.146   4.028   1.00 13.82 ? 30   ASP B N   1 
ATOM   988  C CA  . ASP B 1 30 ? -6.240  6.449   4.632   1.00 15.08 ? 30   ASP B CA  1 
ATOM   989  C C   . ASP B 1 30 ? -4.813  6.963   4.458   1.00 14.63 ? 30   ASP B C   1 
ATOM   990  O O   . ASP B 1 30 ? -3.929  6.265   3.953   1.00 15.58 ? 30   ASP B O   1 
ATOM   991  C CB  . ASP B 1 30 ? -6.576  6.414   6.125   1.00 17.30 ? 30   ASP B CB  1 
ATOM   992  C CG  . ASP B 1 30 ? -7.907  5.768   6.401   1.00 19.23 ? 30   ASP B CG  1 
ATOM   993  O OD1 . ASP B 1 30 ? -8.897  6.178   5.768   1.00 19.10 ? 30   ASP B OD1 1 
ATOM   994  O OD2 . ASP B 1 30 ? -7.953  4.846   7.251   1.00 23.31 ? 30   ASP B OD2 1 
ATOM   995  N N   . THR B 1 31 ? -4.608  8.204   4.886   1.00 14.95 ? 31   THR B N   1 
ATOM   996  C CA  . THR B 1 31 ? -3.319  8.881   4.789   1.00 13.87 ? 31   THR B CA  1 
ATOM   997  C C   . THR B 1 31 ? -2.771  9.073   6.202   1.00 13.93 ? 31   THR B C   1 
ATOM   998  O O   . THR B 1 31 ? -3.477  9.566   7.081   1.00 14.78 ? 31   THR B O   1 
ATOM   999  C CB  . THR B 1 31 ? -3.503  10.257  4.102   1.00 15.25 ? 31   THR B CB  1 
ATOM   1000 O OG1 . THR B 1 31 ? -3.859  10.048  2.732   1.00 15.38 ? 31   THR B OG1 1 
ATOM   1001 C CG2 . THR B 1 31 ? -2.228  11.095  4.175   1.00 13.81 ? 31   THR B CG2 1 
ATOM   1002 N N   . ILE B 1 32 ? -1.524  8.685   6.425   1.00 13.72 ? 32   ILE B N   1 
ATOM   1003 C CA  . ILE B 1 32 ? -0.949  8.829   7.754   1.00 14.74 ? 32   ILE B CA  1 
ATOM   1004 C C   . ILE B 1 32 ? 0.487   9.323   7.754   1.00 14.08 ? 32   ILE B C   1 
ATOM   1005 O O   . ILE B 1 32 ? 1.273   8.947   6.897   1.00 13.05 ? 32   ILE B O   1 
ATOM   1006 C CB  . ILE B 1 32 ? -1.000  7.498   8.518   1.00 14.35 ? 32   ILE B CB  1 
ATOM   1007 C CG1 . ILE B 1 32 ? -0.451  7.692   9.936   1.00 15.77 ? 32   ILE B CG1 1 
ATOM   1008 C CG2 . ILE B 1 32 ? -0.179  6.435   7.784   1.00 11.86 ? 32   ILE B CG2 1 
ATOM   1009 C CD1 . ILE B 1 32 ? -0.606  6.451   10.814  1.00 20.55 ? 32   ILE B CD1 1 
ATOM   1010 N N   . PHE B 1 33 ? 0.810   10.184  8.715   1.00 13.68 ? 33   PHE B N   1 
ATOM   1011 C CA  . PHE B 1 33 ? 2.163   10.706  8.864   1.00 14.74 ? 33   PHE B CA  1 
ATOM   1012 C C   . PHE B 1 33 ? 2.584   10.538  10.305  1.00 16.06 ? 33   PHE B C   1 
ATOM   1013 O O   . PHE B 1 33 ? 1.759   10.554  11.218  1.00 15.40 ? 33   PHE B O   1 
ATOM   1014 C CB  . PHE B 1 33 ? 2.259   12.215  8.569   1.00 13.13 ? 33   PHE B CB  1 
ATOM   1015 C CG  . PHE B 1 33 ? 2.139   12.564  7.117   1.00 14.64 ? 33   PHE B CG  1 
ATOM   1016 C CD1 . PHE B 1 33 ? 0.894   12.592  6.492   1.00 14.31 ? 33   PHE B CD1 1 
ATOM   1017 C CD2 . PHE B 1 33 ? 3.271   12.879  6.376   1.00 13.17 ? 33   PHE B CD2 1 
ATOM   1018 C CE1 . PHE B 1 33 ? 0.779   12.935  5.140   1.00 15.16 ? 33   PHE B CE1 1 
ATOM   1019 C CE2 . PHE B 1 33 ? 3.173   13.220  5.034   1.00 12.71 ? 33   PHE B CE2 1 
ATOM   1020 C CZ  . PHE B 1 33 ? 1.920   13.250  4.413   1.00 16.10 ? 33   PHE B CZ  1 
ATOM   1021 N N   . GLU B 1 34 ? 3.854   10.349  10.495  1.00 17.76 ? 34   GLU B N   1 
ATOM   1022 C CA  . GLU B 1 34 ? 4.413   10.310  11.810  1.00 22.04 ? 34   GLU B CA  1 
ATOM   1023 C C   . GLU B 1 34 ? 5.247   11.578  11.890  1.00 22.63 ? 34   GLU B C   1 
ATOM   1024 O O   . GLU B 1 34 ? 5.746   12.059  10.872  1.00 24.17 ? 34   GLU B O   1 
ATOM   1025 C CB  . GLU B 1 34 ? 5.333   9.084   11.999  1.00 23.93 ? 34   GLU B CB  1 
ATOM   1026 C CG  . GLU B 1 34 ? 6.619   9.162   11.185  1.00 28.59 ? 34   GLU B CG  1 
ATOM   1027 C CD  . GLU B 1 34 ? 7.633   8.103   11.581  1.00 33.07 ? 34   GLU B CD  1 
ATOM   1028 O OE1 . GLU B 1 34 ? 7.751   7.828   12.794  1.00 34.38 ? 34   GLU B OE1 1 
ATOM   1029 O OE2 . GLU B 1 34 ? 8.324   7.554   10.683  1.00 35.35 ? 34   GLU B OE2 1 
ATOM   1030 N N   . GLU B 1 35 ? 5.415   12.150  13.068  1.00 24.49 ? 35   GLU B N   1 
ATOM   1031 C CA  . GLU B 1 35 ? 6.274   13.320  13.193  1.00 25.65 ? 35   GLU B CA  1 
ATOM   1032 C C   . GLU B 1 35 ? 5.884   14.613  12.487  1.00 24.53 ? 35   GLU B C   1 
ATOM   1033 O O   . GLU B 1 35 ? 6.734   15.231  11.841  1.00 26.25 ? 35   GLU B O   1 
ATOM   1034 C CB  . GLU B 1 35 ? 7.695   12.965  12.737  1.00 27.90 ? 35   GLU B CB  1 
ATOM   1035 C CG  . GLU B 1 35 ? 8.406   11.930  13.565  1.00 35.50 ? 35   GLU B CG  1 
ATOM   1036 C CD  . GLU B 1 35 ? 9.822   11.686  13.061  1.00 39.94 ? 35   GLU B CD  1 
ATOM   1037 O OE1 . GLU B 1 35 ? 10.613  12.659  13.008  1.00 43.72 ? 35   GLU B OE1 1 
ATOM   1038 O OE2 . GLU B 1 35 ? 10.141  10.524  12.715  1.00 41.00 ? 35   GLU B OE2 1 
ATOM   1039 N N   . ILE B 1 36 ? 4.624   15.017  12.580  1.00 21.42 ? 36   ILE B N   1 
ATOM   1040 C CA  . ILE B 1 36 ? 4.202   16.292  12.003  1.00 18.54 ? 36   ILE B CA  1 
ATOM   1041 C C   . ILE B 1 36 ? 3.274   16.923  13.022  1.00 19.70 ? 36   ILE B C   1 
ATOM   1042 O O   . ILE B 1 36 ? 2.699   16.227  13.857  1.00 20.02 ? 36   ILE B O   1 
ATOM   1043 C CB  . ILE B 1 36 ? 3.437   16.158  10.661  1.00 17.81 ? 36   ILE B CB  1 
ATOM   1044 C CG1 . ILE B 1 36 ? 2.075   15.494  10.874  1.00 16.02 ? 36   ILE B CG1 1 
ATOM   1045 C CG2 . ILE B 1 36 ? 4.270   15.375  9.660   1.00 21.43 ? 36   ILE B CG2 1 
ATOM   1046 C CD1 . ILE B 1 36 ? 1.183   15.589  9.634   1.00 16.78 ? 36   ILE B CD1 1 
ATOM   1047 N N   . SER B 1 37 ? 3.146   18.238  12.970  1.00 19.84 ? 37   SER B N   1 
ATOM   1048 C CA  . SER B 1 37 ? 2.267   18.950  13.886  1.00 20.84 ? 37   SER B CA  1 
ATOM   1049 C C   . SER B 1 37 ? 1.133   19.626  13.113  1.00 19.95 ? 37   SER B C   1 
ATOM   1050 O O   . SER B 1 37 ? 1.377   20.408  12.190  1.00 20.71 ? 37   SER B O   1 
ATOM   1051 C CB  . SER B 1 37 ? 3.065   19.994  14.668  1.00 23.51 ? 37   SER B CB  1 
ATOM   1052 O OG  . SER B 1 37 ? 2.199   20.807  15.445  1.00 30.58 ? 37   SER B OG  1 
ATOM   1053 N N   . LEU B 1 38 ? -0.105  19.307  13.478  1.00 18.81 ? 38   LEU B N   1 
ATOM   1054 C CA  . LEU B 1 38 ? -1.273  19.894  12.829  1.00 18.99 ? 38   LEU B CA  1 
ATOM   1055 C C   . LEU B 1 38 ? -2.072  20.632  13.884  1.00 19.48 ? 38   LEU B C   1 
ATOM   1056 O O   . LEU B 1 38 ? -2.086  20.237  15.044  1.00 18.01 ? 38   LEU B O   1 
ATOM   1057 C CB  . LEU B 1 38 ? -2.140  18.810  12.180  1.00 19.07 ? 38   LEU B CB  1 
ATOM   1058 C CG  . LEU B 1 38 ? -1.539  18.077  10.975  1.00 19.39 ? 38   LEU B CG  1 
ATOM   1059 C CD1 . LEU B 1 38 ? -2.597  17.110  10.430  1.00 18.93 ? 38   LEU B CD1 1 
ATOM   1060 C CD2 . LEU B 1 38 ? -1.111  19.082  9.903   1.00 17.63 ? 38   LEU B CD2 1 
ATOM   1061 N N   . PRO B 1 39 ? -2.761  21.711  13.493  1.00 22.27 ? 39   PRO B N   1 
ATOM   1062 C CA  . PRO B 1 39 ? -3.541  22.478  14.464  1.00 23.21 ? 39   PRO B CA  1 
ATOM   1063 C C   . PRO B 1 39 ? -4.969  21.999  14.620  1.00 23.89 ? 39   PRO B C   1 
ATOM   1064 O O   . PRO B 1 39 ? -5.464  21.225  13.806  1.00 23.52 ? 39   PRO B O   1 
ATOM   1065 C CB  . PRO B 1 39 ? -3.490  23.883  13.883  1.00 22.74 ? 39   PRO B CB  1 
ATOM   1066 C CG  . PRO B 1 39 ? -3.661  23.605  12.427  1.00 21.15 ? 39   PRO B CG  1 
ATOM   1067 C CD  . PRO B 1 39 ? -2.753  22.390  12.183  1.00 21.52 ? 39   PRO B CD  1 
ATOM   1068 N N   . GLY B 1 40 ? -5.621  22.465  15.681  1.00 26.24 ? 40   GLY B N   1 
ATOM   1069 C CA  . GLY B 1 40 ? -7.015  22.134  15.904  1.00 27.00 ? 40   GLY B CA  1 
ATOM   1070 C C   . GLY B 1 40 ? -7.382  20.846  16.612  1.00 27.68 ? 40   GLY B C   1 
ATOM   1071 O O   . GLY B 1 40 ? -6.533  20.086  17.078  1.00 25.66 ? 40   GLY B O   1 
ATOM   1072 N N   . ARG B 1 41 ? -8.690  20.629  16.689  1.00 28.32 ? 41   ARG B N   1 
ATOM   1073 C CA  . ARG B 1 41 ? -9.271  19.457  17.317  1.00 30.58 ? 41   ARG B CA  1 
ATOM   1074 C C   . ARG B 1 41 ? -8.960  18.228  16.475  1.00 30.15 ? 41   ARG B C   1 
ATOM   1075 O O   . ARG B 1 41 ? -8.649  18.331  15.289  1.00 30.11 ? 41   ARG B O   1 
ATOM   1076 C CB  . ARG B 1 41 ? -10.793 19.611  17.400  1.00 33.14 ? 41   ARG B CB  1 
ATOM   1077 C CG  . ARG B 1 41 ? -11.301 20.958  17.916  1.00 39.21 ? 41   ARG B CG  1 
ATOM   1078 C CD  . ARG B 1 41 ? -11.301 21.034  19.436  1.00 44.48 ? 41   ARG B CD  1 
ATOM   1079 N NE  . ARG B 1 41 ? -12.045 19.928  20.038  1.00 48.65 ? 41   ARG B NE  1 
ATOM   1080 C CZ  . ARG B 1 41 ? -12.436 19.888  21.308  1.00 50.18 ? 41   ARG B CZ  1 
ATOM   1081 N NH1 . ARG B 1 41 ? -12.161 20.899  22.123  1.00 50.71 ? 41   ARG B NH1 1 
ATOM   1082 N NH2 . ARG B 1 41 ? -13.092 18.830  21.768  1.00 51.69 ? 41   ARG B NH2 1 
ATOM   1083 N N   . TRP B 1 42 ? -9.056  17.063  17.096  1.00 30.07 ? 42   TRP B N   1 
ATOM   1084 C CA  . TRP B 1 42 ? -8.829  15.806  16.408  1.00 30.62 ? 42   TRP B CA  1 
ATOM   1085 C C   . TRP B 1 42 ? -9.565  14.722  17.186  1.00 30.93 ? 42   TRP B C   1 
ATOM   1086 O O   . TRP B 1 42 ? -9.962  14.942  18.326  1.00 30.02 ? 42   TRP B O   1 
ATOM   1087 C CB  . TRP B 1 42 ? -7.330  15.491  16.322  1.00 30.75 ? 42   TRP B CB  1 
ATOM   1088 C CG  . TRP B 1 42 ? -6.605  15.559  17.624  1.00 32.64 ? 42   TRP B CG  1 
ATOM   1089 C CD1 . TRP B 1 42 ? -5.902  16.625  18.123  1.00 32.53 ? 42   TRP B CD1 1 
ATOM   1090 C CD2 . TRP B 1 42 ? -6.507  14.521  18.604  1.00 33.26 ? 42   TRP B CD2 1 
ATOM   1091 N NE1 . TRP B 1 42 ? -5.373  16.309  19.348  1.00 33.22 ? 42   TRP B NE1 1 
ATOM   1092 C CE2 . TRP B 1 42 ? -5.729  15.025  19.670  1.00 33.34 ? 42   TRP B CE2 1 
ATOM   1093 C CE3 . TRP B 1 42 ? -7.000  13.213  18.684  1.00 32.88 ? 42   TRP B CE3 1 
ATOM   1094 C CZ2 . TRP B 1 42 ? -5.434  14.266  20.806  1.00 34.70 ? 42   TRP B CZ2 1 
ATOM   1095 C CZ3 . TRP B 1 42 ? -6.705  12.455  19.816  1.00 35.46 ? 42   TRP B CZ3 1 
ATOM   1096 C CH2 . TRP B 1 42 ? -5.928  12.987  20.861  1.00 35.32 ? 42   TRP B CH2 1 
ATOM   1097 N N   . LYS B 1 43 ? -9.758  13.564  16.562  1.00 31.73 ? 43   LYS B N   1 
ATOM   1098 C CA  . LYS B 1 43 ? -10.452 12.447  17.204  1.00 34.17 ? 43   LYS B CA  1 
ATOM   1099 C C   . LYS B 1 43 ? -9.562  11.200  17.245  1.00 33.86 ? 43   LYS B C   1 
ATOM   1100 O O   . LYS B 1 43 ? -8.862  10.898  16.285  1.00 32.77 ? 43   LYS B O   1 
ATOM   1101 C CB  . LYS B 1 43 ? -11.735 12.129  16.433  1.00 35.18 ? 43   LYS B CB  1 
ATOM   1102 C CG  . LYS B 1 43 ? -12.683 13.319  16.256  1.00 38.59 ? 43   LYS B CG  1 
ATOM   1103 C CD  . LYS B 1 43 ? -13.883 12.940  15.384  1.00 40.70 ? 43   LYS B CD  1 
ATOM   1104 C CE  . LYS B 1 43 ? -14.955 14.035  15.353  1.00 41.29 ? 43   LYS B CE  1 
ATOM   1105 N NZ  . LYS B 1 43 ? -14.480 15.307  14.743  1.00 43.01 ? 43   LYS B NZ  1 
ATOM   1106 N N   . PRO B 1 44 ? -9.567  10.467  18.371  1.00 35.26 ? 44   PRO B N   1 
ATOM   1107 C CA  . PRO B 1 44 ? -8.746  9.256   18.486  1.00 33.80 ? 44   PRO B CA  1 
ATOM   1108 C C   . PRO B 1 44 ? -9.208  8.222   17.462  1.00 33.09 ? 44   PRO B C   1 
ATOM   1109 O O   . PRO B 1 44 ? -10.376 8.206   17.081  1.00 31.28 ? 44   PRO B O   1 
ATOM   1110 C CB  . PRO B 1 44 ? -9.012  8.790   19.917  1.00 35.18 ? 44   PRO B CB  1 
ATOM   1111 C CG  . PRO B 1 44 ? -9.369  10.065  20.639  1.00 36.26 ? 44   PRO B CG  1 
ATOM   1112 C CD  . PRO B 1 44 ? -10.255 10.756  19.643  1.00 36.10 ? 44   PRO B CD  1 
ATOM   1113 N N   . LYS B 1 45 ? -8.296  7.370   17.006  1.00 32.20 ? 45   LYS B N   1 
ATOM   1114 C CA  . LYS B 1 45 ? -8.661  6.349   16.035  1.00 33.21 ? 45   LYS B CA  1 
ATOM   1115 C C   . LYS B 1 45 ? -7.668  5.196   15.997  1.00 33.08 ? 45   LYS B C   1 
ATOM   1116 O O   . LYS B 1 45 ? -6.455  5.408   16.021  1.00 33.82 ? 45   LYS B O   1 
ATOM   1117 C CB  . LYS B 1 45 ? -8.783  6.965   14.635  1.00 32.16 ? 45   LYS B CB  1 
ATOM   1118 C CG  . LYS B 1 45 ? -9.235  5.980   13.573  1.00 33.84 ? 45   LYS B CG  1 
ATOM   1119 C CD  . LYS B 1 45 ? -9.409  6.643   12.212  1.00 35.00 ? 45   LYS B CD  1 
ATOM   1120 C CE  . LYS B 1 45 ? -9.869  5.627   11.168  1.00 35.77 ? 45   LYS B CE  1 
ATOM   1121 N NZ  . LYS B 1 45 ? -10.186 6.252   9.857   1.00 34.50 ? 45   LYS B NZ  1 
ATOM   1122 N N   . MET B 1 46 ? -8.194  3.974   15.949  1.00 34.70 ? 46   MET B N   1 
ATOM   1123 C CA  . MET B 1 46 ? -7.359  2.780   15.878  1.00 34.92 ? 46   MET B CA  1 
ATOM   1124 C C   . MET B 1 46 ? -7.256  2.421   14.414  1.00 33.91 ? 46   MET B C   1 
ATOM   1125 O O   . MET B 1 46 ? -8.264  2.333   13.719  1.00 33.71 ? 46   MET B O   1 
ATOM   1126 C CB  . MET B 1 46 ? -7.987  1.610   16.641  1.00 38.44 ? 46   MET B CB  1 
ATOM   1127 C CG  . MET B 1 46 ? -8.057  1.809   18.144  1.00 41.64 ? 46   MET B CG  1 
ATOM   1128 S SD  . MET B 1 46 ? -6.514  2.462   18.780  1.00 45.64 ? 46   MET B SD  1 
ATOM   1129 C CE  . MET B 1 46 ? -5.341  1.306   18.078  1.00 44.85 ? 46   MET B CE  1 
ATOM   1130 N N   . ILE B 1 47 ? -6.032  2.217   13.946  1.00 32.83 ? 47   ILE B N   1 
ATOM   1131 C CA  . ILE B 1 47 ? -5.798  1.887   12.556  1.00 32.21 ? 47   ILE B CA  1 
ATOM   1132 C C   . ILE B 1 47 ? -5.158  0.506   12.445  1.00 30.96 ? 47   ILE B C   1 
ATOM   1133 O O   . ILE B 1 47 ? -4.243  0.177   13.202  1.00 30.60 ? 47   ILE B O   1 
ATOM   1134 C CB  . ILE B 1 47 ? -4.886  2.955   11.928  1.00 34.39 ? 47   ILE B CB  1 
ATOM   1135 C CG1 . ILE B 1 47 ? -5.004  2.937   10.419  1.00 34.11 ? 47   ILE B CG1 1 
ATOM   1136 C CG2 . ILE B 1 47 ? -3.439  2.724   12.336  1.00 35.18 ? 47   ILE B CG2 1 
ATOM   1137 C CD1 . ILE B 1 47 ? -4.236  4.055   9.816   1.00 37.68 ? 47   ILE B CD1 1 
ATOM   1138 N N   . GLY B 1 48 ? -5.642  -0.301  11.506  1.00 29.44 ? 48   GLY B N   1 
ATOM   1139 C CA  . GLY B 1 48 ? -5.099  -1.639  11.340  1.00 27.81 ? 48   GLY B CA  1 
ATOM   1140 C C   . GLY B 1 48 ? -4.201  -1.815  10.130  1.00 28.28 ? 48   GLY B C   1 
ATOM   1141 O O   . GLY B 1 48 ? -4.570  -1.473  9.008   1.00 27.31 ? 48   GLY B O   1 
ATOM   1142 N N   . GLY B 1 49 ? -3.012  -2.357  10.360  1.00 28.67 ? 49   GLY B N   1 
ATOM   1143 C CA  . GLY B 1 49 ? -2.085  -2.582  9.268   1.00 29.55 ? 49   GLY B CA  1 
ATOM   1144 C C   . GLY B 1 49 ? -1.657  -4.031  9.222   1.00 28.96 ? 49   GLY B C   1 
ATOM   1145 O O   . GLY B 1 49 ? -2.236  -4.880  9.893   1.00 29.90 ? 49   GLY B O   1 
ATOM   1146 N N   . ILE B 1 50 ? -0.620  -4.312  8.447   1.00 30.33 ? 50   ILE B N   1 
ATOM   1147 C CA  . ILE B 1 50 ? -0.106  -5.663  8.308   1.00 30.01 ? 50   ILE B CA  1 
ATOM   1148 C C   . ILE B 1 50 ? 0.410   -6.264  9.622   1.00 30.32 ? 50   ILE B C   1 
ATOM   1149 O O   . ILE B 1 50 ? 0.296   -7.467  9.842   1.00 33.38 ? 50   ILE B O   1 
ATOM   1150 C CB  . ILE B 1 50 ? 1.029   -5.703  7.253   1.00 30.65 ? 50   ILE B CB  1 
ATOM   1151 C CG1 . ILE B 1 50 ? 0.735   -6.788  6.216   1.00 32.55 ? 50   ILE B CG1 1 
ATOM   1152 C CG2 . ILE B 1 50 ? 2.371   -5.967  7.917   1.00 32.57 ? 50   ILE B CG2 1 
ATOM   1153 C CD1 . ILE B 1 50 ? -0.391  -6.437  5.286   1.00 32.64 ? 50   ILE B CD1 1 
ATOM   1154 N N   . GLY B 1 51 ? 0.977   -5.443  10.496  1.00 28.02 ? 51   GLY B N   1 
ATOM   1155 C CA  . GLY B 1 51 ? 1.502   -5.988  11.741  1.00 28.26 ? 51   GLY B CA  1 
ATOM   1156 C C   . GLY B 1 51 ? 0.667   -5.789  12.995  1.00 27.13 ? 51   GLY B C   1 
ATOM   1157 O O   . GLY B 1 51 ? 1.080   -6.172  14.087  1.00 26.24 ? 51   GLY B O   1 
ATOM   1158 N N   . GLY B 1 52 ? -0.507  -5.189  12.853  1.00 25.53 ? 52   GLY B N   1 
ATOM   1159 C CA  . GLY B 1 52 ? -1.342  -4.964  14.012  1.00 26.77 ? 52   GLY B CA  1 
ATOM   1160 C C   . GLY B 1 52 ? -1.958  -3.585  13.962  1.00 27.79 ? 52   GLY B C   1 
ATOM   1161 O O   . GLY B 1 52 ? -1.955  -2.946  12.907  1.00 27.11 ? 52   GLY B O   1 
ATOM   1162 N N   . PHE B 1 53 ? -2.471  -3.122  15.100  1.00 26.64 ? 53   PHE B N   1 
ATOM   1163 C CA  . PHE B 1 53 ? -3.126  -1.821  15.177  1.00 25.38 ? 53   PHE B CA  1 
ATOM   1164 C C   . PHE B 1 53 ? -2.278  -0.720  15.786  1.00 26.53 ? 53   PHE B C   1 
ATOM   1165 O O   . PHE B 1 53 ? -1.373  -0.970  16.583  1.00 25.97 ? 53   PHE B O   1 
ATOM   1166 C CB  . PHE B 1 53 ? -4.431  -1.922  15.972  1.00 26.51 ? 53   PHE B CB  1 
ATOM   1167 C CG  . PHE B 1 53 ? -5.576  -2.488  15.192  1.00 27.75 ? 53   PHE B CG  1 
ATOM   1168 C CD1 . PHE B 1 53 ? -5.585  -3.826  14.803  1.00 27.11 ? 53   PHE B CD1 1 
ATOM   1169 C CD2 . PHE B 1 53 ? -6.646  -1.673  14.818  1.00 28.94 ? 53   PHE B CD2 1 
ATOM   1170 C CE1 . PHE B 1 53 ? -6.637  -4.337  14.057  1.00 26.18 ? 53   PHE B CE1 1 
ATOM   1171 C CE2 . PHE B 1 53 ? -7.699  -2.180  14.070  1.00 25.89 ? 53   PHE B CE2 1 
ATOM   1172 C CZ  . PHE B 1 53 ? -7.695  -3.511  13.689  1.00 26.87 ? 53   PHE B CZ  1 
ATOM   1173 N N   . VAL B 1 54 ? -2.606  0.510   15.411  1.00 24.97 ? 54   VAL B N   1 
ATOM   1174 C CA  . VAL B 1 54 ? -1.902  1.684   15.894  1.00 26.78 ? 54   VAL B CA  1 
ATOM   1175 C C   . VAL B 1 54 ? -2.918  2.748   16.288  1.00 25.96 ? 54   VAL B C   1 
ATOM   1176 O O   . VAL B 1 54 ? -3.893  2.979   15.574  1.00 23.84 ? 54   VAL B O   1 
ATOM   1177 C CB  . VAL B 1 54 ? -0.977  2.270   14.800  1.00 27.02 ? 54   VAL B CB  1 
ATOM   1178 C CG1 . VAL B 1 54 ? -0.321  3.543   15.297  1.00 28.92 ? 54   VAL B CG1 1 
ATOM   1179 C CG2 . VAL B 1 54 ? 0.089   1.252   14.423  1.00 30.90 ? 54   VAL B CG2 1 
ATOM   1180 N N   . LYS B 1 55 ? -2.697  3.381   17.432  1.00 25.20 ? 55   LYS B N   1 
ATOM   1181 C CA  . LYS B 1 55 ? -3.591  4.439   17.887  1.00 25.24 ? 55   LYS B CA  1 
ATOM   1182 C C   . LYS B 1 55 ? -3.085  5.730   17.239  1.00 22.89 ? 55   LYS B C   1 
ATOM   1183 O O   . LYS B 1 55 ? -1.891  6.009   17.257  1.00 22.36 ? 55   LYS B O   1 
ATOM   1184 C CB  . LYS B 1 55 ? -3.547  4.544   19.414  1.00 26.43 ? 55   LYS B CB  1 
ATOM   1185 C CG  . LYS B 1 55 ? -3.734  3.203   20.117  1.00 30.48 ? 55   LYS B CG  1 
ATOM   1186 C CD  . LYS B 1 55 ? -4.087  3.374   21.588  1.00 34.14 ? 55   LYS B CD  1 
ATOM   1187 C CE  . LYS B 1 55 ? -4.489  2.054   22.221  1.00 35.84 ? 55   LYS B CE  1 
ATOM   1188 N NZ  . LYS B 1 55 ? -4.847  2.245   23.657  1.00 38.83 ? 55   LYS B NZ  1 
ATOM   1189 N N   . VAL B 1 56 ? -3.989  6.503   16.651  1.00 22.35 ? 56   VAL B N   1 
ATOM   1190 C CA  . VAL B 1 56 ? -3.610  7.740   15.981  1.00 21.79 ? 56   VAL B CA  1 
ATOM   1191 C C   . VAL B 1 56 ? -4.616  8.867   16.207  1.00 22.16 ? 56   VAL B C   1 
ATOM   1192 O O   . VAL B 1 56 ? -5.717  8.646   16.719  1.00 23.52 ? 56   VAL B O   1 
ATOM   1193 C CB  . VAL B 1 56 ? -3.492  7.531   14.446  1.00 22.27 ? 56   VAL B CB  1 
ATOM   1194 C CG1 . VAL B 1 56 ? -2.474  6.430   14.123  1.00 20.59 ? 56   VAL B CG1 1 
ATOM   1195 C CG2 . VAL B 1 56 ? -4.851  7.183   13.869  1.00 21.79 ? 56   VAL B CG2 1 
ATOM   1196 N N   . ARG B 1 57 ? -4.223  10.076  15.822  1.00 21.39 ? 57   ARG B N   1 
ATOM   1197 C CA  . ARG B 1 57 ? -5.097  11.231  15.918  1.00 19.40 ? 57   ARG B CA  1 
ATOM   1198 C C   . ARG B 1 57 ? -5.660  11.438  14.523  1.00 19.12 ? 57   ARG B C   1 
ATOM   1199 O O   . ARG B 1 57 ? -4.928  11.368  13.536  1.00 18.51 ? 57   ARG B O   1 
ATOM   1200 C CB  . ARG B 1 57 ? -4.328  12.493  16.299  1.00 19.24 ? 57   ARG B CB  1 
ATOM   1201 C CG  . ARG B 1 57 ? -3.581  12.450  17.597  1.00 23.79 ? 57   ARG B CG  1 
ATOM   1202 C CD  . ARG B 1 57 ? -3.002  13.824  17.866  1.00 26.08 ? 57   ARG B CD  1 
ATOM   1203 N NE  . ARG B 1 57 ? -2.284  13.904  19.134  1.00 28.93 ? 57   ARG B NE  1 
ATOM   1204 C CZ  . ARG B 1 57 ? -1.819  15.039  19.648  1.00 31.38 ? 57   ARG B CZ  1 
ATOM   1205 N NH1 . ARG B 1 57 ? -2.001  16.189  18.999  1.00 30.67 ? 57   ARG B NH1 1 
ATOM   1206 N NH2 . ARG B 1 57 ? -1.173  15.028  20.807  1.00 30.36 ? 57   ARG B NH2 1 
ATOM   1207 N N   . GLN B 1 58 ? -6.953  11.705  14.434  1.00 18.02 ? 58   GLN B N   1 
ATOM   1208 C CA  . GLN B 1 58 ? -7.562  11.934  13.142  1.00 18.03 ? 58   GLN B CA  1 
ATOM   1209 C C   . GLN B 1 58 ? -7.867  13.412  12.990  1.00 17.54 ? 58   GLN B C   1 
ATOM   1210 O O   . GLN B 1 58 ? -8.620  13.983  13.790  1.00 19.34 ? 58   GLN B O   1 
ATOM   1211 C CB  . GLN B 1 58 ? -8.849  11.119  13.008  1.00 18.52 ? 58   GLN B CB  1 
ATOM   1212 C CG  . GLN B 1 58 ? -9.592  11.329  11.702  1.00 21.27 ? 58   GLN B CG  1 
ATOM   1213 C CD  . GLN B 1 58 ? -10.887 10.548  11.647  1.00 24.42 ? 58   GLN B CD  1 
ATOM   1214 O OE1 . GLN B 1 58 ? -10.921 9.360   11.977  1.00 27.16 ? 58   GLN B OE1 1 
ATOM   1215 N NE2 . GLN B 1 58 ? -11.962 11.206  11.219  1.00 23.73 ? 58   GLN B NE2 1 
ATOM   1216 N N   . TYR B 1 59 ? -7.262  14.040  11.986  1.00 16.54 ? 59   TYR B N   1 
ATOM   1217 C CA  . TYR B 1 59 ? -7.510  15.455  11.707  1.00 16.03 ? 59   TYR B CA  1 
ATOM   1218 C C   . TYR B 1 59 ? -8.306  15.552  10.411  1.00 15.49 ? 59   TYR B C   1 
ATOM   1219 O O   . TYR B 1 59 ? -7.922  14.973  9.398   1.00 15.21 ? 59   TYR B O   1 
ATOM   1220 C CB  . TYR B 1 59 ? -6.204  16.239  11.528  1.00 15.31 ? 59   TYR B CB  1 
ATOM   1221 C CG  . TYR B 1 59 ? -5.405  16.449  12.789  1.00 16.31 ? 59   TYR B CG  1 
ATOM   1222 C CD1 . TYR B 1 59 ? -4.515  15.481  13.249  1.00 16.63 ? 59   TYR B CD1 1 
ATOM   1223 C CD2 . TYR B 1 59 ? -5.524  17.630  13.514  1.00 15.90 ? 59   TYR B CD2 1 
ATOM   1224 C CE1 . TYR B 1 59 ? -3.757  15.693  14.399  1.00 15.20 ? 59   TYR B CE1 1 
ATOM   1225 C CE2 . TYR B 1 59 ? -4.777  17.849  14.662  1.00 16.69 ? 59   TYR B CE2 1 
ATOM   1226 C CZ  . TYR B 1 59 ? -3.894  16.883  15.092  1.00 16.20 ? 59   TYR B CZ  1 
ATOM   1227 O OH  . TYR B 1 59 ? -3.114  17.127  16.187  1.00 18.70 ? 59   TYR B OH  1 
ATOM   1228 N N   . ASP B 1 60 ? -9.408  16.288  10.437  1.00 14.85 ? 60   ASP B N   1 
ATOM   1229 C CA  . ASP B 1 60 ? -10.225 16.443  9.235   1.00 17.49 ? 60   ASP B CA  1 
ATOM   1230 C C   . ASP B 1 60 ? -9.932  17.735  8.506   1.00 17.77 ? 60   ASP B C   1 
ATOM   1231 O O   . ASP B 1 60 ? -9.391  18.679  9.084   1.00 17.22 ? 60   ASP B O   1 
ATOM   1232 C CB  . ASP B 1 60 ? -11.721 16.430  9.575   1.00 21.84 ? 60   ASP B CB  1 
ATOM   1233 C CG  . ASP B 1 60 ? -12.206 15.072  10.016  1.00 22.18 ? 60   ASP B CG  1 
ATOM   1234 O OD1 . ASP B 1 60 ? -11.445 14.101  9.867   1.00 23.65 ? 60   ASP B OD1 1 
ATOM   1235 O OD2 . ASP B 1 60 ? -13.355 14.981  10.501  1.00 25.81 ? 60   ASP B OD2 1 
ATOM   1236 N N   . GLN B 1 61 ? -10.323 17.763  7.237   1.00 18.22 ? 61   GLN B N   1 
ATOM   1237 C CA  . GLN B 1 61 ? -10.166 18.920  6.372   1.00 17.81 ? 61   GLN B CA  1 
ATOM   1238 C C   . GLN B 1 61 ? -8.810  19.598  6.449   1.00 17.92 ? 61   GLN B C   1 
ATOM   1239 O O   . GLN B 1 61 ? -8.722  20.812  6.633   1.00 15.72 ? 61   GLN B O   1 
ATOM   1240 C CB  . GLN B 1 61 ? -11.271 19.938  6.667   1.00 21.13 ? 61   GLN B CB  1 
ATOM   1241 C CG  . GLN B 1 61 ? -12.678 19.345  6.598   1.00 23.57 ? 61   GLN B CG  1 
ATOM   1242 C CD  . GLN B 1 61 ? -13.758 20.409  6.660   1.00 24.68 ? 61   GLN B CD  1 
ATOM   1243 O OE1 . GLN B 1 61 ? -14.151 20.977  5.635   1.00 25.62 ? 61   GLN B OE1 1 
ATOM   1244 N NE2 . GLN B 1 61 ? -14.224 20.703  7.869   1.00 23.04 ? 61   GLN B NE2 1 
ATOM   1245 N N   . ILE B 1 62 ? -7.750  18.811  6.294   1.00 17.85 ? 62   ILE B N   1 
ATOM   1246 C CA  . ILE B 1 62 ? -6.396  19.347  6.333   1.00 16.93 ? 62   ILE B CA  1 
ATOM   1247 C C   . ILE B 1 62 ? -5.831  19.555  4.929   1.00 16.30 ? 62   ILE B C   1 
ATOM   1248 O O   . ILE B 1 62 ? -5.785  18.630  4.122   1.00 14.34 ? 62   ILE B O   1 
ATOM   1249 C CB  . ILE B 1 62 ? -5.439  18.407  7.093   1.00 18.04 ? 62   ILE B CB  1 
ATOM   1250 C CG1 . ILE B 1 62 ? -5.892  18.259  8.547   1.00 17.56 ? 62   ILE B CG1 1 
ATOM   1251 C CG2 . ILE B 1 62 ? -4.003  18.935  7.005   1.00 16.05 ? 62   ILE B CG2 1 
ATOM   1252 C CD1 . ILE B 1 62 ? -5.806  19.535  9.364   1.00 20.57 ? 62   ILE B CD1 1 
ATOM   1253 N N   . PRO B 1 63 ? -5.423  20.791  4.617   1.00 16.45 ? 63   PRO B N   1 
ATOM   1254 C CA  . PRO B 1 63 ? -4.850  21.124  3.309   1.00 16.52 ? 63   PRO B CA  1 
ATOM   1255 C C   . PRO B 1 63 ? -3.506  20.418  3.128   1.00 15.83 ? 63   PRO B C   1 
ATOM   1256 O O   . PRO B 1 63 ? -2.665  20.405  4.035   1.00 14.18 ? 63   PRO B O   1 
ATOM   1257 C CB  . PRO B 1 63 ? -4.680  22.640  3.383   1.00 17.41 ? 63   PRO B CB  1 
ATOM   1258 C CG  . PRO B 1 63 ? -5.848  23.055  4.259   1.00 18.62 ? 63   PRO B CG  1 
ATOM   1259 C CD  . PRO B 1 63 ? -5.823  22.012  5.347   1.00 16.36 ? 63   PRO B CD  1 
ATOM   1260 N N   . ILE B 1 64 ? -3.301  19.838  1.957   1.00 14.72 ? 64   ILE B N   1 
ATOM   1261 C CA  . ILE B 1 64 ? -2.046  19.161  1.683   1.00 16.55 ? 64   ILE B CA  1 
ATOM   1262 C C   . ILE B 1 64 ? -1.721  19.274  0.199   1.00 18.38 ? 64   ILE B C   1 
ATOM   1263 O O   . ILE B 1 64 ? -2.594  19.119  -0.667  1.00 18.02 ? 64   ILE B O   1 
ATOM   1264 C CB  . ILE B 1 64 ? -2.107  17.693  2.148   1.00 14.62 ? 64   ILE B CB  1 
ATOM   1265 C CG1 . ILE B 1 64 ? -0.773  16.985  1.876   1.00 15.59 ? 64   ILE B CG1 1 
ATOM   1266 C CG2 . ILE B 1 64 ? -3.267  16.987  1.477   1.00 20.27 ? 64   ILE B CG2 1 
ATOM   1267 C CD1 . ILE B 1 64 ? -0.740  15.563  2.405   1.00 18.90 ? 64   ILE B CD1 1 
ATOM   1268 N N   . GLU B 1 65 ? -0.463  19.604  -0.077  1.00 18.47 ? 65   GLU B N   1 
ATOM   1269 C CA  . GLU B 1 65 ? 0.027   19.765  -1.441  1.00 21.78 ? 65   GLU B CA  1 
ATOM   1270 C C   . GLU B 1 65 ? 0.829   18.522  -1.761  1.00 22.00 ? 65   GLU B C   1 
ATOM   1271 O O   . GLU B 1 65 ? 1.847   18.259  -1.127  1.00 22.43 ? 65   GLU B O   1 
ATOM   1272 C CB  . GLU B 1 65 ? 0.917   21.007  -1.533  1.00 24.48 ? 65   GLU B CB  1 
ATOM   1273 C CG  . GLU B 1 65 ? 1.733   21.115  -2.808  1.00 26.80 ? 65   GLU B CG  1 
ATOM   1274 C CD  . GLU B 1 65 ? 2.880   22.100  -2.657  1.00 29.32 ? 65   GLU B CD  1 
ATOM   1275 O OE1 . GLU B 1 65 ? 2.588   23.286  -2.395  1.00 27.21 ? 65   GLU B OE1 1 
ATOM   1276 O OE2 . GLU B 1 65 ? 4.063   21.688  -2.786  1.00 27.52 ? 65   GLU B OE2 1 
ATOM   1277 N N   . ILE B 1 66 ? 0.355   17.759  -2.741  1.00 23.00 ? 66   ILE B N   1 
ATOM   1278 C CA  . ILE B 1 66 ? 1.001   16.511  -3.131  1.00 24.56 ? 66   ILE B CA  1 
ATOM   1279 C C   . ILE B 1 66 ? 1.606   16.630  -4.519  1.00 26.61 ? 66   ILE B C   1 
ATOM   1280 O O   . ILE B 1 66 ? 0.887   16.728  -5.509  1.00 26.00 ? 66   ILE B O   1 
ATOM   1281 C CB  . ILE B 1 66 ? -0.018  15.352  -3.113  1.00 23.71 ? 66   ILE B CB  1 
ATOM   1282 C CG1 . ILE B 1 66 ? -0.680  15.286  -1.736  1.00 24.14 ? 66   ILE B CG1 1 
ATOM   1283 C CG2 . ILE B 1 66 ? 0.673   14.032  -3.436  1.00 24.00 ? 66   ILE B CG2 1 
ATOM   1284 C CD1 . ILE B 1 66 ? -1.825  14.299  -1.638  1.00 24.65 ? 66   ILE B CD1 1 
ATOM   1285 N N   . CYS B 1 67 ? 2.933   16.620  -4.578  1.00 28.96 ? 67   CYS B N   1 
ATOM   1286 C CA  . CYS B 1 67 ? 3.641   16.749  -5.841  1.00 32.98 ? 67   CYS B CA  1 
ATOM   1287 C C   . CYS B 1 67 ? 3.124   17.976  -6.602  1.00 34.02 ? 67   CYS B C   1 
ATOM   1288 O O   . CYS B 1 67 ? 2.973   17.939  -7.822  1.00 35.47 ? 67   CYS B O   1 
ATOM   1289 C CB  . CYS B 1 67 ? 3.456   15.480  -6.687  1.00 34.71 ? 67   CYS B CB  1 
ATOM   1290 S SG  . CYS B 1 67 ? 4.522   15.384  -8.146  1.00 37.58 ? 67   CYS B SG  1 
ATOM   1291 N N   . GLY B 1 68 ? 2.832   19.052  -5.872  1.00 34.50 ? 68   GLY B N   1 
ATOM   1292 C CA  . GLY B 1 68 ? 2.365   20.276  -6.510  1.00 33.27 ? 68   GLY B CA  1 
ATOM   1293 C C   . GLY B 1 68 ? 0.866   20.514  -6.552  1.00 32.76 ? 68   GLY B C   1 
ATOM   1294 O O   . GLY B 1 68 ? 0.410   21.642  -6.780  1.00 32.65 ? 68   GLY B O   1 
ATOM   1295 N N   . HIS B 1 69 ? 0.092   19.461  -6.329  1.00 30.92 ? 69   HIS B N   1 
ATOM   1296 C CA  . HIS B 1 69 ? -1.360  19.570  -6.358  1.00 28.76 ? 69   HIS B CA  1 
ATOM   1297 C C   . HIS B 1 69 ? -1.924  19.880  -4.976  1.00 26.28 ? 69   HIS B C   1 
ATOM   1298 O O   . HIS B 1 69 ? -1.605  19.215  -3.995  1.00 24.71 ? 69   HIS B O   1 
ATOM   1299 C CB  . HIS B 1 69 ? -1.952  18.266  -6.891  1.00 31.21 ? 69   HIS B CB  1 
ATOM   1300 C CG  . HIS B 1 69 ? -1.430  17.884  -8.239  1.00 33.41 ? 69   HIS B CG  1 
ATOM   1301 N ND1 . HIS B 1 69 ? -1.986  18.345  -9.413  1.00 36.74 ? 69   HIS B ND1 1 
ATOM   1302 C CD2 . HIS B 1 69 ? -0.376  17.116  -8.601  1.00 33.78 ? 69   HIS B CD2 1 
ATOM   1303 C CE1 . HIS B 1 69 ? -1.300  17.875  -10.438 1.00 35.91 ? 69   HIS B CE1 1 
ATOM   1304 N NE2 . HIS B 1 69 ? -0.317  17.126  -9.973  1.00 34.80 ? 69   HIS B NE2 1 
ATOM   1305 N N   . LYS B 1 70 ? -2.773  20.894  -4.910  1.00 24.82 ? 70   LYS B N   1 
ATOM   1306 C CA  . LYS B 1 70 ? -3.373  21.288  -3.651  1.00 26.19 ? 70   LYS B CA  1 
ATOM   1307 C C   . LYS B 1 70 ? -4.733  20.648  -3.445  1.00 25.40 ? 70   LYS B C   1 
ATOM   1308 O O   . LYS B 1 70 ? -5.667  20.874  -4.213  1.00 26.27 ? 70   LYS B O   1 
ATOM   1309 C CB  . LYS B 1 70 ? -3.514  22.810  -3.584  1.00 27.67 ? 70   LYS B CB  1 
ATOM   1310 C CG  . LYS B 1 70 ? -2.195  23.565  -3.637  1.00 29.72 ? 70   LYS B CG  1 
ATOM   1311 C CD  . LYS B 1 70 ? -2.444  25.054  -3.819  1.00 32.53 ? 70   LYS B CD  1 
ATOM   1312 C CE  . LYS B 1 70 ? -1.148  25.837  -3.763  1.00 33.71 ? 70   LYS B CE  1 
ATOM   1313 N NZ  . LYS B 1 70 ? -0.499  25.703  -2.435  1.00 36.98 ? 70   LYS B NZ  1 
ATOM   1314 N N   . VAL B 1 71 ? -4.838  19.841  -2.399  1.00 22.71 ? 71   VAL B N   1 
ATOM   1315 C CA  . VAL B 1 71 ? -6.095  19.198  -2.065  1.00 22.19 ? 71   VAL B CA  1 
ATOM   1316 C C   . VAL B 1 71 ? -6.326  19.284  -0.564  1.00 21.31 ? 71   VAL B C   1 
ATOM   1317 O O   . VAL B 1 71 ? -5.506  19.837  0.164   1.00 20.40 ? 71   VAL B O   1 
ATOM   1318 C CB  . VAL B 1 71 ? -6.110  17.730  -2.514  1.00 23.70 ? 71   VAL B CB  1 
ATOM   1319 C CG1 . VAL B 1 71 ? -6.054  17.670  -4.039  1.00 25.33 ? 71   VAL B CG1 1 
ATOM   1320 C CG2 . VAL B 1 71 ? -4.941  16.983  -1.908  1.00 23.44 ? 71   VAL B CG2 1 
ATOM   1321 N N   . ILE B 1 72 ? -7.449  18.750  -0.104  1.00 20.90 ? 72   ILE B N   1 
ATOM   1322 C CA  . ILE B 1 72 ? -7.771  18.784  1.315   1.00 21.60 ? 72   ILE B CA  1 
ATOM   1323 C C   . ILE B 1 72 ? -8.413  17.463  1.693   1.00 21.18 ? 72   ILE B C   1 
ATOM   1324 O O   . ILE B 1 72 ? -9.175  16.891  0.915   1.00 22.57 ? 72   ILE B O   1 
ATOM   1325 C CB  . ILE B 1 72 ? -8.771  19.909  1.617   1.00 22.93 ? 72   ILE B CB  1 
ATOM   1326 C CG1 . ILE B 1 72 ? -8.884  20.133  3.122   1.00 21.13 ? 72   ILE B CG1 1 
ATOM   1327 C CG2 . ILE B 1 72 ? -10.140 19.529  1.075   1.00 24.71 ? 72   ILE B CG2 1 
ATOM   1328 C CD1 . ILE B 1 72 ? -9.858  21.236  3.480   1.00 23.33 ? 72   ILE B CD1 1 
ATOM   1329 N N   . GLY B 1 73 ? -8.113  16.977  2.885   1.00 19.35 ? 73   GLY B N   1 
ATOM   1330 C CA  . GLY B 1 73 ? -8.705  15.728  3.304   1.00 17.72 ? 73   GLY B CA  1 
ATOM   1331 C C   . GLY B 1 73 ? -8.335  15.352  4.718   1.00 17.96 ? 73   GLY B C   1 
ATOM   1332 O O   . GLY B 1 73 ? -7.661  16.097  5.426   1.00 16.46 ? 73   GLY B O   1 
ATOM   1333 N N   . THR B 1 74 ? -8.799  14.179  5.122   1.00 18.77 ? 74   THR B N   1 
ATOM   1334 C CA  . THR B 1 74 ? -8.530  13.649  6.440   1.00 18.46 ? 74   THR B CA  1 
ATOM   1335 C C   . THR B 1 74 ? -7.108  13.132  6.452   1.00 18.88 ? 74   THR B C   1 
ATOM   1336 O O   . THR B 1 74 ? -6.671  12.450  5.519   1.00 17.26 ? 74   THR B O   1 
ATOM   1337 C CB  . THR B 1 74 ? -9.507  12.503  6.768   1.00 20.38 ? 74   THR B CB  1 
ATOM   1338 O OG1 . THR B 1 74 ? -10.844 13.025  6.786   1.00 22.86 ? 74   THR B OG1 1 
ATOM   1339 C CG2 . THR B 1 74 ? -9.188  11.876  8.109   1.00 17.27 ? 74   THR B CG2 1 
ATOM   1340 N N   . VAL B 1 75 ? -6.388  13.474  7.512   1.00 17.33 ? 75   VAL B N   1 
ATOM   1341 C CA  . VAL B 1 75 ? -5.009  13.056  7.674   1.00 16.52 ? 75   VAL B CA  1 
ATOM   1342 C C   . VAL B 1 75 ? -4.843  12.480  9.074   1.00 16.26 ? 75   VAL B C   1 
ATOM   1343 O O   . VAL B 1 75 ? -5.287  13.079  10.051  1.00 19.66 ? 75   VAL B O   1 
ATOM   1344 C CB  . VAL B 1 75 ? -4.050  14.269  7.496   1.00 17.26 ? 75   VAL B CB  1 
ATOM   1345 C CG1 . VAL B 1 75 ? -2.603  13.844  7.720   1.00 15.66 ? 75   VAL B CG1 1 
ATOM   1346 C CG2 . VAL B 1 75 ? -4.213  14.849  6.094   1.00 17.88 ? 75   VAL B CG2 1 
ATOM   1347 N N   . LEU B 1 76 ? -4.220  11.312  9.173   1.00 16.18 ? 76   LEU B N   1 
ATOM   1348 C CA  . LEU B 1 76 ? -3.984  10.690  10.474  1.00 15.59 ? 76   LEU B CA  1 
ATOM   1349 C C   . LEU B 1 76 ? -2.536  10.965  10.872  1.00 16.76 ? 76   LEU B C   1 
ATOM   1350 O O   . LEU B 1 76 ? -1.660  11.070  10.021  1.00 15.49 ? 76   LEU B O   1 
ATOM   1351 C CB  . LEU B 1 76 ? -4.210  9.175   10.400  1.00 16.21 ? 76   LEU B CB  1 
ATOM   1352 C CG  . LEU B 1 76 ? -5.474  8.657   9.703   1.00 17.11 ? 76   LEU B CG  1 
ATOM   1353 C CD1 . LEU B 1 76 ? -5.484  7.136   9.733   1.00 17.75 ? 76   LEU B CD1 1 
ATOM   1354 C CD2 . LEU B 1 76 ? -6.719  9.208   10.390  1.00 17.53 ? 76   LEU B CD2 1 
ATOM   1355 N N   . VAL B 1 77 ? -2.284  11.087  12.168  1.00 16.10 ? 77   VAL B N   1 
ATOM   1356 C CA  . VAL B 1 77 ? -0.932  11.318  12.647  1.00 17.59 ? 77   VAL B CA  1 
ATOM   1357 C C   . VAL B 1 77 ? -0.724  10.298  13.757  1.00 19.13 ? 77   VAL B C   1 
ATOM   1358 O O   . VAL B 1 77 ? -1.502  10.233  14.700  1.00 19.51 ? 77   VAL B O   1 
ATOM   1359 C CB  . VAL B 1 77 ? -0.767  12.752  13.209  1.00 17.99 ? 77   VAL B CB  1 
ATOM   1360 C CG1 . VAL B 1 77 ? 0.679   12.986  13.620  1.00 18.54 ? 77   VAL B CG1 1 
ATOM   1361 C CG2 . VAL B 1 77 ? -1.195  13.779  12.159  1.00 16.05 ? 77   VAL B CG2 1 
ATOM   1362 N N   . GLY B 1 78 ? 0.310   9.482   13.627  1.00 20.05 ? 78   GLY B N   1 
ATOM   1363 C CA  . GLY B 1 78 ? 0.565   8.477   14.637  1.00 20.95 ? 78   GLY B CA  1 
ATOM   1364 C C   . GLY B 1 78 ? 1.771   7.661   14.249  1.00 21.70 ? 78   GLY B C   1 
ATOM   1365 O O   . GLY B 1 78 ? 2.356   7.902   13.200  1.00 20.54 ? 78   GLY B O   1 
ATOM   1366 N N   . PRO B 1 79 ? 2.165   6.686   15.078  1.00 23.34 ? 79   PRO B N   1 
ATOM   1367 C CA  . PRO B 1 79 ? 3.323   5.843   14.796  1.00 24.28 ? 79   PRO B CA  1 
ATOM   1368 C C   . PRO B 1 79 ? 3.229   5.112   13.463  1.00 25.18 ? 79   PRO B C   1 
ATOM   1369 O O   . PRO B 1 79 ? 2.276   4.388   13.202  1.00 26.81 ? 79   PRO B O   1 
ATOM   1370 C CB  . PRO B 1 79 ? 3.342   4.874   15.974  1.00 25.01 ? 79   PRO B CB  1 
ATOM   1371 C CG  . PRO B 1 79 ? 2.741   5.684   17.094  1.00 25.68 ? 79   PRO B CG  1 
ATOM   1372 C CD  . PRO B 1 79 ? 1.587   6.369   16.396  1.00 24.16 ? 79   PRO B CD  1 
ATOM   1373 N N   . THR B 1 80 ? 4.216   5.326   12.611  1.00 23.90 ? 80   THR B N   1 
ATOM   1374 C CA  . THR B 1 80 ? 4.263   4.641   11.340  1.00 23.36 ? 80   THR B CA  1 
ATOM   1375 C C   . THR B 1 80 ? 5.683   4.680   10.841  1.00 24.11 ? 80   THR B C   1 
ATOM   1376 O O   . THR B 1 80 ? 6.369   5.698   10.943  1.00 24.13 ? 80   THR B O   1 
ATOM   1377 C CB  . THR B 1 80 ? 3.319   5.270   10.275  1.00 23.41 ? 80   THR B CB  1 
ATOM   1378 O OG1 . THR B 1 80 ? 3.481   4.568   9.035   1.00 22.54 ? 80   THR B OG1 1 
ATOM   1379 C CG2 . THR B 1 80 ? 3.641   6.741   10.059  1.00 22.57 ? 80   THR B CG2 1 
ATOM   1380 N N   . PRO B 1 81 ? 6.162   3.553   10.321  1.00 24.39 ? 81   PRO B N   1 
ATOM   1381 C CA  . PRO B 1 81 ? 7.518   3.447   9.793   1.00 25.06 ? 81   PRO B CA  1 
ATOM   1382 C C   . PRO B 1 81 ? 7.682   4.197   8.474   1.00 24.63 ? 81   PRO B C   1 
ATOM   1383 O O   . PRO B 1 81 ? 8.793   4.334   7.967   1.00 26.05 ? 81   PRO B O   1 
ATOM   1384 C CB  . PRO B 1 81 ? 7.712   1.941   9.651   1.00 25.86 ? 81   PRO B CB  1 
ATOM   1385 C CG  . PRO B 1 81 ? 6.315   1.444   9.416   1.00 25.49 ? 81   PRO B CG  1 
ATOM   1386 C CD  . PRO B 1 81 ? 5.502   2.236   10.371  1.00 26.35 ? 81   PRO B CD  1 
ATOM   1387 N N   . ALA B 1 82 ? 6.575   4.682   7.915   1.00 23.26 ? 82   ALA B N   1 
ATOM   1388 C CA  . ALA B 1 82 ? 6.632   5.437   6.663   1.00 20.64 ? 82   ALA B CA  1 
ATOM   1389 C C   . ALA B 1 82 ? 5.398   6.309   6.452   1.00 20.03 ? 82   ALA B C   1 
ATOM   1390 O O   . ALA B 1 82 ? 4.273   5.874   6.701   1.00 19.28 ? 82   ALA B O   1 
ATOM   1391 C CB  . ALA B 1 82 ? 6.799   4.484   5.478   1.00 24.10 ? 82   ALA B CB  1 
ATOM   1392 N N   . ASN B 1 83 ? 5.608   7.543   5.999   1.00 16.75 ? 83   ASN B N   1 
ATOM   1393 C CA  . ASN B 1 83 ? 4.487   8.431   5.728   1.00 16.41 ? 83   ASN B CA  1 
ATOM   1394 C C   . ASN B 1 83 ? 3.776   7.856   4.510   1.00 15.57 ? 83   ASN B C   1 
ATOM   1395 O O   . ASN B 1 83 ? 4.416   7.458   3.536   1.00 14.99 ? 83   ASN B O   1 
ATOM   1396 C CB  . ASN B 1 83 ? 4.971   9.852   5.439   1.00 16.33 ? 83   ASN B CB  1 
ATOM   1397 C CG  . ASN B 1 83 ? 5.675   10.472  6.632   1.00 18.28 ? 83   ASN B CG  1 
ATOM   1398 O OD1 . ASN B 1 83 ? 5.344   10.166  7.775   1.00 17.18 ? 83   ASN B OD1 1 
ATOM   1399 N ND2 . ASN B 1 83 ? 6.639   11.354  6.373   1.00 17.38 ? 83   ASN B ND2 1 
ATOM   1400 N N   . VAL B 1 84 ? 2.454   7.815   4.569   1.00 15.26 ? 84   VAL B N   1 
ATOM   1401 C CA  . VAL B 1 84 ? 1.677   7.242   3.485   1.00 16.30 ? 84   VAL B CA  1 
ATOM   1402 C C   . VAL B 1 84 ? 0.503   8.088   2.996   1.00 14.42 ? 84   VAL B C   1 
ATOM   1403 O O   . VAL B 1 84 ? -0.277  8.593   3.790   1.00 13.77 ? 84   VAL B O   1 
ATOM   1404 C CB  . VAL B 1 84 ? 1.135   5.852   3.916   1.00 16.86 ? 84   VAL B CB  1 
ATOM   1405 C CG1 . VAL B 1 84 ? -0.091  5.483   3.107   1.00 17.58 ? 84   VAL B CG1 1 
ATOM   1406 C CG2 . VAL B 1 84 ? 2.229   4.808   3.748   1.00 16.70 ? 84   VAL B CG2 1 
ATOM   1407 N N   . ILE B 1 85 ? 0.395   8.241   1.678   1.00 15.70 ? 85   ILE B N   1 
ATOM   1408 C CA  . ILE B 1 85 ? -0.727  8.967   1.083   1.00 13.41 ? 85   ILE B CA  1 
ATOM   1409 C C   . ILE B 1 85 ? -1.685  7.865   0.592   1.00 12.50 ? 85   ILE B C   1 
ATOM   1410 O O   . ILE B 1 85 ? -1.368  7.123   -0.344  1.00 13.82 ? 85   ILE B O   1 
ATOM   1411 C CB  . ILE B 1 85 ? -0.264  9.848   -0.106  1.00 16.99 ? 85   ILE B CB  1 
ATOM   1412 C CG1 . ILE B 1 85 ? 0.677   10.945  0.402   1.00 17.23 ? 85   ILE B CG1 1 
ATOM   1413 C CG2 . ILE B 1 85 ? -1.468  10.481  -0.787  1.00 15.86 ? 85   ILE B CG2 1 
ATOM   1414 C CD1 . ILE B 1 85 ? 1.421   11.658  -0.700  1.00 24.01 ? 85   ILE B CD1 1 
ATOM   1415 N N   . GLY B 1 86 ? -2.844  7.752   1.238   1.00 12.59 ? 86   GLY B N   1 
ATOM   1416 C CA  . GLY B 1 86 ? -3.815  6.724   0.873   1.00 11.98 ? 86   GLY B CA  1 
ATOM   1417 C C   . GLY B 1 86 ? -4.801  7.105   -0.213  1.00 11.57 ? 86   GLY B C   1 
ATOM   1418 O O   . GLY B 1 86 ? -4.763  8.213   -0.743  1.00 10.94 ? 86   GLY B O   1 
ATOM   1419 N N   . ARG B 1 87 ? -5.708  6.185   -0.528  1.00 11.40 ? 87   ARG B N   1 
ATOM   1420 C CA  . ARG B 1 87 ? -6.702  6.406   -1.573  1.00 12.15 ? 87   ARG B CA  1 
ATOM   1421 C C   . ARG B 1 87 ? -7.598  7.625   -1.350  1.00 14.66 ? 87   ARG B C   1 
ATOM   1422 O O   . ARG B 1 87 ? -8.086  8.212   -2.317  1.00 13.18 ? 87   ARG B O   1 
ATOM   1423 C CB  . ARG B 1 87 ? -7.582  5.151   -1.749  1.00 11.41 ? 87   ARG B CB  1 
ATOM   1424 C CG  . ARG B 1 87 ? -6.814  3.910   -2.261  1.00 11.28 ? 87   ARG B CG  1 
ATOM   1425 C CD  . ARG B 1 87 ? -7.748  2.712   -2.600  1.00 12.01 ? 87   ARG B CD  1 
ATOM   1426 N NE  . ARG B 1 87 ? -8.493  2.260   -1.426  1.00 15.68 ? 87   ARG B NE  1 
ATOM   1427 C CZ  . ARG B 1 87 ? -9.748  2.606   -1.137  1.00 17.22 ? 87   ARG B CZ  1 
ATOM   1428 N NH1 . ARG B 1 87 ? -10.437 3.402   -1.943  1.00 20.69 ? 87   ARG B NH1 1 
ATOM   1429 N NH2 . ARG B 1 87 ? -10.295 2.198   -0.003  1.00 19.05 ? 87   ARG B NH2 1 
ATOM   1430 N N   . ASN B 1 88 ? -7.827  8.003   -0.089  1.00 14.12 ? 88   ASN B N   1 
ATOM   1431 C CA  . ASN B 1 88 ? -8.684  9.159   0.198   1.00 14.38 ? 88   ASN B CA  1 
ATOM   1432 C C   . ASN B 1 88 ? -8.127  10.453  -0.402  1.00 15.06 ? 88   ASN B C   1 
ATOM   1433 O O   . ASN B 1 88 ? -8.874  11.393  -0.639  1.00 15.49 ? 88   ASN B O   1 
ATOM   1434 C CB  . ASN B 1 88 ? -8.875  9.343   1.710   1.00 15.31 ? 88   ASN B CB  1 
ATOM   1435 C CG  . ASN B 1 88 ? -7.635  9.888   2.388   1.00 16.38 ? 88   ASN B CG  1 
ATOM   1436 O OD1 . ASN B 1 88 ? -6.567  9.286   2.316   1.00 14.53 ? 88   ASN B OD1 1 
ATOM   1437 N ND2 . ASN B 1 88 ? -7.770  11.037  3.046   1.00 15.41 ? 88   ASN B ND2 1 
ATOM   1438 N N   . LEU B 1 89 ? -6.824  10.512  -0.653  1.00 15.69 ? 89   LEU B N   1 
ATOM   1439 C CA  . LEU B 1 89 ? -6.246  11.717  -1.248  1.00 16.05 ? 89   LEU B CA  1 
ATOM   1440 C C   . LEU B 1 89 ? -5.786  11.480  -2.680  1.00 14.96 ? 89   LEU B C   1 
ATOM   1441 O O   . LEU B 1 89 ? -5.727  12.416  -3.472  1.00 15.17 ? 89   LEU B O   1 
ATOM   1442 C CB  . LEU B 1 89 ? -5.068  12.244  -0.423  1.00 13.73 ? 89   LEU B CB  1 
ATOM   1443 C CG  . LEU B 1 89 ? -5.400  12.798  0.960   1.00 16.44 ? 89   LEU B CG  1 
ATOM   1444 C CD1 . LEU B 1 89 ? -4.106  13.183  1.662   1.00 16.69 ? 89   LEU B CD1 1 
ATOM   1445 C CD2 . LEU B 1 89 ? -6.319  14.001  0.839   1.00 17.87 ? 89   LEU B CD2 1 
ATOM   1446 N N   . MET B 1 90 ? -5.441  10.240  -3.013  1.00 15.79 ? 90   MET B N   1 
ATOM   1447 C CA  . MET B 1 90 ? -5.014  9.946   -4.377  1.00 16.52 ? 90   MET B CA  1 
ATOM   1448 C C   . MET B 1 90 ? -6.155  10.158  -5.367  1.00 16.76 ? 90   MET B C   1 
ATOM   1449 O O   . MET B 1 90 ? -5.916  10.541  -6.508  1.00 19.50 ? 90   MET B O   1 
ATOM   1450 C CB  . MET B 1 90 ? -4.466  8.518   -4.486  1.00 17.06 ? 90   MET B CB  1 
ATOM   1451 C CG  . MET B 1 90 ? -3.029  8.407   -3.977  1.00 17.72 ? 90   MET B CG  1 
ATOM   1452 S SD  . MET B 1 90 ? -2.326  6.759   -4.226  1.00 20.42 ? 90   MET B SD  1 
ATOM   1453 C CE  . MET B 1 90 ? -2.720  5.981   -2.662  1.00 20.58 ? 90   MET B CE  1 
ATOM   1454 N N   . THR B 1 91 ? -7.392  9.924   -4.934  1.00 16.33 ? 91   THR B N   1 
ATOM   1455 C CA  . THR B 1 91 ? -8.533  10.147  -5.815  1.00 18.42 ? 91   THR B CA  1 
ATOM   1456 C C   . THR B 1 91 ? -8.662  11.637  -6.123  1.00 17.40 ? 91   THR B C   1 
ATOM   1457 O O   . THR B 1 91 ? -9.112  12.011  -7.201  1.00 17.87 ? 91   THR B O   1 
ATOM   1458 C CB  . THR B 1 91 ? -9.872  9.664   -5.187  1.00 19.12 ? 91   THR B CB  1 
ATOM   1459 O OG1 . THR B 1 91 ? -10.033 10.249  -3.895  1.00 20.58 ? 91   THR B OG1 1 
ATOM   1460 C CG2 . THR B 1 91 ? -9.890  8.148   -5.061  1.00 18.98 ? 91   THR B CG2 1 
ATOM   1461 N N   . GLN B 1 92 ? -8.254  12.484  -5.183  1.00 18.02 ? 92   GLN B N   1 
ATOM   1462 C CA  . GLN B 1 92 ? -8.354  13.926  -5.385  1.00 19.76 ? 92   GLN B CA  1 
ATOM   1463 C C   . GLN B 1 92 ? -7.322  14.491  -6.357  1.00 19.91 ? 92   GLN B C   1 
ATOM   1464 O O   . GLN B 1 92 ? -7.504  15.586  -6.882  1.00 18.05 ? 92   GLN B O   1 
ATOM   1465 C CB  . GLN B 1 92 ? -8.266  14.662  -4.051  1.00 23.18 ? 92   GLN B CB  1 
ATOM   1466 C CG  . GLN B 1 92 ? -9.509  14.517  -3.184  1.00 26.38 ? 92   GLN B CG  1 
ATOM   1467 C CD  . GLN B 1 92 ? -9.425  15.350  -1.922  1.00 30.18 ? 92   GLN B CD  1 
ATOM   1468 O OE1 . GLN B 1 92 ? -9.399  16.587  -1.977  1.00 32.02 ? 92   GLN B OE1 1 
ATOM   1469 N NE2 . GLN B 1 92 ? -9.379  14.681  -0.775  1.00 29.73 ? 92   GLN B NE2 1 
ATOM   1470 N N   . ILE B 1 93 ? -6.229  13.772  -6.590  1.00 19.36 ? 93   ILE B N   1 
ATOM   1471 C CA  . ILE B 1 93 ? -5.263  14.267  -7.562  1.00 20.99 ? 93   ILE B CA  1 
ATOM   1472 C C   . ILE B 1 93 ? -5.427  13.479  -8.857  1.00 20.25 ? 93   ILE B C   1 
ATOM   1473 O O   . ILE B 1 93 ? -4.624  13.606  -9.775  1.00 21.92 ? 93   ILE B O   1 
ATOM   1474 C CB  . ILE B 1 93 ? -3.800  14.178  -7.063  1.00 21.48 ? 93   ILE B CB  1 
ATOM   1475 C CG1 . ILE B 1 93 ? -3.376  12.728  -6.859  1.00 21.34 ? 93   ILE B CG1 1 
ATOM   1476 C CG2 . ILE B 1 93 ? -3.659  14.953  -5.778  1.00 22.20 ? 93   ILE B CG2 1 
ATOM   1477 C CD1 . ILE B 1 93 ? -1.874  12.574  -6.648  1.00 21.19 ? 93   ILE B CD1 1 
ATOM   1478 N N   . GLY B 1 94 ? -6.493  12.685  -8.917  1.00 19.47 ? 94   GLY B N   1 
ATOM   1479 C CA  . GLY B 1 94 ? -6.796  11.886  -10.094 1.00 19.78 ? 94   GLY B CA  1 
ATOM   1480 C C   . GLY B 1 94 ? -5.803  10.782  -10.413 1.00 20.49 ? 94   GLY B C   1 
ATOM   1481 O O   . GLY B 1 94 ? -5.611  10.448  -11.583 1.00 19.43 ? 94   GLY B O   1 
ATOM   1482 N N   . CYS B 1 95 ? -5.187  10.209  -9.379  1.00 18.82 ? 95   CYS B N   1 
ATOM   1483 C CA  . CYS B 1 95 ? -4.201  9.143   -9.549  1.00 18.65 ? 95   CYS B CA  1 
ATOM   1484 C C   . CYS B 1 95 ? -4.860  7.808   -9.891  1.00 18.51 ? 95   CYS B C   1 
ATOM   1485 O O   . CYS B 1 95 ? -5.806  7.388   -9.221  1.00 18.24 ? 95   CYS B O   1 
ATOM   1486 C CB  . CYS B 1 95 ? -3.374  8.994   -8.264  1.00 21.64 ? 95   CYS B CB  1 
ATOM   1487 S SG  . CYS B 1 95 ? -1.900  7.956   -8.440  1.00 27.40 ? 95   CYS B SG  1 
ATOM   1488 N N   . THR B 1 96 ? -4.357  7.135   -10.928 1.00 16.85 ? 96   THR B N   1 
ATOM   1489 C CA  . THR B 1 96 ? -4.906  5.842   -11.342 1.00 17.32 ? 96   THR B CA  1 
ATOM   1490 C C   . THR B 1 96 ? -3.821  4.783   -11.530 1.00 16.26 ? 96   THR B C   1 
ATOM   1491 O O   . THR B 1 96 ? -2.648  5.110   -11.719 1.00 15.93 ? 96   THR B O   1 
ATOM   1492 C CB  . THR B 1 96 ? -5.664  5.949   -12.700 1.00 17.97 ? 96   THR B CB  1 
ATOM   1493 O OG1 . THR B 1 96 ? -4.763  6.428   -13.715 1.00 19.92 ? 96   THR B OG1 1 
ATOM   1494 C CG2 . THR B 1 96 ? -6.849  6.899   -12.582 1.00 19.59 ? 96   THR B CG2 1 
ATOM   1495 N N   . LEU B 1 97 ? -4.223  3.516   -11.470 1.00 15.69 ? 97   LEU B N   1 
ATOM   1496 C CA  . LEU B 1 97 ? -3.305  2.410   -11.697 1.00 16.46 ? 97   LEU B CA  1 
ATOM   1497 C C   . LEU B 1 97 ? -3.538  1.996   -13.145 1.00 18.16 ? 97   LEU B C   1 
ATOM   1498 O O   . LEU B 1 97 ? -4.666  2.036   -13.623 1.00 17.94 ? 97   LEU B O   1 
ATOM   1499 C CB  . LEU B 1 97 ? -3.614  1.241   -10.761 1.00 16.45 ? 97   LEU B CB  1 
ATOM   1500 C CG  . LEU B 1 97 ? -2.960  1.300   -9.385  1.00 13.99 ? 97   LEU B CG  1 
ATOM   1501 C CD1 . LEU B 1 97 ? -3.495  0.170   -8.507  1.00 16.55 ? 97   LEU B CD1 1 
ATOM   1502 C CD2 . LEU B 1 97 ? -1.431  1.156   -9.549  1.00 16.94 ? 97   LEU B CD2 1 
ATOM   1503 N N   . ASN B 1 98 ? -2.479  1.590   -13.837 1.00 19.04 ? 98   ASN B N   1 
ATOM   1504 C CA  . ASN B 1 98 ? -2.592  1.215   -15.238 1.00 19.57 ? 98   ASN B CA  1 
ATOM   1505 C C   . ASN B 1 98 ? -1.694  0.042   -15.608 1.00 19.45 ? 98   ASN B C   1 
ATOM   1506 O O   . ASN B 1 98 ? -0.549  -0.029  -15.159 1.00 16.93 ? 98   ASN B O   1 
ATOM   1507 C CB  . ASN B 1 98 ? -2.222  2.413   -16.125 1.00 21.32 ? 98   ASN B CB  1 
ATOM   1508 C CG  . ASN B 1 98 ? -3.219  3.577   -16.014 1.00 24.06 ? 98   ASN B CG  1 
ATOM   1509 O OD1 . ASN B 1 98 ? -3.859  3.945   -16.993 1.00 28.98 ? 98   ASN B OD1 1 
ATOM   1510 N ND2 . ASN B 1 98 ? -3.342  4.151   -14.833 1.00 25.61 ? 98   ASN B ND2 1 
ATOM   1511 N N   . PHE B 1 99 ? -2.231  -0.888  -16.402 1.00 18.69 ? 99   PHE B N   1 
ATOM   1512 C CA  . PHE B 1 99 ? -1.454  -2.028  -16.898 1.00 20.84 ? 99   PHE B CA  1 
ATOM   1513 C C   . PHE B 1 99 ? -2.196  -2.777  -18.014 1.00 22.64 ? 99   PHE B C   1 
ATOM   1514 O O   . PHE B 1 99 ? -1.793  -3.909  -18.361 1.00 24.14 ? 99   PHE B O   1 
ATOM   1515 C CB  . PHE B 1 99 ? -1.084  -2.992  -15.757 1.00 19.94 ? 99   PHE B CB  1 
ATOM   1516 C CG  . PHE B 1 99 ? -2.255  -3.719  -15.156 1.00 23.19 ? 99   PHE B CG  1 
ATOM   1517 C CD1 . PHE B 1 99 ? -2.975  -3.164  -14.109 1.00 22.48 ? 99   PHE B CD1 1 
ATOM   1518 C CD2 . PHE B 1 99 ? -2.630  -4.970  -15.637 1.00 23.16 ? 99   PHE B CD2 1 
ATOM   1519 C CE1 . PHE B 1 99 ? -4.047  -3.842  -13.550 1.00 24.63 ? 99   PHE B CE1 1 
ATOM   1520 C CE2 . PHE B 1 99 ? -3.700  -5.652  -15.084 1.00 24.98 ? 99   PHE B CE2 1 
ATOM   1521 C CZ  . PHE B 1 99 ? -4.411  -5.087  -14.035 1.00 24.42 ? 99   PHE B CZ  1 
ATOM   1522 O OXT . PHE B 1 99 ? -3.171  -2.206  -18.549 1.00 23.27 ? 99   PHE B OXT 1 
HETATM 1523 N N1  . MK1 C 2 .  ? 4.909   0.343   5.097   1.00 31.79 ? 2632 MK1 B N1  1 
HETATM 1524 C C1  . MK1 C 2 .  ? 4.584   -1.111  5.078   1.00 31.83 ? 2632 MK1 B C1  1 
HETATM 1525 C C2  . MK1 C 2 .  ? 3.735   -1.596  3.892   1.00 29.06 ? 2632 MK1 B C2  1 
HETATM 1526 C C3  . MK1 C 2 .  ? 3.511   -3.098  4.068   1.00 32.28 ? 2632 MK1 B C3  1 
HETATM 1527 O O1  . MK1 C 2 .  ? 2.587   -3.508  4.797   1.00 31.05 ? 2632 MK1 B O1  1 
HETATM 1528 N N2  . MK1 C 2 .  ? 4.345   -3.920  3.397   1.00 29.31 ? 2632 MK1 B N2  1 
HETATM 1529 C C4  . MK1 C 2 .  ? 4.313   -5.479  3.395   1.00 29.47 ? 2632 MK1 B C4  1 
HETATM 1530 C C5  . MK1 C 2 .  ? 5.449   -6.057  2.497   1.00 28.99 ? 2632 MK1 B C5  1 
HETATM 1531 C C6  . MK1 C 2 .  ? 3.089   -6.081  2.659   1.00 28.92 ? 2632 MK1 B C6  1 
HETATM 1532 C C7  . MK1 C 2 .  ? 4.457   -6.061  4.907   1.00 29.92 ? 2632 MK1 B C7  1 
HETATM 1533 N N3  . MK1 C 2 .  ? 2.476   -0.792  3.857   1.00 28.65 ? 2632 MK1 B N3  1 
HETATM 1534 C C8  . MK1 C 2 .  ? 2.681   0.687   3.952   1.00 27.15 ? 2632 MK1 B C8  1 
HETATM 1535 C C9  . MK1 C 2 .  ? 3.615   1.101   5.123   1.00 30.21 ? 2632 MK1 B C9  1 
HETATM 1536 C C10 . MK1 C 2 .  ? 1.603   -1.154  2.715   1.00 29.63 ? 2632 MK1 B C10 1 
HETATM 1537 C C11 . MK1 C 2 .  ? 0.124   -1.044  3.032   1.00 29.28 ? 2632 MK1 B C11 1 
HETATM 1538 O O2  . MK1 C 2 .  ? -0.582  -0.582  1.875   1.00 27.93 ? 2632 MK1 B O2  1 
HETATM 1539 C C12 . MK1 C 2 .  ? -0.579  -2.353  3.437   1.00 29.45 ? 2632 MK1 B C12 1 
HETATM 1540 C C13 . MK1 C 2 .  ? -2.066  -2.249  3.759   1.00 29.76 ? 2632 MK1 B C13 1 
HETATM 1541 C C14 . MK1 C 2 .  ? -2.508  -3.704  4.021   1.00 28.51 ? 2632 MK1 B C14 1 
HETATM 1542 C C15 . MK1 C 2 .  ? -3.976  -3.837  4.317   1.00 28.50 ? 2632 MK1 B C15 1 
HETATM 1543 C C16 . MK1 C 2 .  ? -4.978  -3.507  3.354   1.00 28.58 ? 2632 MK1 B C16 1 
HETATM 1544 C C17 . MK1 C 2 .  ? -6.355  -3.645  3.692   1.00 30.30 ? 2632 MK1 B C17 1 
HETATM 1545 C C18 . MK1 C 2 .  ? -6.728  -4.112  4.989   1.00 28.91 ? 2632 MK1 B C18 1 
HETATM 1546 C C19 . MK1 C 2 .  ? -5.732  -4.438  5.940   1.00 29.59 ? 2632 MK1 B C19 1 
HETATM 1547 C C20 . MK1 C 2 .  ? -4.361  -4.303  5.611   1.00 28.36 ? 2632 MK1 B C20 1 
HETATM 1548 C C21 . MK1 C 2 .  ? -2.332  -1.336  4.985   1.00 29.81 ? 2632 MK1 B C21 1 
HETATM 1549 O O3  . MK1 C 2 .  ? -1.485  -1.125  5.849   1.00 35.62 ? 2632 MK1 B O3  1 
HETATM 1550 N N4  . MK1 C 2 .  ? -3.550  -0.810  5.035   1.00 31.29 ? 2632 MK1 B N4  1 
HETATM 1551 C C22 . MK1 C 2 .  ? -4.059  0.092   6.079   1.00 27.33 ? 2632 MK1 B C22 1 
HETATM 1552 C C23 . MK1 C 2 .  ? -5.548  0.429   5.808   1.00 27.41 ? 2632 MK1 B C23 1 
HETATM 1553 O O4  . MK1 C 2 .  ? -5.821  0.457   4.406   1.00 21.85 ? 2632 MK1 B O4  1 
HETATM 1554 C C24 . MK1 C 2 .  ? -5.771  1.694   6.611   1.00 27.26 ? 2632 MK1 B C24 1 
HETATM 1555 C C25 . MK1 C 2 .  ? -4.554  2.561   6.500   1.00 26.72 ? 2632 MK1 B C25 1 
HETATM 1556 C C26 . MK1 C 2 .  ? -4.292  3.933   6.633   1.00 27.27 ? 2632 MK1 B C26 1 
HETATM 1557 C C27 . MK1 C 2 .  ? -2.963  4.382   6.443   1.00 29.03 ? 2632 MK1 B C27 1 
HETATM 1558 C C28 . MK1 C 2 .  ? -1.904  3.474   6.124   1.00 27.01 ? 2632 MK1 B C28 1 
HETATM 1559 C C29 . MK1 C 2 .  ? -2.140  2.074   5.983   1.00 28.40 ? 2632 MK1 B C29 1 
HETATM 1560 C C30 . MK1 C 2 .  ? -3.435  1.512   6.153   1.00 26.55 ? 2632 MK1 B C30 1 
HETATM 1561 C C31 . MK1 C 2 .  ? 5.868   0.705   6.184   1.00 33.42 ? 2632 MK1 B C31 1 
HETATM 1562 C C32 . MK1 C 2 .  ? 7.308   0.050   6.306   1.00 36.04 ? 2632 MK1 B C32 1 
HETATM 1563 C C33 . MK1 C 2 .  ? 8.334   0.323   5.393   1.00 36.86 ? 2632 MK1 B C33 1 
HETATM 1564 N N5  . MK1 C 2 .  ? 9.689   -0.281  5.487   1.00 39.74 ? 2632 MK1 B N5  1 
HETATM 1565 C C34 . MK1 C 2 .  ? 9.870   -1.175  6.595   1.00 39.44 ? 2632 MK1 B C34 1 
HETATM 1566 C C35 . MK1 C 2 .  ? 8.863   -1.464  7.519   1.00 38.76 ? 2632 MK1 B C35 1 
HETATM 1567 C C36 . MK1 C 2 .  ? 7.585   -0.852  7.373   1.00 37.85 ? 2632 MK1 B C36 1 
HETATM 1568 O O   . HOH D 3 .  ? -14.184 5.323   -11.098 1.00 17.43 ? 100  HOH A O   1 
HETATM 1569 O O   . HOH D 3 .  ? 6.466   0.639   -2.132  1.00 14.39 ? 101  HOH A O   1 
HETATM 1570 O O   . HOH D 3 .  ? -11.641 1.605   -11.784 1.00 11.69 ? 102  HOH A O   1 
HETATM 1571 O O   . HOH D 3 .  ? 7.239   -11.008 -1.971  1.00 17.17 ? 103  HOH A O   1 
HETATM 1572 O O   . HOH D 3 .  ? 1.913   -21.367 -8.394  1.00 18.40 ? 104  HOH A O   1 
HETATM 1573 O O   . HOH D 3 .  ? 9.977   -11.267 -6.724  1.00 18.33 ? 105  HOH A O   1 
HETATM 1574 O O   . HOH D 3 .  ? -9.236  -21.965 -4.634  1.00 19.00 ? 106  HOH A O   1 
HETATM 1575 O O   . HOH D 3 .  ? -6.141  -16.005 1.261   1.00 19.68 ? 107  HOH A O   1 
HETATM 1576 O O   . HOH D 3 .  ? -1.676  -22.007 -10.707 1.00 21.71 ? 108  HOH A O   1 
HETATM 1577 O O   . HOH D 3 .  ? -9.199  -14.033 -1.543  1.00 18.73 ? 109  HOH A O   1 
HETATM 1578 O O   . HOH D 3 .  ? 9.843   -9.835  -2.765  1.00 24.20 ? 110  HOH A O   1 
HETATM 1579 O O   . HOH D 3 .  ? 0.996   1.246   -17.540 1.00 23.69 ? 111  HOH A O   1 
HETATM 1580 O O   . HOH D 3 .  ? 11.611  -20.982 -1.702  1.00 22.47 ? 112  HOH A O   1 
HETATM 1581 O O   . HOH D 3 .  ? -9.792  0.454   -7.366  1.00 22.45 ? 113  HOH A O   1 
HETATM 1582 O O   . HOH D 3 .  ? 3.115   -15.839 12.179  1.00 29.48 ? 114  HOH A O   1 
HETATM 1583 O O   . HOH D 3 .  ? -10.897 -9.220  -7.732  1.00 20.12 ? 115  HOH A O   1 
HETATM 1584 O O   . HOH D 3 .  ? -9.491  -9.206  -11.431 1.00 20.17 ? 116  HOH A O   1 
HETATM 1585 O O   . HOH D 3 .  ? 5.879   -25.699 1.487   1.00 27.28 ? 117  HOH A O   1 
HETATM 1586 O O   . HOH D 3 .  ? -7.554  -10.107 0.782   1.00 31.07 ? 118  HOH A O   1 
HETATM 1587 O O   . HOH D 3 .  ? 13.091  -12.368 -3.764  1.00 23.99 ? 119  HOH A O   1 
HETATM 1588 O O   . HOH D 3 .  ? -10.183 -3.383  -9.108  1.00 31.05 ? 120  HOH A O   1 
HETATM 1589 O O   . HOH D 3 .  ? -12.559 2.833   -8.318  1.00 27.33 ? 121  HOH A O   1 
HETATM 1590 O O   . HOH D 3 .  ? 2.508   -17.892 -14.182 1.00 28.11 ? 122  HOH A O   1 
HETATM 1591 O O   . HOH D 3 .  ? -7.219  -2.838  -21.260 1.00 35.87 ? 123  HOH A O   1 
HETATM 1592 O O   . HOH D 3 .  ? 3.230   -19.102 7.212   1.00 33.66 ? 124  HOH A O   1 
HETATM 1593 O O   . HOH D 3 .  ? -13.035 -3.022  -4.233  1.00 27.36 ? 125  HOH A O   1 
HETATM 1594 O O   . HOH D 3 .  ? 9.198   -23.662 -2.723  1.00 31.86 ? 126  HOH A O   1 
HETATM 1595 O O   . HOH D 3 .  ? 2.480   -22.876 2.243   1.00 31.63 ? 127  HOH A O   1 
HETATM 1596 O O   . HOH D 3 .  ? -10.076 -6.394  -11.085 1.00 26.53 ? 128  HOH A O   1 
HETATM 1597 O O   . HOH D 3 .  ? 3.106   -14.780 -18.938 1.00 32.16 ? 129  HOH A O   1 
HETATM 1598 O O   . HOH D 3 .  ? 1.536   -25.759 1.773   1.00 41.38 ? 130  HOH A O   1 
HETATM 1599 O O   . HOH D 3 .  ? -9.262  -24.202 -6.743  1.00 34.65 ? 131  HOH A O   1 
HETATM 1600 O O   . HOH D 3 .  ? -10.850 -1.207  -15.047 1.00 32.67 ? 132  HOH A O   1 
HETATM 1601 O O   . HOH D 3 .  ? -0.060  -14.104 -19.403 1.00 30.99 ? 133  HOH A O   1 
HETATM 1602 O O   . HOH D 3 .  ? 11.561  -15.340 -6.572  1.00 20.92 ? 134  HOH A O   1 
HETATM 1603 O O   . HOH D 3 .  ? 10.190  -4.706  -4.368  1.00 37.58 ? 135  HOH A O   1 
HETATM 1604 O O   . HOH D 3 .  ? 4.424   -6.634  15.882  1.00 27.49 ? 136  HOH A O   1 
HETATM 1605 O O   . HOH D 3 .  ? -5.859  -19.364 -16.311 1.00 36.17 ? 137  HOH A O   1 
HETATM 1606 O O   . HOH D 3 .  ? -4.809  -23.702 1.562   1.00 44.95 ? 138  HOH A O   1 
HETATM 1607 O O   . HOH D 3 .  ? -3.626  -11.547 -20.105 1.00 48.32 ? 139  HOH A O   1 
HETATM 1608 O O   . HOH E 3 .  ? 6.591   -2.488  2.126   1.00 12.89 ? 2633 HOH B O   1 
HETATM 1609 O O   . HOH E 3 .  ? 11.151  2.857   -14.769 1.00 19.85 ? 2634 HOH B O   1 
HETATM 1610 O O   . HOH E 3 .  ? -6.689  0.211   -0.898  1.00 16.35 ? 2635 HOH B O   1 
HETATM 1611 O O   . HOH E 3 .  ? 7.547   12.701  8.963   1.00 20.50 ? 2636 HOH B O   1 
HETATM 1612 O O   . HOH E 3 .  ? -6.837  9.713   6.003   1.00 18.10 ? 2637 HOH B O   1 
HETATM 1613 O O   . HOH E 3 .  ? 13.368  2.104   -2.998  1.00 28.20 ? 2638 HOH B O   1 
HETATM 1614 O O   . HOH E 3 .  ? -8.448  7.514   -8.661  1.00 17.35 ? 2639 HOH B O   1 
HETATM 1615 O O   . HOH E 3 .  ? 6.158   -0.601  -12.812 1.00 15.33 ? 2640 HOH B O   1 
HETATM 1616 O O   . HOH E 3 .  ? 0.805   -2.287  6.874   1.00 14.72 ? 2641 HOH B O   1 
HETATM 1617 O O   . HOH E 3 .  ? -2.112  22.152  6.023   1.00 11.84 ? 2642 HOH B O   1 
HETATM 1618 O O   . HOH E 3 .  ? -10.467 12.487  3.139   1.00 24.37 ? 2643 HOH B O   1 
HETATM 1619 O O   . HOH E 3 .  ? 8.954   6.325   -12.562 1.00 14.62 ? 2644 HOH B O   1 
HETATM 1620 O O   . HOH E 3 .  ? 9.546   21.178  7.010   1.00 22.53 ? 2645 HOH B O   1 
HETATM 1621 O O   . HOH E 3 .  ? -8.110  20.242  13.392  1.00 23.36 ? 2646 HOH B O   1 
HETATM 1622 O O   . HOH E 3 .  ? 1.139   24.023  3.942   1.00 21.88 ? 2647 HOH B O   1 
HETATM 1623 O O   . HOH E 3 .  ? 8.135   4.517   -8.010  1.00 23.61 ? 2648 HOH B O   1 
HETATM 1624 O O   . HOH E 3 .  ? -4.703  8.973   -14.206 1.00 21.06 ? 2649 HOH B O   1 
HETATM 1625 O O   . HOH E 3 .  ? -9.586  8.862   5.642   1.00 27.58 ? 2650 HOH B O   1 
HETATM 1626 O O   . HOH E 3 .  ? 8.179   8.171   5.387   1.00 25.83 ? 2651 HOH B O   1 
HETATM 1627 O O   . HOH E 3 .  ? -11.554 15.646  5.959   1.00 19.35 ? 2652 HOH B O   1 
HETATM 1628 O O   . HOH E 3 .  ? 9.865   13.029  5.151   1.00 27.05 ? 2653 HOH B O   1 
HETATM 1629 O O   . HOH E 3 .  ? -0.496  17.324  15.636  1.00 23.84 ? 2654 HOH B O   1 
HETATM 1630 O O   . HOH E 3 .  ? 5.713   11.097  -16.853 1.00 27.28 ? 2655 HOH B O   1 
HETATM 1631 O O   . HOH E 3 .  ? 3.772   23.072  16.271  1.00 30.30 ? 2656 HOH B O   1 
HETATM 1632 O O   . HOH E 3 .  ? 7.483   14.740  -5.657  1.00 22.17 ? 2657 HOH B O   1 
HETATM 1633 O O   . HOH E 3 .  ? 7.363   4.982   14.078  1.00 30.86 ? 2658 HOH B O   1 
HETATM 1634 O O   . HOH E 3 .  ? 9.588   12.682  -2.675  1.00 28.69 ? 2659 HOH B O   1 
HETATM 1635 O O   . HOH E 3 .  ? -10.186 17.510  13.056  1.00 24.11 ? 2660 HOH B O   1 
HETATM 1636 O O   . HOH E 3 .  ? 10.113  5.575   10.700  1.00 33.29 ? 2661 HOH B O   1 
HETATM 1637 O O   . HOH E 3 .  ? 12.382  -3.405  -7.306  1.00 40.66 ? 2662 HOH B O   1 
HETATM 1638 O O   . HOH E 3 .  ? 6.456   26.580  5.216   1.00 26.64 ? 2663 HOH B O   1 
HETATM 1639 O O   . HOH E 3 .  ? 12.550  13.216  3.617   1.00 36.57 ? 2664 HOH B O   1 
HETATM 1640 O O   . HOH E 3 .  ? 15.360  11.989  1.429   1.00 41.70 ? 2665 HOH B O   1 
HETATM 1641 O O   . HOH E 3 .  ? 7.791   12.076  -7.043  1.00 36.59 ? 2666 HOH B O   1 
HETATM 1642 O O   . HOH E 3 .  ? -4.333  22.369  -0.400  1.00 24.19 ? 2667 HOH B O   1 
HETATM 1643 O O   . HOH E 3 .  ? 9.069   24.231  6.571   1.00 35.11 ? 2668 HOH B O   1 
HETATM 1644 O O   . HOH E 3 .  ? 11.879  6.040   -4.450  1.00 33.80 ? 2669 HOH B O   1 
HETATM 1645 O O   . HOH E 3 .  ? -3.814  19.614  17.349  1.00 23.93 ? 2670 HOH B O   1 
HETATM 1646 O O   . HOH E 3 .  ? 13.900  -0.875  -5.367  1.00 40.79 ? 2671 HOH B O   1 
HETATM 1647 O O   . HOH E 3 .  ? -10.056 14.042  -9.329  1.00 41.28 ? 2672 HOH B O   1 
HETATM 1648 O O   . HOH E 3 .  ? -10.178 -2.014  3.441   1.00 39.90 ? 2673 HOH B O   1 
HETATM 1649 O O   . HOH E 3 .  ? 6.288   0.942   2.683   1.00 40.55 ? 2674 HOH B O   1 
HETATM 1650 O O   . HOH E 3 .  ? 1.825   16.608  -11.688 1.00 43.30 ? 2675 HOH B O   1 
HETATM 1651 O O   . HOH E 3 .  ? -11.908 8.342   14.663  1.00 32.24 ? 2676 HOH B O   1 
HETATM 1652 O O   . HOH E 3 .  ? -14.257 15.645  7.202   1.00 31.45 ? 2677 HOH B O   1 
HETATM 1653 O O   . HOH E 3 .  ? -7.320  -1.072  1.719   1.00 28.82 ? 2678 HOH B O   1 
HETATM 1654 O O   . HOH E 3 .  ? 2.995   1.835   13.332  1.00 25.93 ? 2679 HOH B O   1 
HETATM 1655 O O   . HOH E 3 .  ? 12.238  17.882  6.008   1.00 41.79 ? 2680 HOH B O   1 
HETATM 1656 O O   . HOH E 3 .  ? -3.763  20.708  -9.073  1.00 41.37 ? 2681 HOH B O   1 
HETATM 1657 O O   . HOH E 3 .  ? -7.803  0.398   9.430   1.00 40.38 ? 2682 HOH B O   1 
HETATM 1658 O O   . HOH E 3 .  ? -14.426 10.011  13.438  1.00 34.96 ? 2683 HOH B O   1 
HETATM 1659 O O   . HOH E 3 .  ? 6.446   18.577  -5.082  1.00 35.18 ? 2684 HOH B O   1 
HETATM 1660 O O   . HOH E 3 .  ? -9.117  17.264  20.339  1.00 33.73 ? 2685 HOH B O   1 
HETATM 1661 O O   . HOH E 3 .  ? -2.384  23.027  -6.721  1.00 33.22 ? 2686 HOH B O   1 
HETATM 1662 O O   . HOH E 3 .  ? 10.386  3.118   -10.689 1.00 23.43 ? 2687 HOH B O   1 
# 
